data_3KKP
# 
_entry.id   3KKP 
# 
_audit_conform.dict_name       mmcif_pdbx.dic 
_audit_conform.dict_version    5.380 
_audit_conform.dict_location   http://mmcif.pdb.org/dictionaries/ascii/mmcif_pdbx.dic 
# 
loop_
_database_2.database_id 
_database_2.database_code 
_database_2.pdbx_database_accession 
_database_2.pdbx_DOI 
PDB   3KKP         pdb_00003kkp 10.2210/pdb3kkp/pdb 
RCSB  RCSB056112   ?            ?                   
WWPDB D_1000056112 ?            ?                   
# 
loop_
_pdbx_database_related.db_name 
_pdbx_database_related.db_id 
_pdbx_database_related.details 
_pdbx_database_related.content_type 
PDB 1X1S . unspecified 
PDB 1X1R . unspecified 
PDB 3KKM . unspecified 
PDB 3KKN . unspecified 
PDB 3KKO . unspecified 
PDB 3KKQ . unspecified 
# 
_pdbx_database_status.status_code                     REL 
_pdbx_database_status.entry_id                        3KKP 
_pdbx_database_status.recvd_initial_deposition_date   2009-11-06 
_pdbx_database_status.deposit_site                    RCSB 
_pdbx_database_status.process_site                    PDBJ 
_pdbx_database_status.status_code_sf                  REL 
_pdbx_database_status.status_code_mr                  ? 
_pdbx_database_status.SG_entry                        ? 
_pdbx_database_status.status_code_cs                  ? 
_pdbx_database_status.pdb_format_compatible           Y 
_pdbx_database_status.status_code_nmr_data            ? 
_pdbx_database_status.methods_development_category    ? 
# 
loop_
_audit_author.name 
_audit_author.pdbx_ordinal 
'Muraoka, S.'   1 
'Shima, F.'     2 
'Liao, J.'      3 
'Ijiri, Y.'     4 
'Matsumoto, K.' 5 
'Ye, M.'        6 
'Inoue, T.'     7 
'Kataoka, T.'   8 
# 
_citation.id                        primary 
_citation.title                     'Structural basis for conformational dynamics of GTP-bound Ras protein' 
_citation.journal_abbrev            J.Biol.Chem. 
_citation.journal_volume            285 
_citation.page_first                22696 
_citation.page_last                 22705 
_citation.year                      2010 
_citation.journal_id_ASTM           JBCHA3 
_citation.country                   US 
_citation.journal_id_ISSN           0021-9258 
_citation.journal_id_CSD            0071 
_citation.book_publisher            ? 
_citation.pdbx_database_id_PubMed   20479006 
_citation.pdbx_database_id_DOI      10.1074/jbc.M110.125161 
# 
loop_
_citation_author.citation_id 
_citation_author.name 
_citation_author.ordinal 
_citation_author.identifier_ORCID 
primary 'Shima, F.'     1  ? 
primary 'Ijiri, Y.'     2  ? 
primary 'Muraoka, S.'   3  ? 
primary 'Liao, J.'      4  ? 
primary 'Ye, M.'        5  ? 
primary 'Araki, M.'     6  ? 
primary 'Matsumoto, K.' 7  ? 
primary 'Yamamoto, N.'  8  ? 
primary 'Sugimoto, T.'  9  ? 
primary 'Yoshikawa, Y.' 10 ? 
primary 'Kumasaka, T.'  11 ? 
primary 'Yamamoto, M.'  12 ? 
primary 'Tamura, A.'    13 ? 
primary 'Kataoka, T.'   14 ? 
# 
_cell.entry_id           3KKP 
_cell.length_a           33.720 
_cell.length_b           65.705 
_cell.length_c           74.077 
_cell.angle_alpha        90.00 
_cell.angle_beta         95.02 
_cell.angle_gamma        90.00 
_cell.Z_PDB              4 
_cell.pdbx_unique_axis   ? 
_cell.length_a_esd       ? 
_cell.length_b_esd       ? 
_cell.length_c_esd       ? 
_cell.angle_alpha_esd    ? 
_cell.angle_beta_esd     ? 
_cell.angle_gamma_esd    ? 
# 
_symmetry.entry_id                         3KKP 
_symmetry.space_group_name_H-M             'C 1 2 1' 
_symmetry.pdbx_full_space_group_name_H-M   ? 
_symmetry.cell_setting                     ? 
_symmetry.Int_Tables_number                5 
_symmetry.space_group_name_Hall            ? 
# 
loop_
_entity.id 
_entity.type 
_entity.src_method 
_entity.pdbx_description 
_entity.formula_weight 
_entity.pdbx_number_of_molecules 
_entity.pdbx_ec 
_entity.pdbx_mutation 
_entity.pdbx_fragment 
_entity.details 
1 polymer     man 'Ras-related protein M-Ras'                   20854.705 1   ? P40D 'G domain, UNP residues 1-178' ? 
2 non-polymer syn 'PHOSPHOAMINOPHOSPHONIC ACID-GUANYLATE ESTER' 522.196   1   ? ?    ?                              ? 
3 non-polymer syn 'MAGNESIUM ION'                               24.305    1   ? ?    ?                              ? 
4 water       nat water                                         18.015    178 ? ?    ?                              ? 
# 
_entity_name_com.entity_id   1 
_entity_name_com.name        'Ras-related protein R-Ras3, Muscle and microspikes Ras, X-Ras' 
# 
_entity_poly.entity_id                      1 
_entity_poly.type                           'polypeptide(L)' 
_entity_poly.nstd_linkage                   no 
_entity_poly.nstd_monomer                   no 
_entity_poly.pdbx_seq_one_letter_code       
;GPLGSMATSAVPSENLPTYKLVVVGDGGVGKSALTIQFFQKIFVDDYDPTIEDSYLKHTEIDNQWAILDVLDTAGQEEFS
AMREQYMRTGDGFLIVYSVTDKASFEHVDRFHQLILRVKDRESFPMILVANKVDLMHLRKVTRDQGKEMATKYNIPYIET
SAKDPPLNVDKTFHDLVRVIRQQ
;
_entity_poly.pdbx_seq_one_letter_code_can   
;GPLGSMATSAVPSENLPTYKLVVVGDGGVGKSALTIQFFQKIFVDDYDPTIEDSYLKHTEIDNQWAILDVLDTAGQEEFS
AMREQYMRTGDGFLIVYSVTDKASFEHVDRFHQLILRVKDRESFPMILVANKVDLMHLRKVTRDQGKEMATKYNIPYIET
SAKDPPLNVDKTFHDLVRVIRQQ
;
_entity_poly.pdbx_strand_id                 A 
_entity_poly.pdbx_target_identifier         ? 
# 
loop_
_entity_poly_seq.entity_id 
_entity_poly_seq.num 
_entity_poly_seq.mon_id 
_entity_poly_seq.hetero 
1 1   GLY n 
1 2   PRO n 
1 3   LEU n 
1 4   GLY n 
1 5   SER n 
1 6   MET n 
1 7   ALA n 
1 8   THR n 
1 9   SER n 
1 10  ALA n 
1 11  VAL n 
1 12  PRO n 
1 13  SER n 
1 14  GLU n 
1 15  ASN n 
1 16  LEU n 
1 17  PRO n 
1 18  THR n 
1 19  TYR n 
1 20  LYS n 
1 21  LEU n 
1 22  VAL n 
1 23  VAL n 
1 24  VAL n 
1 25  GLY n 
1 26  ASP n 
1 27  GLY n 
1 28  GLY n 
1 29  VAL n 
1 30  GLY n 
1 31  LYS n 
1 32  SER n 
1 33  ALA n 
1 34  LEU n 
1 35  THR n 
1 36  ILE n 
1 37  GLN n 
1 38  PHE n 
1 39  PHE n 
1 40  GLN n 
1 41  LYS n 
1 42  ILE n 
1 43  PHE n 
1 44  VAL n 
1 45  ASP n 
1 46  ASP n 
1 47  TYR n 
1 48  ASP n 
1 49  PRO n 
1 50  THR n 
1 51  ILE n 
1 52  GLU n 
1 53  ASP n 
1 54  SER n 
1 55  TYR n 
1 56  LEU n 
1 57  LYS n 
1 58  HIS n 
1 59  THR n 
1 60  GLU n 
1 61  ILE n 
1 62  ASP n 
1 63  ASN n 
1 64  GLN n 
1 65  TRP n 
1 66  ALA n 
1 67  ILE n 
1 68  LEU n 
1 69  ASP n 
1 70  VAL n 
1 71  LEU n 
1 72  ASP n 
1 73  THR n 
1 74  ALA n 
1 75  GLY n 
1 76  GLN n 
1 77  GLU n 
1 78  GLU n 
1 79  PHE n 
1 80  SER n 
1 81  ALA n 
1 82  MET n 
1 83  ARG n 
1 84  GLU n 
1 85  GLN n 
1 86  TYR n 
1 87  MET n 
1 88  ARG n 
1 89  THR n 
1 90  GLY n 
1 91  ASP n 
1 92  GLY n 
1 93  PHE n 
1 94  LEU n 
1 95  ILE n 
1 96  VAL n 
1 97  TYR n 
1 98  SER n 
1 99  VAL n 
1 100 THR n 
1 101 ASP n 
1 102 LYS n 
1 103 ALA n 
1 104 SER n 
1 105 PHE n 
1 106 GLU n 
1 107 HIS n 
1 108 VAL n 
1 109 ASP n 
1 110 ARG n 
1 111 PHE n 
1 112 HIS n 
1 113 GLN n 
1 114 LEU n 
1 115 ILE n 
1 116 LEU n 
1 117 ARG n 
1 118 VAL n 
1 119 LYS n 
1 120 ASP n 
1 121 ARG n 
1 122 GLU n 
1 123 SER n 
1 124 PHE n 
1 125 PRO n 
1 126 MET n 
1 127 ILE n 
1 128 LEU n 
1 129 VAL n 
1 130 ALA n 
1 131 ASN n 
1 132 LYS n 
1 133 VAL n 
1 134 ASP n 
1 135 LEU n 
1 136 MET n 
1 137 HIS n 
1 138 LEU n 
1 139 ARG n 
1 140 LYS n 
1 141 VAL n 
1 142 THR n 
1 143 ARG n 
1 144 ASP n 
1 145 GLN n 
1 146 GLY n 
1 147 LYS n 
1 148 GLU n 
1 149 MET n 
1 150 ALA n 
1 151 THR n 
1 152 LYS n 
1 153 TYR n 
1 154 ASN n 
1 155 ILE n 
1 156 PRO n 
1 157 TYR n 
1 158 ILE n 
1 159 GLU n 
1 160 THR n 
1 161 SER n 
1 162 ALA n 
1 163 LYS n 
1 164 ASP n 
1 165 PRO n 
1 166 PRO n 
1 167 LEU n 
1 168 ASN n 
1 169 VAL n 
1 170 ASP n 
1 171 LYS n 
1 172 THR n 
1 173 PHE n 
1 174 HIS n 
1 175 ASP n 
1 176 LEU n 
1 177 VAL n 
1 178 ARG n 
1 179 VAL n 
1 180 ILE n 
1 181 ARG n 
1 182 GLN n 
1 183 GLN n 
# 
_entity_src_gen.entity_id                          1 
_entity_src_gen.pdbx_src_id                        1 
_entity_src_gen.pdbx_alt_source_flag               sample 
_entity_src_gen.pdbx_seq_type                      ? 
_entity_src_gen.pdbx_beg_seq_num                   ? 
_entity_src_gen.pdbx_end_seq_num                   ? 
_entity_src_gen.gene_src_common_name               mouse 
_entity_src_gen.gene_src_genus                     ? 
_entity_src_gen.pdbx_gene_src_gene                 ? 
_entity_src_gen.gene_src_species                   ? 
_entity_src_gen.gene_src_strain                    ? 
_entity_src_gen.gene_src_tissue                    ? 
_entity_src_gen.gene_src_tissue_fraction           ? 
_entity_src_gen.gene_src_details                   ? 
_entity_src_gen.pdbx_gene_src_fragment             ? 
_entity_src_gen.pdbx_gene_src_scientific_name      'Mus musculus' 
_entity_src_gen.pdbx_gene_src_ncbi_taxonomy_id     10090 
_entity_src_gen.pdbx_gene_src_variant              ? 
_entity_src_gen.pdbx_gene_src_cell_line            ? 
_entity_src_gen.pdbx_gene_src_atcc                 ? 
_entity_src_gen.pdbx_gene_src_organ                ? 
_entity_src_gen.pdbx_gene_src_organelle            ? 
_entity_src_gen.pdbx_gene_src_cell                 ? 
_entity_src_gen.pdbx_gene_src_cellular_location    ? 
_entity_src_gen.host_org_common_name               ? 
_entity_src_gen.pdbx_host_org_scientific_name      'Escherichia coli' 
_entity_src_gen.pdbx_host_org_ncbi_taxonomy_id     562 
_entity_src_gen.host_org_genus                     ? 
_entity_src_gen.pdbx_host_org_gene                 ? 
_entity_src_gen.pdbx_host_org_organ                ? 
_entity_src_gen.host_org_species                   ? 
_entity_src_gen.pdbx_host_org_tissue               ? 
_entity_src_gen.pdbx_host_org_tissue_fraction      ? 
_entity_src_gen.pdbx_host_org_strain               AG-1 
_entity_src_gen.pdbx_host_org_variant              ? 
_entity_src_gen.pdbx_host_org_cell_line            ? 
_entity_src_gen.pdbx_host_org_atcc                 ? 
_entity_src_gen.pdbx_host_org_culture_collection   ? 
_entity_src_gen.pdbx_host_org_cell                 ? 
_entity_src_gen.pdbx_host_org_organelle            ? 
_entity_src_gen.pdbx_host_org_cellular_location    ? 
_entity_src_gen.pdbx_host_org_vector_type          Plasmid 
_entity_src_gen.pdbx_host_org_vector               ? 
_entity_src_gen.host_org_details                   ? 
_entity_src_gen.expression_system_id               ? 
_entity_src_gen.plasmid_name                       pGEX-6P-1 
_entity_src_gen.plasmid_details                    ? 
_entity_src_gen.pdbx_description                   ? 
# 
_struct_ref.id                         1 
_struct_ref.db_name                    UNP 
_struct_ref.db_code                    RASM_MOUSE 
_struct_ref.pdbx_db_accession          O08989 
_struct_ref.entity_id                  1 
_struct_ref.pdbx_seq_one_letter_code   
;MATSAVPSENLPTYKLVVVGDGGVGKSALTIQFFQKIFVPDYDPTIEDSYLKHTEIDNQWAILDVLDTAGQEEFSAMREQ
YMRTGDGFLIVYSVTDKASFEHVDRFHQLILRVKDRESFPMILVANKVDLMHLRKVTRDQGKEMATKYNIPYIETSAKDP
PLNVDKTFHDLVRVIRQQ
;
_struct_ref.pdbx_align_begin           1 
_struct_ref.pdbx_db_isoform            ? 
# 
_struct_ref_seq.align_id                      1 
_struct_ref_seq.ref_id                        1 
_struct_ref_seq.pdbx_PDB_id_code              3KKP 
_struct_ref_seq.pdbx_strand_id                A 
_struct_ref_seq.seq_align_beg                 6 
_struct_ref_seq.pdbx_seq_align_beg_ins_code   ? 
_struct_ref_seq.seq_align_end                 183 
_struct_ref_seq.pdbx_seq_align_end_ins_code   ? 
_struct_ref_seq.pdbx_db_accession             O08989 
_struct_ref_seq.db_align_beg                  1 
_struct_ref_seq.pdbx_db_align_beg_ins_code    ? 
_struct_ref_seq.db_align_end                  178 
_struct_ref_seq.pdbx_db_align_end_ins_code    ? 
_struct_ref_seq.pdbx_auth_seq_align_beg       1 
_struct_ref_seq.pdbx_auth_seq_align_end       178 
# 
loop_
_struct_ref_seq_dif.align_id 
_struct_ref_seq_dif.pdbx_pdb_id_code 
_struct_ref_seq_dif.mon_id 
_struct_ref_seq_dif.pdbx_pdb_strand_id 
_struct_ref_seq_dif.seq_num 
_struct_ref_seq_dif.pdbx_pdb_ins_code 
_struct_ref_seq_dif.pdbx_seq_db_name 
_struct_ref_seq_dif.pdbx_seq_db_accession_code 
_struct_ref_seq_dif.db_mon_id 
_struct_ref_seq_dif.pdbx_seq_db_seq_num 
_struct_ref_seq_dif.details 
_struct_ref_seq_dif.pdbx_auth_seq_num 
_struct_ref_seq_dif.pdbx_ordinal 
1 3KKP GLY A 1  ? UNP O08989 ?   ?  'expression tag'      -4 1 
1 3KKP PRO A 2  ? UNP O08989 ?   ?  'expression tag'      -3 2 
1 3KKP LEU A 3  ? UNP O08989 ?   ?  'expression tag'      -2 3 
1 3KKP GLY A 4  ? UNP O08989 ?   ?  'expression tag'      -1 4 
1 3KKP SER A 5  ? UNP O08989 ?   ?  'expression tag'      0  5 
1 3KKP ASP A 45 ? UNP O08989 PRO 40 'engineered mutation' 40 6 
# 
loop_
_chem_comp.id 
_chem_comp.type 
_chem_comp.mon_nstd_flag 
_chem_comp.name 
_chem_comp.pdbx_synonyms 
_chem_comp.formula 
_chem_comp.formula_weight 
ALA 'L-peptide linking' y ALANINE                                       ? 'C3 H7 N O2'        89.093  
ARG 'L-peptide linking' y ARGININE                                      ? 'C6 H15 N4 O2 1'    175.209 
ASN 'L-peptide linking' y ASPARAGINE                                    ? 'C4 H8 N2 O3'       132.118 
ASP 'L-peptide linking' y 'ASPARTIC ACID'                               ? 'C4 H7 N O4'        133.103 
GLN 'L-peptide linking' y GLUTAMINE                                     ? 'C5 H10 N2 O3'      146.144 
GLU 'L-peptide linking' y 'GLUTAMIC ACID'                               ? 'C5 H9 N O4'        147.129 
GLY 'peptide linking'   y GLYCINE                                       ? 'C2 H5 N O2'        75.067  
GNP non-polymer         . 'PHOSPHOAMINOPHOSPHONIC ACID-GUANYLATE ESTER' ? 'C10 H17 N6 O13 P3' 522.196 
HIS 'L-peptide linking' y HISTIDINE                                     ? 'C6 H10 N3 O2 1'    156.162 
HOH non-polymer         . WATER                                         ? 'H2 O'              18.015  
ILE 'L-peptide linking' y ISOLEUCINE                                    ? 'C6 H13 N O2'       131.173 
LEU 'L-peptide linking' y LEUCINE                                       ? 'C6 H13 N O2'       131.173 
LYS 'L-peptide linking' y LYSINE                                        ? 'C6 H15 N2 O2 1'    147.195 
MET 'L-peptide linking' y METHIONINE                                    ? 'C5 H11 N O2 S'     149.211 
MG  non-polymer         . 'MAGNESIUM ION'                               ? 'Mg 2'              24.305  
PHE 'L-peptide linking' y PHENYLALANINE                                 ? 'C9 H11 N O2'       165.189 
PRO 'L-peptide linking' y PROLINE                                       ? 'C5 H9 N O2'        115.130 
SER 'L-peptide linking' y SERINE                                        ? 'C3 H7 N O3'        105.093 
THR 'L-peptide linking' y THREONINE                                     ? 'C4 H9 N O3'        119.119 
TRP 'L-peptide linking' y TRYPTOPHAN                                    ? 'C11 H12 N2 O2'     204.225 
TYR 'L-peptide linking' y TYROSINE                                      ? 'C9 H11 N O3'       181.189 
VAL 'L-peptide linking' y VALINE                                        ? 'C5 H11 N O2'       117.146 
# 
_exptl.entry_id          3KKP 
_exptl.method            'X-RAY DIFFRACTION' 
_exptl.crystals_number   1 
# 
_exptl_crystal.id                    1 
_exptl_crystal.density_meas          ? 
_exptl_crystal.density_Matthews      1.96 
_exptl_crystal.density_percent_sol   37.24 
_exptl_crystal.description           ? 
_exptl_crystal.F_000                 ? 
_exptl_crystal.preparation           ? 
# 
_exptl_crystal_grow.crystal_id      1 
_exptl_crystal_grow.method          'VAPOR DIFFUSION, SITTING DROP' 
_exptl_crystal_grow.temp            293 
_exptl_crystal_grow.temp_details    ? 
_exptl_crystal_grow.pH              6.5 
_exptl_crystal_grow.pdbx_details    
'PEG-1500, magnesium sulfate, sodium cacodylate, pH 6.5, VAPOR DIFFUSION, SITTING DROP, temperature 293K' 
_exptl_crystal_grow.pdbx_pH_range   . 
# 
_diffrn.id                     1 
_diffrn.ambient_temp           100 
_diffrn.ambient_temp_details   ? 
_diffrn.crystal_id             1 
# 
_diffrn_detector.diffrn_id              1 
_diffrn_detector.detector               CCD 
_diffrn_detector.type                   'ADSC QUANTUM 315' 
_diffrn_detector.pdbx_collection_date   2005-09-23 
_diffrn_detector.details                mirrors 
# 
_diffrn_radiation.diffrn_id                        1 
_diffrn_radiation.wavelength_id                    1 
_diffrn_radiation.pdbx_monochromatic_or_laue_m_l   M 
_diffrn_radiation.monochromator                    'Si(111)' 
_diffrn_radiation.pdbx_diffrn_protocol             'SINGLE WAVELENGTH' 
_diffrn_radiation.pdbx_scattering_type             x-ray 
# 
_diffrn_radiation_wavelength.id           1 
_diffrn_radiation_wavelength.wavelength   1.0 
_diffrn_radiation_wavelength.wt           1.0 
# 
_diffrn_source.diffrn_id                   1 
_diffrn_source.source                      SYNCHROTRON 
_diffrn_source.type                        'SPRING-8 BEAMLINE BL41XU' 
_diffrn_source.pdbx_synchrotron_site       SPring-8 
_diffrn_source.pdbx_synchrotron_beamline   BL41XU 
_diffrn_source.pdbx_wavelength             ? 
_diffrn_source.pdbx_wavelength_list        1.0 
# 
_reflns.entry_id                     3KKP 
_reflns.observed_criterion_sigma_I   0.0 
_reflns.observed_criterion_sigma_F   0.0 
_reflns.d_resolution_low             36.89 
_reflns.d_resolution_high            1.35 
_reflns.number_obs                   33462 
_reflns.number_all                   33462 
_reflns.percent_possible_obs         94.9 
_reflns.pdbx_Rmerge_I_obs            0.045 
_reflns.pdbx_Rsym_value              0.045 
_reflns.pdbx_netI_over_sigmaI        11.1 
_reflns.B_iso_Wilson_estimate        ? 
_reflns.pdbx_redundancy              3.7 
_reflns.R_free_details               ? 
_reflns.limit_h_max                  ? 
_reflns.limit_h_min                  ? 
_reflns.limit_k_max                  ? 
_reflns.limit_k_min                  ? 
_reflns.limit_l_max                  ? 
_reflns.limit_l_min                  ? 
_reflns.observed_criterion_F_max     ? 
_reflns.observed_criterion_F_min     ? 
_reflns.pdbx_chi_squared             ? 
_reflns.pdbx_scaling_rejects         ? 
_reflns.pdbx_ordinal                 1 
_reflns.pdbx_diffrn_id               1 
# 
_reflns_shell.d_res_high             1.35 
_reflns_shell.d_res_low              1.42 
_reflns_shell.percent_possible_all   92.8 
_reflns_shell.Rmerge_I_obs           0.268 
_reflns_shell.pdbx_Rsym_value        0.268 
_reflns_shell.meanI_over_sigI_obs    2.4 
_reflns_shell.pdbx_redundancy        3.7 
_reflns_shell.percent_possible_obs   ? 
_reflns_shell.number_unique_all      4768 
_reflns_shell.number_measured_all    ? 
_reflns_shell.number_measured_obs    ? 
_reflns_shell.number_unique_obs      ? 
_reflns_shell.pdbx_chi_squared       ? 
_reflns_shell.pdbx_ordinal           1 
_reflns_shell.pdbx_diffrn_id         1 
# 
_refine.entry_id                                 3KKP 
_refine.ls_number_reflns_obs                     31764 
_refine.ls_number_reflns_all                     31764 
_refine.pdbx_ls_sigma_I                          ? 
_refine.pdbx_ls_sigma_F                          ? 
_refine.pdbx_data_cutoff_high_absF               ? 
_refine.pdbx_data_cutoff_low_absF                ? 
_refine.pdbx_data_cutoff_high_rms_absF           ? 
_refine.ls_d_res_low                             27.00 
_refine.ls_d_res_high                            1.35 
_refine.ls_percent_reflns_obs                    94.71 
_refine.ls_R_factor_obs                          0.18227 
_refine.ls_R_factor_all                          0.18227 
_refine.ls_R_factor_R_work                       0.18157 
_refine.ls_R_factor_R_free                       0.19514 
_refine.ls_R_factor_R_free_error                 ? 
_refine.ls_R_factor_R_free_error_details         ? 
_refine.ls_percent_reflns_R_free                 5.1 
_refine.ls_number_reflns_R_free                  1694 
_refine.ls_number_parameters                     ? 
_refine.ls_number_restraints                     ? 
_refine.occupancy_min                            ? 
_refine.occupancy_max                            ? 
_refine.correlation_coeff_Fo_to_Fc               0.958 
_refine.correlation_coeff_Fo_to_Fc_free          0.953 
_refine.B_iso_mean                               13.573 
_refine.aniso_B[1][1]                            0.00 
_refine.aniso_B[2][2]                            0.00 
_refine.aniso_B[3][3]                            0.00 
_refine.aniso_B[1][2]                            0.00 
_refine.aniso_B[1][3]                            0.00 
_refine.aniso_B[2][3]                            0.00 
_refine.solvent_model_details                    MASK 
_refine.solvent_model_param_ksol                 ? 
_refine.solvent_model_param_bsol                 ? 
_refine.pdbx_solvent_vdw_probe_radii             1.40 
_refine.pdbx_solvent_ion_probe_radii             0.80 
_refine.pdbx_solvent_shrinkage_radii             0.80 
_refine.pdbx_ls_cross_valid_method               THROUGHOUT 
_refine.details                                  'HYDROGENS HAVE BEEN ADDED IN THE RIDING POSITIONS' 
_refine.pdbx_starting_model                      'PDB ENTRY 3KKQ' 
_refine.pdbx_method_to_determine_struct          'MOLECULAR REPLACEMENT' 
_refine.pdbx_isotropic_thermal_model             ? 
_refine.pdbx_stereochemistry_target_values       'MAXIMUM LIKELIHOOD' 
_refine.pdbx_stereochem_target_val_spec_case     ? 
_refine.pdbx_R_Free_selection_details            RANDOM 
_refine.pdbx_overall_ESU_R                       0.063 
_refine.pdbx_overall_ESU_R_Free                  0.061 
_refine.overall_SU_ML                            0.033 
_refine.overall_SU_B                             0.777 
_refine.ls_redundancy_reflns_obs                 ? 
_refine.B_iso_min                                ? 
_refine.B_iso_max                                ? 
_refine.overall_SU_R_Cruickshank_DPI             ? 
_refine.overall_SU_R_free                        ? 
_refine.ls_wR_factor_R_free                      ? 
_refine.ls_wR_factor_R_work                      ? 
_refine.overall_FOM_free_R_set                   ? 
_refine.overall_FOM_work_R_set                   ? 
_refine.pdbx_refine_id                           'X-RAY DIFFRACTION' 
_refine.pdbx_overall_phase_error                 ? 
_refine.pdbx_diffrn_id                           1 
_refine.pdbx_TLS_residual_ADP_flag               ? 
_refine.pdbx_overall_SU_R_free_Cruickshank_DPI   ? 
_refine.pdbx_overall_SU_R_Blow_DPI               ? 
_refine.pdbx_overall_SU_R_free_Blow_DPI          ? 
# 
_refine_hist.pdbx_refine_id                   'X-RAY DIFFRACTION' 
_refine_hist.cycle_id                         LAST 
_refine_hist.pdbx_number_atoms_protein        1370 
_refine_hist.pdbx_number_atoms_nucleic_acid   0 
_refine_hist.pdbx_number_atoms_ligand         33 
_refine_hist.number_atoms_solvent             178 
_refine_hist.number_atoms_total               1581 
_refine_hist.d_res_high                       1.35 
_refine_hist.d_res_low                        27.00 
# 
loop_
_refine_ls_restr.type 
_refine_ls_restr.dev_ideal 
_refine_ls_restr.dev_ideal_target 
_refine_ls_restr.weight 
_refine_ls_restr.number 
_refine_ls_restr.pdbx_refine_id 
_refine_ls_restr.pdbx_restraint_function 
r_bond_refined_d       0.008  0.022  ? 1432 'X-RAY DIFFRACTION' ? 
r_angle_refined_deg    1.220  1.987  ? 1945 'X-RAY DIFFRACTION' ? 
r_dihedral_angle_1_deg 5.497  5.000  ? 167  'X-RAY DIFFRACTION' ? 
r_dihedral_angle_2_deg 36.643 24.286 ? 70   'X-RAY DIFFRACTION' ? 
r_dihedral_angle_3_deg 10.876 15.000 ? 253  'X-RAY DIFFRACTION' ? 
r_dihedral_angle_4_deg 16.093 15.000 ? 9    'X-RAY DIFFRACTION' ? 
r_chiral_restr         0.073  0.200  ? 216  'X-RAY DIFFRACTION' ? 
r_gen_planes_refined   0.005  0.021  ? 1068 'X-RAY DIFFRACTION' ? 
r_mcbond_it            0.586  1.500  ? 838  'X-RAY DIFFRACTION' ? 
r_mcangle_it           1.114  2.000  ? 1367 'X-RAY DIFFRACTION' ? 
r_scbond_it            1.622  3.000  ? 594  'X-RAY DIFFRACTION' ? 
r_scangle_it           2.572  4.500  ? 578  'X-RAY DIFFRACTION' ? 
# 
_refine_ls_shell.pdbx_total_number_of_bins_used   20 
_refine_ls_shell.d_res_high                       1.350 
_refine_ls_shell.d_res_low                        1.385 
_refine_ls_shell.number_reflns_R_work             2292 
_refine_ls_shell.R_factor_R_work                  0.225 
_refine_ls_shell.percent_reflns_obs               93.14 
_refine_ls_shell.R_factor_R_free                  0.228 
_refine_ls_shell.R_factor_R_free_error            ? 
_refine_ls_shell.percent_reflns_R_free            ? 
_refine_ls_shell.number_reflns_R_free             113 
_refine_ls_shell.number_reflns_all                ? 
_refine_ls_shell.R_factor_all                     ? 
_refine_ls_shell.number_reflns_obs                2292 
_refine_ls_shell.redundancy_reflns_obs            ? 
_refine_ls_shell.pdbx_refine_id                   'X-RAY DIFFRACTION' 
# 
_struct.entry_id                  3KKP 
_struct.title                     'Crystal structure of M-Ras P40D in complex with GppNHp' 
_struct.pdbx_model_details        ? 
_struct.pdbx_CASP_flag            ? 
_struct.pdbx_model_type_details   ? 
# 
_struct_keywords.entry_id        3KKP 
_struct_keywords.pdbx_keywords   'SIGNALING PROTEIN' 
_struct_keywords.text            'GTP-binding, GTPase, SIGNALING PROTEIN' 
# 
loop_
_struct_asym.id 
_struct_asym.pdbx_blank_PDB_chainid_flag 
_struct_asym.pdbx_modified 
_struct_asym.entity_id 
_struct_asym.details 
A N N 1 ? 
B N N 2 ? 
C N N 3 ? 
D N N 4 ? 
# 
_struct_biol.id        1 
_struct_biol.details   'AUTHOR DETERMINED BIOLOGICAL UNIT: UNKNOWN' 
# 
loop_
_struct_conf.conf_type_id 
_struct_conf.id 
_struct_conf.pdbx_PDB_helix_id 
_struct_conf.beg_label_comp_id 
_struct_conf.beg_label_asym_id 
_struct_conf.beg_label_seq_id 
_struct_conf.pdbx_beg_PDB_ins_code 
_struct_conf.end_label_comp_id 
_struct_conf.end_label_asym_id 
_struct_conf.end_label_seq_id 
_struct_conf.pdbx_end_PDB_ins_code 
_struct_conf.beg_auth_comp_id 
_struct_conf.beg_auth_asym_id 
_struct_conf.beg_auth_seq_id 
_struct_conf.end_auth_comp_id 
_struct_conf.end_auth_asym_id 
_struct_conf.end_auth_seq_id 
_struct_conf.pdbx_PDB_helix_class 
_struct_conf.details 
_struct_conf.pdbx_PDB_helix_length 
HELX_P HELX_P1 1 GLY A 30  ? LYS A 41  ? GLY A 25  LYS A 36  1 ? 12 
HELX_P HELX_P2 2 PHE A 43  ? TYR A 47  ? PHE A 38  TYR A 42  5 ? 5  
HELX_P HELX_P3 3 ASP A 48  ? GLU A 52  ? ASP A 43  GLU A 47  5 ? 5  
HELX_P HELX_P4 4 PHE A 79  ? GLY A 90  ? PHE A 74  GLY A 85  1 ? 12 
HELX_P HELX_P5 5 ASP A 101 ? HIS A 107 ? ASP A 96  HIS A 102 1 ? 7  
HELX_P HELX_P6 6 HIS A 107 ? ASP A 120 ? HIS A 102 ASP A 115 1 ? 14 
HELX_P HELX_P7 7 LEU A 135 ? ARG A 139 ? LEU A 130 ARG A 134 5 ? 5  
HELX_P HELX_P8 8 THR A 142 ? TYR A 153 ? THR A 137 TYR A 148 1 ? 12 
HELX_P HELX_P9 9 ASN A 168 ? GLN A 183 ? ASN A 163 GLN A 178 1 ? 16 
# 
_struct_conf_type.id          HELX_P 
_struct_conf_type.criteria    ? 
_struct_conf_type.reference   ? 
# 
loop_
_struct_conn.id 
_struct_conn.conn_type_id 
_struct_conn.pdbx_leaving_atom_flag 
_struct_conn.pdbx_PDB_id 
_struct_conn.ptnr1_label_asym_id 
_struct_conn.ptnr1_label_comp_id 
_struct_conn.ptnr1_label_seq_id 
_struct_conn.ptnr1_label_atom_id 
_struct_conn.pdbx_ptnr1_label_alt_id 
_struct_conn.pdbx_ptnr1_PDB_ins_code 
_struct_conn.pdbx_ptnr1_standard_comp_id 
_struct_conn.ptnr1_symmetry 
_struct_conn.ptnr2_label_asym_id 
_struct_conn.ptnr2_label_comp_id 
_struct_conn.ptnr2_label_seq_id 
_struct_conn.ptnr2_label_atom_id 
_struct_conn.pdbx_ptnr2_label_alt_id 
_struct_conn.pdbx_ptnr2_PDB_ins_code 
_struct_conn.ptnr1_auth_asym_id 
_struct_conn.ptnr1_auth_comp_id 
_struct_conn.ptnr1_auth_seq_id 
_struct_conn.ptnr2_auth_asym_id 
_struct_conn.ptnr2_auth_comp_id 
_struct_conn.ptnr2_auth_seq_id 
_struct_conn.ptnr2_symmetry 
_struct_conn.pdbx_ptnr3_label_atom_id 
_struct_conn.pdbx_ptnr3_label_seq_id 
_struct_conn.pdbx_ptnr3_label_comp_id 
_struct_conn.pdbx_ptnr3_label_asym_id 
_struct_conn.pdbx_ptnr3_label_alt_id 
_struct_conn.pdbx_ptnr3_PDB_ins_code 
_struct_conn.details 
_struct_conn.pdbx_dist_value 
_struct_conn.pdbx_value_order 
_struct_conn.pdbx_role 
metalc1 metalc ? ? A SER 32 OG  ? ? ? 1_555 C MG  . MG ? ? A SER 27  A MG  180  1_555 ? ? ? ? ? ? ? 2.102 ? ? 
metalc2 metalc ? ? B GNP .  O2G ? ? ? 1_555 C MG  . MG ? ? A GNP 179 A MG  180  1_555 ? ? ? ? ? ? ? 1.970 ? ? 
metalc3 metalc ? ? B GNP .  O2B ? ? ? 1_555 C MG  . MG ? ? A GNP 179 A MG  180  1_555 ? ? ? ? ? ? ? 2.088 ? ? 
metalc4 metalc ? ? C MG  .  MG  ? ? ? 1_555 D HOH . O  ? ? A MG  180 A HOH 1001 1_555 ? ? ? ? ? ? ? 2.111 ? ? 
metalc5 metalc ? ? C MG  .  MG  ? ? ? 1_555 D HOH . O  ? ? A MG  180 A HOH 1002 1_555 ? ? ? ? ? ? ? 2.121 ? ? 
metalc6 metalc ? ? C MG  .  MG  ? ? ? 1_555 D HOH . O  ? ? A MG  180 A HOH 1003 1_555 ? ? ? ? ? ? ? 2.040 ? ? 
# 
_struct_conn_type.id          metalc 
_struct_conn_type.criteria    ? 
_struct_conn_type.reference   ? 
# 
_struct_mon_prot_cis.pdbx_id                1 
_struct_mon_prot_cis.label_comp_id          ASP 
_struct_mon_prot_cis.label_seq_id           164 
_struct_mon_prot_cis.label_asym_id          A 
_struct_mon_prot_cis.label_alt_id           . 
_struct_mon_prot_cis.pdbx_PDB_ins_code      ? 
_struct_mon_prot_cis.auth_comp_id           ASP 
_struct_mon_prot_cis.auth_seq_id            159 
_struct_mon_prot_cis.auth_asym_id           A 
_struct_mon_prot_cis.pdbx_label_comp_id_2   PRO 
_struct_mon_prot_cis.pdbx_label_seq_id_2    165 
_struct_mon_prot_cis.pdbx_label_asym_id_2   A 
_struct_mon_prot_cis.pdbx_PDB_ins_code_2    ? 
_struct_mon_prot_cis.pdbx_auth_comp_id_2    PRO 
_struct_mon_prot_cis.pdbx_auth_seq_id_2     160 
_struct_mon_prot_cis.pdbx_auth_asym_id_2    A 
_struct_mon_prot_cis.pdbx_PDB_model_num     1 
_struct_mon_prot_cis.pdbx_omega_angle       -3.37 
# 
_struct_sheet.id               A 
_struct_sheet.type             ? 
_struct_sheet.number_strands   6 
_struct_sheet.details          ? 
# 
loop_
_struct_sheet_order.sheet_id 
_struct_sheet_order.range_id_1 
_struct_sheet_order.range_id_2 
_struct_sheet_order.offset 
_struct_sheet_order.sense 
A 1 2 ? anti-parallel 
A 2 3 ? parallel      
A 3 4 ? parallel      
A 4 5 ? parallel      
A 5 6 ? parallel      
# 
loop_
_struct_sheet_range.sheet_id 
_struct_sheet_range.id 
_struct_sheet_range.beg_label_comp_id 
_struct_sheet_range.beg_label_asym_id 
_struct_sheet_range.beg_label_seq_id 
_struct_sheet_range.pdbx_beg_PDB_ins_code 
_struct_sheet_range.end_label_comp_id 
_struct_sheet_range.end_label_asym_id 
_struct_sheet_range.end_label_seq_id 
_struct_sheet_range.pdbx_end_PDB_ins_code 
_struct_sheet_range.beg_auth_comp_id 
_struct_sheet_range.beg_auth_asym_id 
_struct_sheet_range.beg_auth_seq_id 
_struct_sheet_range.end_auth_comp_id 
_struct_sheet_range.end_auth_asym_id 
_struct_sheet_range.end_auth_seq_id 
A 1 TYR A 55  ? ILE A 61  ? TYR A 50  ILE A 56  
A 2 GLN A 64  ? ASP A 72  ? GLN A 59  ASP A 67  
A 3 THR A 18  ? VAL A 24  ? THR A 13  VAL A 19  
A 4 GLY A 92  ? SER A 98  ? GLY A 87  SER A 93  
A 5 MET A 126 ? ASN A 131 ? MET A 121 ASN A 126 
A 6 TYR A 157 ? GLU A 159 ? TYR A 152 GLU A 154 
# 
loop_
_pdbx_struct_sheet_hbond.sheet_id 
_pdbx_struct_sheet_hbond.range_id_1 
_pdbx_struct_sheet_hbond.range_id_2 
_pdbx_struct_sheet_hbond.range_1_label_atom_id 
_pdbx_struct_sheet_hbond.range_1_label_comp_id 
_pdbx_struct_sheet_hbond.range_1_label_asym_id 
_pdbx_struct_sheet_hbond.range_1_label_seq_id 
_pdbx_struct_sheet_hbond.range_1_PDB_ins_code 
_pdbx_struct_sheet_hbond.range_1_auth_atom_id 
_pdbx_struct_sheet_hbond.range_1_auth_comp_id 
_pdbx_struct_sheet_hbond.range_1_auth_asym_id 
_pdbx_struct_sheet_hbond.range_1_auth_seq_id 
_pdbx_struct_sheet_hbond.range_2_label_atom_id 
_pdbx_struct_sheet_hbond.range_2_label_comp_id 
_pdbx_struct_sheet_hbond.range_2_label_asym_id 
_pdbx_struct_sheet_hbond.range_2_label_seq_id 
_pdbx_struct_sheet_hbond.range_2_PDB_ins_code 
_pdbx_struct_sheet_hbond.range_2_auth_atom_id 
_pdbx_struct_sheet_hbond.range_2_auth_comp_id 
_pdbx_struct_sheet_hbond.range_2_auth_asym_id 
_pdbx_struct_sheet_hbond.range_2_auth_seq_id 
A 1 2 N LYS A 57  ? N LYS A 52  O LEU A 68  ? O LEU A 63  
A 2 3 O LEU A 71  ? O LEU A 66  N LEU A 21  ? N LEU A 16  
A 3 4 N VAL A 24  ? N VAL A 19  O VAL A 96  ? O VAL A 91  
A 4 5 N ILE A 95  ? N ILE A 90  O VAL A 129 ? O VAL A 124 
A 5 6 N ALA A 130 ? N ALA A 125 O ILE A 158 ? O ILE A 153 
# 
loop_
_struct_site.id 
_struct_site.pdbx_evidence_code 
_struct_site.pdbx_auth_asym_id 
_struct_site.pdbx_auth_comp_id 
_struct_site.pdbx_auth_seq_id 
_struct_site.pdbx_auth_ins_code 
_struct_site.pdbx_num_residues 
_struct_site.details 
AC1 Software A GNP 179 ? 29 'BINDING SITE FOR RESIDUE GNP A 179' 
AC2 Software A MG  180 ? 5  'BINDING SITE FOR RESIDUE MG A 180'  
# 
loop_
_struct_site_gen.id 
_struct_site_gen.site_id 
_struct_site_gen.pdbx_num_res 
_struct_site_gen.label_comp_id 
_struct_site_gen.label_asym_id 
_struct_site_gen.label_seq_id 
_struct_site_gen.pdbx_auth_ins_code 
_struct_site_gen.auth_comp_id 
_struct_site_gen.auth_asym_id 
_struct_site_gen.auth_seq_id 
_struct_site_gen.label_atom_id 
_struct_site_gen.label_alt_id 
_struct_site_gen.symmetry 
_struct_site_gen.details 
1  AC1 29 GLY A 27  ? GLY A 22   . ? 1_555 ? 
2  AC1 29 GLY A 28  ? GLY A 23   . ? 1_555 ? 
3  AC1 29 VAL A 29  ? VAL A 24   . ? 1_555 ? 
4  AC1 29 GLY A 30  ? GLY A 25   . ? 1_555 ? 
5  AC1 29 LYS A 31  ? LYS A 26   . ? 1_555 ? 
6  AC1 29 SER A 32  ? SER A 27   . ? 1_555 ? 
7  AC1 29 ALA A 33  ? ALA A 28   . ? 1_555 ? 
8  AC1 29 PHE A 43  ? PHE A 38   . ? 1_555 ? 
9  AC1 29 ASP A 45  ? ASP A 40   . ? 1_555 ? 
10 AC1 29 GLY A 75  ? GLY A 70   . ? 1_555 ? 
11 AC1 29 ASN A 131 ? ASN A 126  . ? 1_555 ? 
12 AC1 29 LYS A 132 ? LYS A 127  . ? 1_555 ? 
13 AC1 29 ASP A 134 ? ASP A 129  . ? 1_555 ? 
14 AC1 29 LEU A 135 ? LEU A 130  . ? 2_655 ? 
15 AC1 29 LEU A 135 ? LEU A 130  . ? 1_555 ? 
16 AC1 29 LYS A 140 ? LYS A 135  . ? 2_655 ? 
17 AC1 29 SER A 161 ? SER A 156  . ? 1_555 ? 
18 AC1 29 ALA A 162 ? ALA A 157  . ? 1_555 ? 
19 AC1 29 LYS A 163 ? LYS A 158  . ? 1_555 ? 
20 AC1 29 MG  C .   ? MG  A 180  . ? 1_555 ? 
21 AC1 29 HOH D .   ? HOH A 1001 . ? 1_555 ? 
22 AC1 29 HOH D .   ? HOH A 1002 . ? 1_555 ? 
23 AC1 29 HOH D .   ? HOH A 1003 . ? 1_555 ? 
24 AC1 29 HOH D .   ? HOH A 1010 . ? 1_555 ? 
25 AC1 29 HOH D .   ? HOH A 1015 . ? 1_555 ? 
26 AC1 29 HOH D .   ? HOH A 1015 . ? 2_655 ? 
27 AC1 29 HOH D .   ? HOH A 1032 . ? 1_555 ? 
28 AC1 29 HOH D .   ? HOH A 1037 . ? 1_555 ? 
29 AC1 29 HOH D .   ? HOH A 1138 . ? 1_555 ? 
30 AC2 5  SER A 32  ? SER A 27   . ? 1_555 ? 
31 AC2 5  GNP B .   ? GNP A 179  . ? 1_555 ? 
32 AC2 5  HOH D .   ? HOH A 1001 . ? 1_555 ? 
33 AC2 5  HOH D .   ? HOH A 1002 . ? 1_555 ? 
34 AC2 5  HOH D .   ? HOH A 1003 . ? 1_555 ? 
# 
_atom_sites.entry_id                    3KKP 
_atom_sites.fract_transf_matrix[1][1]   -0.00089759 
_atom_sites.fract_transf_matrix[1][2]   0.02925773 
_atom_sites.fract_transf_matrix[1][3]   -0.00542625 
_atom_sites.fract_transf_matrix[2][1]   0.00502044 
_atom_sites.fract_transf_matrix[2][2]   0.00276885 
_atom_sites.fract_transf_matrix[2][3]   0.01409883 
_atom_sites.fract_transf_matrix[3][1]   0.01270124 
_atom_sites.fract_transf_matrix[3][2]   0.00073076 
_atom_sites.fract_transf_matrix[3][3]   -0.00466628 
_atom_sites.fract_transf_vector[1]      0.481353 
_atom_sites.fract_transf_vector[2]      -0.006035 
_atom_sites.fract_transf_vector[3]      0.218204 
# 
loop_
_atom_type.symbol 
C  
MG 
N  
O  
P  
S  
# 
loop_
_atom_site.group_PDB 
_atom_site.id 
_atom_site.type_symbol 
_atom_site.label_atom_id 
_atom_site.label_alt_id 
_atom_site.label_comp_id 
_atom_site.label_asym_id 
_atom_site.label_entity_id 
_atom_site.label_seq_id 
_atom_site.pdbx_PDB_ins_code 
_atom_site.Cartn_x 
_atom_site.Cartn_y 
_atom_site.Cartn_z 
_atom_site.occupancy 
_atom_site.B_iso_or_equiv 
_atom_site.pdbx_formal_charge 
_atom_site.auth_seq_id 
_atom_site.auth_comp_id 
_atom_site.auth_asym_id 
_atom_site.auth_atom_id 
_atom_site.pdbx_PDB_model_num 
ATOM   1    N  N     . LEU A 1 16  ? 21.515  9.804   -2.200  1.00 13.89 ? 11   LEU A N     1 
ATOM   2    C  CA    . LEU A 1 16  ? 20.645  8.634   -1.897  1.00 13.12 ? 11   LEU A CA    1 
ATOM   3    C  C     . LEU A 1 16  ? 19.638  8.428   -3.007  1.00 12.87 ? 11   LEU A C     1 
ATOM   4    O  O     . LEU A 1 16  ? 19.236  9.391   -3.654  1.00 13.59 ? 11   LEU A O     1 
ATOM   5    C  CB    . LEU A 1 16  ? 19.880  8.870   -0.595  1.00 13.34 ? 11   LEU A CB    1 
ATOM   6    C  CG    . LEU A 1 16  ? 20.697  9.142   0.669   1.00 13.22 ? 11   LEU A CG    1 
ATOM   7    C  CD1   . LEU A 1 16  ? 19.748  9.374   1.834   1.00 14.25 ? 11   LEU A CD1   1 
ATOM   8    C  CD2   . LEU A 1 16  ? 21.653  7.999   0.972   1.00 14.45 ? 11   LEU A CD2   1 
ATOM   9    N  N     . PRO A 1 17  ? 19.201  7.177   -3.222  1.00 12.21 ? 12   PRO A N     1 
ATOM   10   C  CA    . PRO A 1 17  ? 18.103  6.996   -4.169  1.00 11.79 ? 12   PRO A CA    1 
ATOM   11   C  C     . PRO A 1 17  ? 16.772  7.443   -3.567  1.00 11.56 ? 12   PRO A C     1 
ATOM   12   O  O     . PRO A 1 17  ? 16.595  7.377   -2.348  1.00 10.91 ? 12   PRO A O     1 
ATOM   13   C  CB    . PRO A 1 17  ? 18.087  5.480   -4.389  1.00 12.42 ? 12   PRO A CB    1 
ATOM   14   C  CG    . PRO A 1 17  ? 18.592  4.923   -3.134  1.00 12.74 ? 12   PRO A CG    1 
ATOM   15   C  CD    . PRO A 1 17  ? 19.644  5.895   -2.646  1.00 12.38 ? 12   PRO A CD    1 
ATOM   16   N  N     . THR A 1 18  ? 15.864  7.900   -4.418  1.00 11.33 ? 13   THR A N     1 
ATOM   17   C  CA    . THR A 1 18  ? 14.480  8.141   -4.024  1.00 11.70 ? 13   THR A CA    1 
ATOM   18   C  C     . THR A 1 18  ? 13.606  7.040   -4.614  1.00 10.95 ? 13   THR A C     1 
ATOM   19   O  O     . THR A 1 18  ? 13.690  6.738   -5.807  1.00 11.97 ? 13   THR A O     1 
ATOM   20   C  CB    . THR A 1 18  ? 13.996  9.520   -4.504  1.00 11.94 ? 13   THR A CB    1 
ATOM   21   O  OG1   . THR A 1 18  ? 14.756  10.531  -3.843  1.00 13.30 ? 13   THR A OG1   1 
ATOM   22   C  CG2   . THR A 1 18  ? 12.511  9.737   -4.179  1.00 12.94 ? 13   THR A CG2   1 
ATOM   23   N  N     . TYR A 1 19  ? 12.796  6.419   -3.761  1.00 9.97  ? 14   TYR A N     1 
ATOM   24   C  CA    . TYR A 1 19  ? 11.807  5.440   -4.211  1.00 9.54  ? 14   TYR A CA    1 
ATOM   25   C  C     . TYR A 1 19  ? 10.422  6.054   -4.079  1.00 9.18  ? 14   TYR A C     1 
ATOM   26   O  O     . TYR A 1 19  ? 10.017  6.444   -2.977  1.00 9.01  ? 14   TYR A O     1 
ATOM   27   C  CB    . TYR A 1 19  ? 11.892  4.162   -3.380  1.00 9.87  ? 14   TYR A CB    1 
ATOM   28   C  CG    . TYR A 1 19  ? 13.250  3.495   -3.397  1.00 9.83  ? 14   TYR A CG    1 
ATOM   29   C  CD1   . TYR A 1 19  ? 13.681  2.769   -4.508  1.00 11.60 ? 14   TYR A CD1   1 
ATOM   30   C  CD2   . TYR A 1 19  ? 14.099  3.583   -2.302  1.00 11.36 ? 14   TYR A CD2   1 
ATOM   31   C  CE1   . TYR A 1 19  ? 14.930  2.164   -4.523  1.00 11.93 ? 14   TYR A CE1   1 
ATOM   32   C  CE2   . TYR A 1 19  ? 15.338  2.980   -2.306  1.00 11.35 ? 14   TYR A CE2   1 
ATOM   33   C  CZ    . TYR A 1 19  ? 15.746  2.271   -3.409  1.00 12.10 ? 14   TYR A CZ    1 
ATOM   34   O  OH    . TYR A 1 19  ? 16.985  1.683   -3.373  1.00 12.73 ? 14   TYR A OH    1 
ATOM   35   N  N     . LYS A 1 20  ? 9.711   6.174   -5.200  1.00 9.22  ? 15   LYS A N     1 
ATOM   36   C  CA    . LYS A 1 20  ? 8.328   6.651   -5.188  1.00 9.58  ? 15   LYS A CA    1 
ATOM   37   C  C     . LYS A 1 20  ? 7.412   5.451   -4.985  1.00 9.11  ? 15   LYS A C     1 
ATOM   38   O  O     . LYS A 1 20  ? 7.315   4.583   -5.847  1.00 9.08  ? 15   LYS A O     1 
ATOM   39   C  CB    . LYS A 1 20  ? 7.979   7.393   -6.481  1.00 10.57 ? 15   LYS A CB    1 
ATOM   40   C  CG    . LYS A 1 20  ? 8.742   8.684   -6.670  1.00 13.94 ? 15   LYS A CG    1 
ATOM   41   C  CD    . LYS A 1 20  ? 8.215   9.468   -7.855  1.00 18.81 ? 15   LYS A CD    1 
ATOM   42   C  CE    . LYS A 1 20  ? 8.714   10.910  -7.823  1.00 21.45 ? 15   LYS A CE    1 
ATOM   43   N  NZ    . LYS A 1 20  ? 8.064   11.717  -6.750  1.00 23.99 ? 15   LYS A NZ    1 
ATOM   44   N  N     . LEU A 1 21  ? 6.765   5.389   -3.826  1.00 8.06  ? 16   LEU A N     1 
ATOM   45   C  CA    . LEU A 1 21  ? 5.942   4.247   -3.456  1.00 7.90  ? 16   LEU A CA    1 
ATOM   46   C  C     . LEU A 1 21  ? 4.495   4.678   -3.506  1.00 8.13  ? 16   LEU A C     1 
ATOM   47   O  O     . LEU A 1 21  ? 4.109   5.652   -2.851  1.00 9.25  ? 16   LEU A O     1 
ATOM   48   C  CB    . LEU A 1 21  ? 6.308   3.752   -2.055  1.00 8.17  ? 16   LEU A CB    1 
ATOM   49   C  CG    . LEU A 1 21  ? 7.800   3.535   -1.768  1.00 7.65  ? 16   LEU A CG    1 
ATOM   50   C  CD1   . LEU A 1 21  ? 7.994   3.056   -0.331  1.00 8.42  ? 16   LEU A CD1   1 
ATOM   51   C  CD2   . LEU A 1 21  ? 8.422   2.545   -2.738  1.00 8.80  ? 16   LEU A CD2   1 
ATOM   52   N  N     . VAL A 1 22  ? 3.696   3.973   -4.300  1.00 7.55  ? 17   VAL A N     1 
ATOM   53   C  CA    . VAL A 1 22  ? 2.320   4.383   -4.560  1.00 7.65  ? 17   VAL A CA    1 
ATOM   54   C  C     . VAL A 1 22  ? 1.359   3.416   -3.872  1.00 7.12  ? 17   VAL A C     1 
ATOM   55   O  O     . VAL A 1 22  ? 1.481   2.198   -4.010  1.00 7.36  ? 17   VAL A O     1 
ATOM   56   C  CB    . VAL A 1 22  ? 2.035   4.472   -6.067  1.00 7.55  ? 17   VAL A CB    1 
ATOM   57   C  CG1   . VAL A 1 22  ? 0.637   4.991   -6.308  1.00 8.48  ? 17   VAL A CG1   1 
ATOM   58   C  CG2   . VAL A 1 22  ? 3.053   5.386   -6.742  1.00 8.95  ? 17   VAL A CG2   1 
ATOM   59   N  N     . VAL A 1 23  ? 0.406   3.968   -3.137  1.00 6.80  ? 18   VAL A N     1 
ATOM   60   C  CA    . VAL A 1 23  ? -0.545  3.169   -2.392  1.00 6.33  ? 18   VAL A CA    1 
ATOM   61   C  C     . VAL A 1 23  ? -1.869  3.250   -3.140  1.00 6.19  ? 18   VAL A C     1 
ATOM   62   O  O     . VAL A 1 23  ? -2.428  4.341   -3.322  1.00 6.63  ? 18   VAL A O     1 
ATOM   63   C  CB    . VAL A 1 23  ? -0.706  3.694   -0.952  1.00 6.12  ? 18   VAL A CB    1 
ATOM   64   C  CG1   . VAL A 1 23  ? -1.525  2.728   -0.123  1.00 6.78  ? 18   VAL A CG1   1 
ATOM   65   C  CG2   . VAL A 1 23  ? 0.665   3.923   -0.306  1.00 7.44  ? 18   VAL A CG2   1 
ATOM   66   N  N     . VAL A 1 24  ? -2.361  2.090   -3.574  1.00 6.10  ? 19   VAL A N     1 
ATOM   67   C  CA    . VAL A 1 24  ? -3.641  1.978   -4.290  1.00 6.59  ? 19   VAL A CA    1 
ATOM   68   C  C     . VAL A 1 24  ? -4.582  0.992   -3.594  1.00 6.27  ? 19   VAL A C     1 
ATOM   69   O  O     . VAL A 1 24  ? -4.169  0.235   -2.709  1.00 6.42  ? 19   VAL A O     1 
ATOM   70   C  CB    . VAL A 1 24  ? -3.469  1.585   -5.795  1.00 6.66  ? 19   VAL A CB    1 
ATOM   71   C  CG1   . VAL A 1 24  ? -2.537  2.556   -6.485  1.00 8.55  ? 19   VAL A CG1   1 
ATOM   72   C  CG2   . VAL A 1 24  ? -2.960  0.149   -5.951  1.00 8.15  ? 19   VAL A CG2   1 
ATOM   73   N  N     . GLY A 1 25  ? -5.849  1.009   -3.991  1.00 5.84  ? 20   GLY A N     1 
ATOM   74   C  CA    . GLY A 1 25  ? -6.877  0.200   -3.351  1.00 6.18  ? 20   GLY A CA    1 
ATOM   75   C  C     . GLY A 1 25  ? -8.196  0.947   -3.258  1.00 6.78  ? 20   GLY A C     1 
ATOM   76   O  O     . GLY A 1 25  ? -8.249  2.172   -3.402  1.00 6.31  ? 20   GLY A O     1 
ATOM   77   N  N     . ASP A 1 26  ? -9.270  0.212   -2.995  1.00 6.60  ? 21   ASP A N     1 
ATOM   78   C  CA    . ASP A 1 26  ? -10.609 0.789   -2.929  1.00 7.02  ? 21   ASP A CA    1 
ATOM   79   C  C     . ASP A 1 26  ? -10.721 1.845   -1.834  1.00 7.07  ? 21   ASP A C     1 
ATOM   80   O  O     . ASP A 1 26  ? -9.918  1.891   -0.897  1.00 6.59  ? 21   ASP A O     1 
ATOM   81   C  CB    . ASP A 1 26  ? -11.633 -0.302  -2.614  1.00 7.45  ? 21   ASP A CB    1 
ATOM   82   C  CG    . ASP A 1 26  ? -12.089 -1.079  -3.831  1.00 9.50  ? 21   ASP A CG    1 
ATOM   83   O  OD1   . ASP A 1 26  ? -13.075 -1.844  -3.685  1.00 9.13  ? 21   ASP A OD1   1 
ATOM   84   O  OD2   . ASP A 1 26  ? -11.493 -0.942  -4.917  1.00 10.82 ? 21   ASP A OD2   1 
ATOM   85   N  N     . GLY A 1 27  ? -11.752 2.672   -1.944  1.00 6.99  ? 22   GLY A N     1 
ATOM   86   C  CA    . GLY A 1 27  ? -12.092 3.614   -0.892  1.00 6.85  ? 22   GLY A CA    1 
ATOM   87   C  C     . GLY A 1 27  ? -12.259 2.924   0.446   1.00 6.57  ? 22   GLY A C     1 
ATOM   88   O  O     . GLY A 1 27  ? -12.862 1.856   0.544   1.00 7.17  ? 22   GLY A O     1 
ATOM   89   N  N     . GLY A 1 28  ? -11.708 3.547   1.474   1.00 6.41  ? 23   GLY A N     1 
ATOM   90   C  CA    . GLY A 1 28  ? -11.931 3.121   2.839   1.00 6.00  ? 23   GLY A CA    1 
ATOM   91   C  C     . GLY A 1 28  ? -11.086 1.978   3.372   1.00 5.86  ? 23   GLY A C     1 
ATOM   92   O  O     . GLY A 1 28  ? -11.289 1.557   4.504   1.00 6.78  ? 23   GLY A O     1 
ATOM   93   N  N     . VAL A 1 29  ? -10.145 1.466   2.575   1.00 5.31  ? 24   VAL A N     1 
ATOM   94   C  CA    . VAL A 1 29  ? -9.363  0.296   3.000   1.00 5.18  ? 24   VAL A CA    1 
ATOM   95   C  C     . VAL A 1 29  ? -8.267  0.614   3.997   1.00 5.56  ? 24   VAL A C     1 
ATOM   96   O  O     . VAL A 1 29  ? -7.766  -0.288  4.667   1.00 5.51  ? 24   VAL A O     1 
ATOM   97   C  CB    . VAL A 1 29  ? -8.782  -0.499  1.801   1.00 5.13  ? 24   VAL A CB    1 
ATOM   98   C  CG1   . VAL A 1 29  ? -9.906  -0.970  0.878   1.00 5.16  ? 24   VAL A CG1   1 
ATOM   99   C  CG2   . VAL A 1 29  ? -7.765  0.323   1.029   1.00 5.61  ? 24   VAL A CG2   1 
ATOM   100  N  N     . GLY A 1 30  ? -7.899  1.893   4.074   1.00 5.33  ? 25   GLY A N     1 
ATOM   101  C  CA    . GLY A 1 30  ? -6.856  2.367   4.987   1.00 5.27  ? 25   GLY A CA    1 
ATOM   102  C  C     . GLY A 1 30  ? -5.541  2.722   4.329   1.00 4.76  ? 25   GLY A C     1 
ATOM   103  O  O     . GLY A 1 30  ? -4.489  2.640   4.965   1.00 5.34  ? 25   GLY A O     1 
ATOM   104  N  N     . LYS A 1 31  ? -5.602  3.155   3.070   1.00 5.26  ? 26   LYS A N     1 
ATOM   105  C  CA    . LYS A 1 31  ? -4.413  3.630   2.370   1.00 5.33  ? 26   LYS A CA    1 
ATOM   106  C  C     . LYS A 1 31  ? -3.797  4.811   3.108   1.00 5.40  ? 26   LYS A C     1 
ATOM   107  O  O     . LYS A 1 31  ? -2.591  4.822   3.381   1.00 5.45  ? 26   LYS A O     1 
ATOM   108  C  CB    . LYS A 1 31  ? -4.759  4.045   0.946   1.00 5.32  ? 26   LYS A CB    1 
ATOM   109  C  CG    . LYS A 1 31  ? -5.232  2.885   0.086   1.00 6.90  ? 26   LYS A CG    1 
ATOM   110  C  CD    . LYS A 1 31  ? -5.573  3.330   -1.328  1.00 6.52  ? 26   LYS A CD    1 
ATOM   111  C  CE    . LYS A 1 31  ? -6.682  4.385   -1.371  1.00 7.32  ? 26   LYS A CE    1 
ATOM   112  N  NZ    . LYS A 1 31  ? -7.979  3.910   -0.818  1.00 5.91  ? 26   LYS A NZ    1 
ATOM   113  N  N     . SER A 1 32  ? -4.622  5.808   3.415   1.00 5.60  ? 27   SER A N     1 
ATOM   114  C  CA    . SER A 1 32  ? -4.128  6.955   4.167   1.00 5.86  ? 27   SER A CA    1 
ATOM   115  C  C     . SER A 1 32  ? -3.702  6.568   5.569   1.00 5.66  ? 27   SER A C     1 
ATOM   116  O  O     . SER A 1 32  ? -2.659  7.044   6.039   1.00 6.08  ? 27   SER A O     1 
ATOM   117  C  CB    . SER A 1 32  ? -5.184  8.047   4.211   1.00 5.40  ? 27   SER A CB    1 
ATOM   118  O  OG    . SER A 1 32  ? -5.479  8.486   2.895   1.00 6.91  ? 27   SER A OG    1 
ATOM   119  N  N     . ALA A 1 33  ? -4.462  5.689   6.225   1.00 5.78  ? 28   ALA A N     1 
ATOM   120  C  CA    . ALA A 1 33  ? -4.090  5.244   7.566   1.00 5.75  ? 28   ALA A CA    1 
ATOM   121  C  C     . ALA A 1 33  ? -2.703  4.590   7.589   1.00 5.60  ? 28   ALA A C     1 
ATOM   122  O  O     . ALA A 1 33  ? -1.890  4.875   8.468   1.00 5.92  ? 28   ALA A O     1 
ATOM   123  C  CB    . ALA A 1 33  ? -5.145  4.314   8.149   1.00 6.13  ? 28   ALA A CB    1 
ATOM   124  N  N     . LEU A 1 34  ? -2.399  3.739   6.614   1.00 5.57  ? 29   LEU A N     1 
ATOM   125  C  CA    . LEU A 1 34  ? -1.063  3.145   6.556   1.00 6.30  ? 29   LEU A CA    1 
ATOM   126  C  C     . LEU A 1 34  ? 0.008   4.197   6.332   1.00 6.14  ? 29   LEU A C     1 
ATOM   127  O  O     . LEU A 1 34  ? 1.059   4.162   6.974   1.00 6.57  ? 29   LEU A O     1 
ATOM   128  C  CB    . LEU A 1 34  ? -1.008  2.057   5.476   1.00 6.13  ? 29   LEU A CB    1 
ATOM   129  C  CG    . LEU A 1 34  ? -1.811  0.786   5.798   1.00 6.31  ? 29   LEU A CG    1 
ATOM   130  C  CD1   . LEU A 1 34  ? -2.032  -0.037  4.532   1.00 7.88  ? 29   LEU A CD1   1 
ATOM   131  C  CD2   . LEU A 1 34  ? -1.142  -0.044  6.891   1.00 7.46  ? 29   LEU A CD2   1 
ATOM   132  N  N     . THR A 1 35  ? -0.263  5.127   5.426   1.00 6.21  ? 30   THR A N     1 
ATOM   133  C  CA    . THR A 1 35  ? 0.697   6.177   5.097   1.00 6.46  ? 30   THR A CA    1 
ATOM   134  C  C     . THR A 1 35  ? 0.975   7.083   6.303   1.00 6.61  ? 30   THR A C     1 
ATOM   135  O  O     . THR A 1 35  ? 2.138   7.358   6.646   1.00 6.88  ? 30   THR A O     1 
ATOM   136  C  CB    . THR A 1 35  ? 0.183   7.003   3.914   1.00 6.50  ? 30   THR A CB    1 
ATOM   137  O  OG1   . THR A 1 35  ? -0.063  6.127   2.803   1.00 7.96  ? 30   THR A OG1   1 
ATOM   138  C  CG2   . THR A 1 35  ? 1.198   8.046   3.501   1.00 7.86  ? 30   THR A CG2   1 
ATOM   139  N  N     . ILE A 1 36  ? -0.097  7.528   6.946   1.00 6.07  ? 31   ILE A N     1 
ATOM   140  C  CA    . ILE A 1 36  ? 0.015   8.440   8.084   1.00 6.82  ? 31   ILE A CA    1 
ATOM   141  C  C     . ILE A 1 36  ? 0.683   7.747   9.284   1.00 6.72  ? 31   ILE A C     1 
ATOM   142  O  O     . ILE A 1 36  ? 1.482   8.355   9.997   1.00 7.23  ? 31   ILE A O     1 
ATOM   143  C  CB    . ILE A 1 36  ? -1.373  9.022   8.429   1.00 6.86  ? 31   ILE A CB    1 
ATOM   144  C  CG1   . ILE A 1 36  ? -1.847  9.924   7.286   1.00 7.82  ? 31   ILE A CG1   1 
ATOM   145  C  CG2   . ILE A 1 36  ? -1.344  9.786   9.750   1.00 7.99  ? 31   ILE A CG2   1 
ATOM   146  C  CD1   . ILE A 1 36  ? -3.321  10.229  7.281   1.00 10.40 ? 31   ILE A CD1   1 
ATOM   147  N  N     . GLN A 1 37  ? 0.372   6.479   9.509   1.00 6.15  ? 32   GLN A N     1 
ATOM   148  C  CA    . GLN A 1 37  ? 1.057   5.718   10.553  1.00 6.87  ? 32   GLN A CA    1 
ATOM   149  C  C     . GLN A 1 37  ? 2.561   5.641   10.259  1.00 7.24  ? 32   GLN A C     1 
ATOM   150  O  O     . GLN A 1 37  ? 3.403   5.918   11.120  1.00 8.22  ? 32   GLN A O     1 
ATOM   151  C  CB    . GLN A 1 37  ? 0.423   4.333   10.687  1.00 7.82  ? 32   GLN A CB    1 
ATOM   152  C  CG    . GLN A 1 37  ? 0.889   3.490   11.856  1.00 10.93 ? 32   GLN A CG    1 
ATOM   153  C  CD    . GLN A 1 37  ? 0.622   4.127   13.221  1.00 11.38 ? 32   GLN A CD    1 
ATOM   154  O  OE1   . GLN A 1 37  ? 1.531   4.660   13.822  1.00 14.30 ? 32   GLN A OE1   1 
ATOM   155  N  NE2   . GLN A 1 37  ? -0.619  4.047   13.711  1.00 12.53 ? 32   GLN A NE2   1 
ATOM   156  N  N     . PHE A 1 38  ? 2.900   5.308   9.022   1.00 7.05  ? 33   PHE A N     1 
ATOM   157  C  CA    . PHE A 1 38  ? 4.303   5.198   8.619   1.00 7.49  ? 33   PHE A CA    1 
ATOM   158  C  C     . PHE A 1 38  ? 5.097   6.488   8.842   1.00 8.04  ? 33   PHE A C     1 
ATOM   159  O  O     . PHE A 1 38  ? 6.205   6.446   9.382   1.00 8.25  ? 33   PHE A O     1 
ATOM   160  C  CB    . PHE A 1 38  ? 4.395   4.748   7.157   1.00 7.54  ? 33   PHE A CB    1 
ATOM   161  C  CG    . PHE A 1 38  ? 5.791   4.455   6.692   1.00 6.97  ? 33   PHE A CG    1 
ATOM   162  C  CD1   . PHE A 1 38  ? 6.288   5.057   5.548   1.00 9.00  ? 33   PHE A CD1   1 
ATOM   163  C  CD2   . PHE A 1 38  ? 6.608   3.561   7.386   1.00 8.64  ? 33   PHE A CD2   1 
ATOM   164  C  CE1   . PHE A 1 38  ? 7.575   4.787   5.090   1.00 9.23  ? 33   PHE A CE1   1 
ATOM   165  C  CE2   . PHE A 1 38  ? 7.911   3.285   6.937   1.00 8.97  ? 33   PHE A CE2   1 
ATOM   166  C  CZ    . PHE A 1 38  ? 8.388   3.907   5.791   1.00 8.48  ? 33   PHE A CZ    1 
ATOM   167  N  N     . PHE A 1 39  ? 4.535   7.621   8.424   1.00 8.58  ? 34   PHE A N     1 
ATOM   168  C  CA    . PHE A 1 39  ? 5.241   8.905   8.488   1.00 9.67  ? 34   PHE A CA    1 
ATOM   169  C  C     . PHE A 1 39  ? 5.051   9.665   9.787   1.00 10.27 ? 34   PHE A C     1 
ATOM   170  O  O     . PHE A 1 39  ? 6.012   10.233  10.323  1.00 11.42 ? 34   PHE A O     1 
ATOM   171  C  CB    . PHE A 1 39  ? 4.833   9.789   7.314   1.00 9.96  ? 34   PHE A CB    1 
ATOM   172  C  CG    . PHE A 1 39  ? 5.433   9.357   6.021   1.00 10.73 ? 34   PHE A CG    1 
ATOM   173  C  CD1   . PHE A 1 39  ? 6.701   9.790   5.645   1.00 12.68 ? 34   PHE A CD1   1 
ATOM   174  C  CD2   . PHE A 1 39  ? 4.758   8.471   5.195   1.00 13.00 ? 34   PHE A CD2   1 
ATOM   175  C  CE1   . PHE A 1 39  ? 7.273   9.359   4.452   1.00 13.48 ? 34   PHE A CE1   1 
ATOM   176  C  CE2   . PHE A 1 39  ? 5.322   8.037   4.006   1.00 14.04 ? 34   PHE A CE2   1 
ATOM   177  C  CZ    . PHE A 1 39  ? 6.585   8.487   3.631   1.00 14.32 ? 34   PHE A CZ    1 
ATOM   178  N  N     . GLN A 1 40  ? 3.824   9.686   10.293  1.00 10.39 ? 35   GLN A N     1 
ATOM   179  C  CA    . GLN A 1 40  ? 3.465   10.555  11.419  1.00 10.72 ? 35   GLN A CA    1 
ATOM   180  C  C     . GLN A 1 40  ? 3.221   9.813   12.732  1.00 10.77 ? 35   GLN A C     1 
ATOM   181  O  O     . GLN A 1 40  ? 3.046   10.441  13.780  1.00 10.80 ? 35   GLN A O     1 
ATOM   182  C  CB    . GLN A 1 40  ? 2.232   11.400  11.069  1.00 11.38 ? 35   GLN A CB    1 
ATOM   183  C  CG    . GLN A 1 40  ? 2.259   12.080  9.703   1.00 15.17 ? 35   GLN A CG    1 
ATOM   184  C  CD    . GLN A 1 40  ? 3.338   13.135  9.559   1.00 19.13 ? 35   GLN A CD    1 
ATOM   185  O  OE1   . GLN A 1 40  ? 3.886   13.627  10.547  1.00 20.55 ? 35   GLN A OE1   1 
ATOM   186  N  NE2   . GLN A 1 40  ? 3.648   13.493  8.312   1.00 20.26 ? 35   GLN A NE2   1 
ATOM   187  N  N     . LYS A 1 41  ? 3.219   8.481   12.685  1.00 10.09 ? 36   LYS A N     1 
ATOM   188  C  CA    . LYS A 1 41  ? 3.095   7.638   13.881  1.00 10.57 ? 36   LYS A CA    1 
ATOM   189  C  C     . LYS A 1 41  ? 1.811   7.894   14.669  1.00 10.38 ? 36   LYS A C     1 
ATOM   190  O  O     . LYS A 1 41  ? 1.785   7.843   15.897  1.00 10.85 ? 36   LYS A O     1 
ATOM   191  C  CB    . LYS A 1 41  ? 4.361   7.743   14.747  1.00 11.15 ? 36   LYS A CB    1 
ATOM   192  C  CG    . LYS A 1 41  ? 5.605   7.272   13.980  1.00 13.89 ? 36   LYS A CG    1 
ATOM   193  C  CD    . LYS A 1 41  ? 6.898   7.661   14.664  1.00 17.27 ? 36   LYS A CD    1 
ATOM   194  C  CE    . LYS A 1 41  ? 8.107   7.281   13.804  1.00 18.43 ? 36   LYS A CE    1 
ATOM   195  N  NZ    . LYS A 1 41  ? 8.179   5.818   13.485  1.00 19.07 ? 36   LYS A NZ    1 
ATOM   196  N  N     . ILE A 1 42  ? 0.733   8.144   13.937  1.00 9.52  ? 37   ILE A N     1 
ATOM   197  C  CA    . ILE A 1 42  ? -0.565  8.435   14.518  1.00 9.91  ? 37   ILE A CA    1 
ATOM   198  C  C     . ILE A 1 42  ? -1.616  7.753   13.655  1.00 8.86  ? 37   ILE A C     1 
ATOM   199  O  O     . ILE A 1 42  ? -1.390  7.523   12.462  1.00 8.37  ? 37   ILE A O     1 
ATOM   200  C  CB    . ILE A 1 42  ? -0.803  9.983   14.600  1.00 9.99  ? 37   ILE A CB    1 
ATOM   201  C  CG1   . ILE A 1 42  ? -2.095  10.337  15.353  1.00 11.69 ? 37   ILE A CG1   1 
ATOM   202  C  CG2   . ILE A 1 42  ? -0.720  10.642  13.225  1.00 11.19 ? 37   ILE A CG2   1 
ATOM   203  C  CD1   . ILE A 1 42  ? -2.225  11.821  15.688  1.00 13.71 ? 37   ILE A CD1   1 
ATOM   204  N  N     . PHE A 1 43  ? -2.753  7.443   14.259  1.00 9.09  ? 38   PHE A N     1 
ATOM   205  C  CA    . PHE A 1 43  ? -3.868  6.841   13.544  1.00 9.01  ? 38   PHE A CA    1 
ATOM   206  C  C     . PHE A 1 43  ? -4.689  7.917   12.840  1.00 8.80  ? 38   PHE A C     1 
ATOM   207  O  O     . PHE A 1 43  ? -4.931  8.992   13.400  1.00 8.85  ? 38   PHE A O     1 
ATOM   208  C  CB    . PHE A 1 43  ? -4.746  6.028   14.503  1.00 9.52  ? 38   PHE A CB    1 
ATOM   209  C  CG    . PHE A 1 43  ? -5.805  5.200   13.809  1.00 9.73  ? 38   PHE A CG    1 
ATOM   210  C  CD1   . PHE A 1 43  ? -5.470  4.373   12.740  1.00 10.27 ? 38   PHE A CD1   1 
ATOM   211  C  CD2   . PHE A 1 43  ? -7.125  5.227   14.245  1.00 10.57 ? 38   PHE A CD2   1 
ATOM   212  C  CE1   . PHE A 1 43  ? -6.433  3.594   12.103  1.00 10.61 ? 38   PHE A CE1   1 
ATOM   213  C  CE2   . PHE A 1 43  ? -8.096  4.448   13.608  1.00 11.30 ? 38   PHE A CE2   1 
ATOM   214  C  CZ    . PHE A 1 43  ? -7.739  3.633   12.535  1.00 11.62 ? 38   PHE A CZ    1 
ATOM   215  N  N     . VAL A 1 44  ? -5.153  7.616   11.626  1.00 8.75  ? 39   VAL A N     1 
ATOM   216  C  CA    . VAL A 1 44  ? -5.822  8.594   10.765  1.00 9.23  ? 39   VAL A CA    1 
ATOM   217  C  C     . VAL A 1 44  ? -6.978  9.324   11.472  1.00 9.29  ? 39   VAL A C     1 
ATOM   218  O  O     . VAL A 1 44  ? -7.126  10.531  11.312  1.00 9.77  ? 39   VAL A O     1 
ATOM   219  C  CB    . VAL A 1 44  ? -6.270  7.965   9.397   1.00 8.93  ? 39   VAL A CB    1 
ATOM   220  C  CG1   . VAL A 1 44  ? -7.344  6.898   9.579   1.00 9.07  ? 39   VAL A CG1   1 
ATOM   221  C  CG2   . VAL A 1 44  ? -6.746  9.043   8.428   1.00 10.72 ? 39   VAL A CG2   1 
ATOM   222  N  N     . ASP A 1 45  ? -7.758  8.605   12.279  1.00 9.52  ? 40   ASP A N     1 
ATOM   223  C  CA    . ASP A 1 45  ? -8.883  9.224   12.998  1.00 10.01 ? 40   ASP A CA    1 
ATOM   224  C  C     . ASP A 1 45  ? -8.452  10.351  13.927  1.00 11.39 ? 40   ASP A C     1 
ATOM   225  O  O     . ASP A 1 45  ? -9.225  11.285  14.164  1.00 11.82 ? 40   ASP A O     1 
ATOM   226  C  CB    . ASP A 1 45  ? -9.617  8.193   13.848  1.00 10.19 ? 40   ASP A CB    1 
ATOM   227  C  CG    . ASP A 1 45  ? -10.293 7.127   13.030  1.00 8.74  ? 40   ASP A CG    1 
ATOM   228  O  OD1   . ASP A 1 45  ? -9.984  6.990   11.826  1.00 10.29 ? 40   ASP A OD1   1 
ATOM   229  O  OD2   . ASP A 1 45  ? -11.111 6.429   13.643  1.00 10.34 ? 40   ASP A OD2   1 
ATOM   230  N  N     . ASP A 1 46  ? -7.231  10.243  14.455  1.00 11.94 ? 41   ASP A N     1 
ATOM   231  C  CA    . ASP A 1 46  ? -6.705  11.169  15.467  1.00 12.97 ? 41   ASP A CA    1 
ATOM   232  C  C     . ASP A 1 46  ? -5.878  12.279  14.838  1.00 13.19 ? 41   ASP A C     1 
ATOM   233  O  O     . ASP A 1 46  ? -5.408  13.181  15.544  1.00 13.29 ? 41   ASP A O     1 
ATOM   234  C  CB    . ASP A 1 46  ? -5.816  10.426  16.470  1.00 13.81 ? 41   ASP A CB    1 
ATOM   235  C  CG    . ASP A 1 46  ? -6.537  9.328   17.211  1.00 15.92 ? 41   ASP A CG    1 
ATOM   236  O  OD1   . ASP A 1 46  ? -7.759  9.455   17.443  1.00 19.66 ? 41   ASP A OD1   1 
ATOM   237  O  OD2   . ASP A 1 46  ? -5.862  8.342   17.590  1.00 19.79 ? 41   ASP A OD2   1 
ATOM   238  N  N     . TYR A 1 47  ? -5.684  12.195  13.524  1.00 13.19 ? 42   TYR A N     1 
ATOM   239  C  CA    . TYR A 1 47  ? -4.759  13.038  12.774  1.00 13.77 ? 42   TYR A CA    1 
ATOM   240  C  C     . TYR A 1 47  ? -5.394  14.367  12.406  1.00 14.17 ? 42   TYR A C     1 
ATOM   241  O  O     . TYR A 1 47  ? -6.582  14.431  12.085  1.00 14.43 ? 42   TYR A O     1 
ATOM   242  C  CB    . TYR A 1 47  ? -4.312  12.294  11.508  1.00 13.34 ? 42   TYR A CB    1 
ATOM   243  C  CG    . TYR A 1 47  ? -3.262  12.973  10.653  1.00 12.88 ? 42   TYR A CG    1 
ATOM   244  C  CD1   . TYR A 1 47  ? -2.010  13.324  11.178  1.00 13.29 ? 42   TYR A CD1   1 
ATOM   245  C  CD2   . TYR A 1 47  ? -3.500  13.222  9.304   1.00 12.73 ? 42   TYR A CD2   1 
ATOM   246  C  CE1   . TYR A 1 47  ? -1.038  13.926  10.375  1.00 13.35 ? 42   TYR A CE1   1 
ATOM   247  C  CE2   . TYR A 1 47  ? -2.539  13.827  8.492   1.00 14.14 ? 42   TYR A CE2   1 
ATOM   248  C  CZ    . TYR A 1 47  ? -1.308  14.169  9.035   1.00 14.35 ? 42   TYR A CZ    1 
ATOM   249  O  OH    . TYR A 1 47  ? -0.349  14.760  8.249   1.00 15.77 ? 42   TYR A OH    1 
ATOM   250  N  N     . ASP A 1 48  ? -4.593  15.421  12.467  1.00 14.71 ? 43   ASP A N     1 
ATOM   251  C  CA    . ASP A 1 48  ? -5.013  16.725  11.989  1.00 15.32 ? 43   ASP A CA    1 
ATOM   252  C  C     . ASP A 1 48  ? -4.233  17.029  10.716  1.00 15.58 ? 43   ASP A C     1 
ATOM   253  O  O     . ASP A 1 48  ? -3.069  17.420  10.784  1.00 15.25 ? 43   ASP A O     1 
ATOM   254  C  CB    . ASP A 1 48  ? -4.757  17.800  13.050  1.00 15.87 ? 43   ASP A CB    1 
ATOM   255  C  CG    . ASP A 1 48  ? -5.234  19.177  12.610  1.00 16.61 ? 43   ASP A CG    1 
ATOM   256  O  OD1   . ASP A 1 48  ? -5.814  19.278  11.507  1.00 17.17 ? 43   ASP A OD1   1 
ATOM   257  O  OD2   . ASP A 1 48  ? -5.019  20.156  13.363  1.00 19.10 ? 43   ASP A OD2   1 
ATOM   258  N  N     . PRO A 1 49  ? -4.868  16.847  9.542   1.00 15.74 ? 44   PRO A N     1 
ATOM   259  C  CA    . PRO A 1 49  ? -4.168  17.062  8.278   1.00 16.42 ? 44   PRO A CA    1 
ATOM   260  C  C     . PRO A 1 49  ? -3.940  18.537  7.948   1.00 17.41 ? 44   PRO A C     1 
ATOM   261  O  O     . PRO A 1 49  ? -3.330  18.847  6.923   1.00 17.52 ? 44   PRO A O     1 
ATOM   262  C  CB    . PRO A 1 49  ? -5.114  16.428  7.250   1.00 16.58 ? 44   PRO A CB    1 
ATOM   263  C  CG    . PRO A 1 49  ? -6.454  16.576  7.850   1.00 15.86 ? 44   PRO A CG    1 
ATOM   264  C  CD    . PRO A 1 49  ? -6.232  16.329  9.323   1.00 15.53 ? 44   PRO A CD    1 
ATOM   265  N  N     . THR A 1 50  ? -4.425  19.425  8.814   1.00 18.34 ? 45   THR A N     1 
ATOM   266  C  CA    . THR A 1 50  ? -4.278  20.876  8.648   1.00 19.49 ? 45   THR A CA    1 
ATOM   267  C  C     . THR A 1 50  ? -2.845  21.285  8.283   1.00 19.63 ? 45   THR A C     1 
ATOM   268  O  O     . THR A 1 50  ? -2.635  22.054  7.338   1.00 19.93 ? 45   THR A O     1 
ATOM   269  C  CB    . THR A 1 50  ? -4.762  21.628  9.924   1.00 19.43 ? 45   THR A CB    1 
ATOM   270  O  OG1   . THR A 1 50  ? -6.172  21.418  10.088  1.00 20.38 ? 45   THR A OG1   1 
ATOM   271  C  CG2   . THR A 1 50  ? -4.465  23.135  9.860   1.00 20.49 ? 45   THR A CG2   1 
ATOM   272  N  N     . ILE A 1 51  ? -1.870  20.746  9.012   1.00 19.90 ? 46   ILE A N     1 
ATOM   273  C  CA    . ILE A 1 51  ? -0.469  21.144  8.845   1.00 20.58 ? 46   ILE A CA    1 
ATOM   274  C  C     . ILE A 1 51  ? 0.349   20.197  7.962   1.00 20.91 ? 46   ILE A C     1 
ATOM   275  O  O     . ILE A 1 51  ? 1.580   20.181  8.028   1.00 21.22 ? 46   ILE A O     1 
ATOM   276  C  CB    . ILE A 1 51  ? 0.230   21.354  10.220  1.00 20.41 ? 46   ILE A CB    1 
ATOM   277  C  CG1   . ILE A 1 51  ? 0.214   20.063  11.059  1.00 20.34 ? 46   ILE A CG1   1 
ATOM   278  C  CG2   . ILE A 1 51  ? -0.429  22.511  10.967  1.00 21.13 ? 46   ILE A CG2   1 
ATOM   279  C  CD1   . ILE A 1 51  ? 1.178   20.069  12.254  1.00 21.24 ? 46   ILE A CD1   1 
ATOM   280  N  N     . GLU A 1 52  ? -0.334  19.436  7.111   1.00 21.44 ? 47   GLU A N     1 
ATOM   281  C  CA    . GLU A 1 52  ? 0.344   18.440  6.279   1.00 22.11 ? 47   GLU A CA    1 
ATOM   282  C  C     . GLU A 1 52  ? 1.224   19.038  5.180   1.00 22.85 ? 47   GLU A C     1 
ATOM   283  O  O     . GLU A 1 52  ? 0.994   20.157  4.708   1.00 22.97 ? 47   GLU A O     1 
ATOM   284  C  CB    . GLU A 1 52  ? -0.661  17.459  5.662   1.00 21.81 ? 47   GLU A CB    1 
ATOM   285  C  CG    . GLU A 1 52  ? -1.449  18.027  4.481   1.00 21.51 ? 47   GLU A CG    1 
ATOM   286  C  CD    . GLU A 1 52  ? -2.389  17.022  3.841   1.00 21.31 ? 47   GLU A CD    1 
ATOM   287  O  OE1   . GLU A 1 52  ? -3.157  17.431  2.948   1.00 21.70 ? 47   GLU A OE1   1 
ATOM   288  O  OE2   . GLU A 1 52  ? -2.364  15.829  4.216   1.00 20.92 ? 47   GLU A OE2   1 
ATOM   289  N  N     . ASP A 1 53  ? 2.248   18.274  4.814   1.00 23.81 ? 48   ASP A N     1 
ATOM   290  C  CA    . ASP A 1 53  ? 3.013   18.456  3.586   1.00 24.82 ? 48   ASP A CA    1 
ATOM   291  C  C     . ASP A 1 53  ? 3.134   17.072  2.936   1.00 24.82 ? 48   ASP A C     1 
ATOM   292  O  O     . ASP A 1 53  ? 2.417   16.145  3.328   1.00 25.38 ? 48   ASP A O     1 
ATOM   293  C  CB    . ASP A 1 53  ? 4.390   19.059  3.883   1.00 25.24 ? 48   ASP A CB    1 
ATOM   294  C  CG    . ASP A 1 53  ? 4.340   20.566  4.091   1.00 26.44 ? 48   ASP A CG    1 
ATOM   295  O  OD1   . ASP A 1 53  ? 3.680   21.270  3.291   1.00 28.66 ? 48   ASP A OD1   1 
ATOM   296  O  OD2   . ASP A 1 53  ? 4.972   21.050  5.052   1.00 28.32 ? 48   ASP A OD2   1 
ATOM   297  N  N     . SER A 1 54  ? 4.024   16.916  1.958   1.00 24.66 ? 49   SER A N     1 
ATOM   298  C  CA    . SER A 1 54  ? 4.187   15.622  1.291   1.00 24.22 ? 49   SER A CA    1 
ATOM   299  C  C     . SER A 1 54  ? 4.804   14.577  2.228   1.00 23.26 ? 49   SER A C     1 
ATOM   300  O  O     . SER A 1 54  ? 5.417   14.924  3.245   1.00 23.83 ? 49   SER A O     1 
ATOM   301  C  CB    . SER A 1 54  ? 5.004   15.756  -0.002  1.00 24.53 ? 49   SER A CB    1 
ATOM   302  O  OG    . SER A 1 54  ? 6.385   15.927  0.262   1.00 26.51 ? 49   SER A OG    1 
ATOM   303  N  N     . TYR A 1 55  ? 4.620   13.306  1.879   1.00 21.71 ? 50   TYR A N     1 
ATOM   304  C  CA    . TYR A 1 55  ? 5.127   12.186  2.666   1.00 20.25 ? 50   TYR A CA    1 
ATOM   305  C  C     . TYR A 1 55  ? 6.497   11.765  2.173   1.00 19.47 ? 50   TYR A C     1 
ATOM   306  O  O     . TYR A 1 55  ? 6.621   10.955  1.247   1.00 19.18 ? 50   TYR A O     1 
ATOM   307  C  CB    . TYR A 1 55  ? 4.187   10.993  2.562   1.00 20.30 ? 50   TYR A CB    1 
ATOM   308  C  CG    . TYR A 1 55  ? 2.792   11.258  3.036   1.00 20.38 ? 50   TYR A CG    1 
ATOM   309  C  CD1   . TYR A 1 55  ? 1.735   11.314  2.132   1.00 19.99 ? 50   TYR A CD1   1 
ATOM   310  C  CD2   . TYR A 1 55  ? 2.522   11.446  4.392   1.00 20.17 ? 50   TYR A CD2   1 
ATOM   311  C  CE1   . TYR A 1 55  ? 0.439   11.551  2.565   1.00 20.77 ? 50   TYR A CE1   1 
ATOM   312  C  CE2   . TYR A 1 55  ? 1.234   11.687  4.837   1.00 21.38 ? 50   TYR A CE2   1 
ATOM   313  C  CZ    . TYR A 1 55  ? 0.199   11.735  3.920   1.00 20.87 ? 50   TYR A CZ    1 
ATOM   314  O  OH    . TYR A 1 55  ? -1.080  11.969  4.358   1.00 21.93 ? 50   TYR A OH    1 
ATOM   315  N  N     . LEU A 1 56  ? 7.523   12.313  2.804   1.00 18.45 ? 51   LEU A N     1 
ATOM   316  C  CA    . LEU A 1 56  ? 8.894   12.047  2.415   1.00 17.80 ? 51   LEU A CA    1 
ATOM   317  C  C     . LEU A 1 56  ? 9.716   11.801  3.673   1.00 17.04 ? 51   LEU A C     1 
ATOM   318  O  O     . LEU A 1 56  ? 9.620   12.552  4.640   1.00 17.14 ? 51   LEU A O     1 
ATOM   319  C  CB    . LEU A 1 56  ? 9.446   13.232  1.617   1.00 18.51 ? 51   LEU A CB    1 
ATOM   320  C  CG    . LEU A 1 56  ? 10.789  13.047  0.915   1.00 19.50 ? 51   LEU A CG    1 
ATOM   321  C  CD1   . LEU A 1 56  ? 10.770  13.702  -0.459  1.00 21.04 ? 51   LEU A CD1   1 
ATOM   322  C  CD2   . LEU A 1 56  ? 11.932  13.581  1.768   1.00 20.86 ? 51   LEU A CD2   1 
ATOM   323  N  N     . LYS A 1 57  ? 10.506  10.736  3.669   1.00 15.74 ? 52   LYS A N     1 
ATOM   324  C  CA    . LYS A 1 57  ? 11.410  10.463  4.780   1.00 15.22 ? 52   LYS A CA    1 
ATOM   325  C  C     . LYS A 1 57  ? 12.717  9.862   4.303   1.00 14.73 ? 52   LYS A C     1 
ATOM   326  O  O     . LYS A 1 57  ? 12.778  9.234   3.242   1.00 14.16 ? 52   LYS A O     1 
ATOM   327  C  CB    . LYS A 1 57  ? 10.768  9.551   5.834   1.00 15.47 ? 52   LYS A CB    1 
ATOM   328  C  CG    . LYS A 1 57  ? 10.622  8.089   5.421   1.00 15.71 ? 52   LYS A CG    1 
ATOM   329  C  CD    . LYS A 1 57  ? 10.480  7.156   6.615   1.00 17.37 ? 52   LYS A CD    1 
ATOM   330  C  CE    . LYS A 1 57  ? 9.103   7.245   7.253   1.00 16.09 ? 52   LYS A CE    1 
ATOM   331  N  NZ    . LYS A 1 57  ? 9.013   6.358   8.446   1.00 16.49 ? 52   LYS A NZ    1 
ATOM   332  N  N     . HIS A 1 58  ? 13.757  10.083  5.095   1.00 14.52 ? 53   HIS A N     1 
ATOM   333  C  CA    . HIS A 1 58  ? 15.037  9.414   4.934   1.00 14.83 ? 53   HIS A CA    1 
ATOM   334  C  C     . HIS A 1 58  ? 15.044  8.273   5.934   1.00 14.76 ? 53   HIS A C     1 
ATOM   335  O  O     . HIS A 1 58  ? 14.783  8.493   7.124   1.00 15.67 ? 53   HIS A O     1 
ATOM   336  C  CB    . HIS A 1 58  ? 16.193  10.367  5.263   1.00 14.95 ? 53   HIS A CB    1 
ATOM   337  C  CG    . HIS A 1 58  ? 16.330  11.517  4.314   1.00 15.80 ? 53   HIS A CG    1 
ATOM   338  N  ND1   . HIS A 1 58  ? 15.356  12.477  4.156   1.00 17.87 ? 53   HIS A ND1   1 
ATOM   339  C  CD2   . HIS A 1 58  ? 17.346  11.875  3.491   1.00 16.68 ? 53   HIS A CD2   1 
ATOM   340  C  CE1   . HIS A 1 58  ? 15.753  13.366  3.263   1.00 17.79 ? 53   HIS A CE1   1 
ATOM   341  N  NE2   . HIS A 1 58  ? 16.958  13.023  2.844   1.00 18.69 ? 53   HIS A NE2   1 
ATOM   342  N  N     . THR A 1 59  ? 15.340  7.058   5.476   1.00 14.20 ? 54   THR A N     1 
ATOM   343  C  CA    . THR A 1 59  ? 15.351  5.903   6.360   1.00 14.32 ? 54   THR A CA    1 
ATOM   344  C  C     . THR A 1 59  ? 16.314  4.808   5.891   1.00 14.06 ? 54   THR A C     1 
ATOM   345  O  O     . THR A 1 59  ? 16.625  4.695   4.696   1.00 14.21 ? 54   THR A O     1 
ATOM   346  C  CB    . THR A 1 59  ? 13.921  5.335   6.573   1.00 14.03 ? 54   THR A CB    1 
ATOM   347  O  OG1   . THR A 1 59  ? 13.913  4.458   7.707   1.00 15.36 ? 54   THR A OG1   1 
ATOM   348  C  CG2   . THR A 1 59  ? 13.420  4.587   5.330   1.00 13.34 ? 54   THR A CG2   1 
ATOM   349  N  N     . GLU A 1 60  ? 16.780  4.004   6.837   1.00 14.03 ? 55   GLU A N     1 
ATOM   350  C  CA    . GLU A 1 60  ? 17.745  2.961   6.540   1.00 14.19 ? 55   GLU A CA    1 
ATOM   351  C  C     . GLU A 1 60  ? 17.048  1.613   6.436   1.00 13.97 ? 55   GLU A C     1 
ATOM   352  O  O     . GLU A 1 60  ? 16.348  1.180   7.358   1.00 14.76 ? 55   GLU A O     1 
ATOM   353  C  CB    . GLU A 1 60  ? 18.850  2.926   7.606   1.00 14.50 ? 55   GLU A CB    1 
ATOM   354  C  CG    . GLU A 1 60  ? 19.997  1.969   7.265   1.00 15.98 ? 55   GLU A CG    1 
ATOM   355  C  CD    . GLU A 1 60  ? 21.137  1.994   8.270   1.00 19.14 ? 55   GLU A CD    1 
ATOM   356  O  OE1   . GLU A 1 60  ? 22.274  1.654   7.871   1.00 21.49 ? 55   GLU A OE1   1 
ATOM   357  O  OE2   . GLU A 1 60  ? 20.906  2.342   9.449   1.00 21.48 ? 55   GLU A OE2   1 
ATOM   358  N  N     . ILE A 1 61  ? 17.227  0.964   5.289   1.00 13.19 ? 56   ILE A N     1 
ATOM   359  C  CA    . ILE A 1 61  ? 16.639  -0.342  5.033   1.00 12.63 ? 56   ILE A CA    1 
ATOM   360  C  C     . ILE A 1 61  ? 17.743  -1.289  4.588   1.00 12.46 ? 56   ILE A C     1 
ATOM   361  O  O     . ILE A 1 61  ? 18.404  -1.041  3.578   1.00 11.92 ? 56   ILE A O     1 
ATOM   362  C  CB    . ILE A 1 61  ? 15.532  -0.263  3.951   1.00 12.40 ? 56   ILE A CB    1 
ATOM   363  C  CG1   . ILE A 1 61  ? 14.420  0.704   4.389   1.00 12.05 ? 56   ILE A CG1   1 
ATOM   364  C  CG2   . ILE A 1 61  ? 14.969  -1.658  3.651   1.00 12.14 ? 56   ILE A CG2   1 
ATOM   365  C  CD1   . ILE A 1 61  ? 13.498  1.153   3.266   1.00 11.88 ? 56   ILE A CD1   1 
ATOM   366  N  N     . ASP A 1 62  ? 17.944  -2.366  5.346   1.00 12.59 ? 57   ASP A N     1 
ATOM   367  C  CA    . ASP A 1 62  ? 18.993  -3.343  5.052   1.00 13.02 ? 57   ASP A CA    1 
ATOM   368  C  C     . ASP A 1 62  ? 20.358  -2.676  4.895   1.00 12.74 ? 57   ASP A C     1 
ATOM   369  O  O     . ASP A 1 62  ? 21.098  -2.955  3.942   1.00 12.92 ? 57   ASP A O     1 
ATOM   370  C  CB    . ASP A 1 62  ? 18.630  -4.155  3.809   1.00 13.53 ? 57   ASP A CB    1 
ATOM   371  C  CG    . ASP A 1 62  ? 17.406  -5.015  4.015   1.00 14.31 ? 57   ASP A CG    1 
ATOM   372  O  OD1   . ASP A 1 62  ? 17.128  -5.403  5.167   1.00 16.30 ? 57   ASP A OD1   1 
ATOM   373  O  OD2   . ASP A 1 62  ? 16.729  -5.300  3.016   1.00 14.06 ? 57   ASP A OD2   1 
ATOM   374  N  N     . ASN A 1 63  ? 20.680  -1.781  5.829   1.00 12.83 ? 58   ASN A N     1 
ATOM   375  C  CA    . ASN A 1 63  ? 21.968  -1.076  5.852   1.00 13.09 ? 58   ASN A CA    1 
ATOM   376  C  C     . ASN A 1 63  ? 22.199  -0.186  4.625   1.00 12.47 ? 58   ASN A C     1 
ATOM   377  O  O     . ASN A 1 63  ? 23.332  0.114   4.261   1.00 12.46 ? 58   ASN A O     1 
ATOM   378  C  CB    . ASN A 1 63  ? 23.116  -2.072  6.066   1.00 13.83 ? 58   ASN A CB    1 
ATOM   379  C  CG    . ASN A 1 63  ? 22.973  -2.840  7.363   1.00 16.11 ? 58   ASN A CG    1 
ATOM   380  O  OD1   . ASN A 1 63  ? 23.152  -2.284  8.446   1.00 19.33 ? 58   ASN A OD1   1 
ATOM   381  N  ND2   . ASN A 1 63  ? 22.621  -4.114  7.259   1.00 19.07 ? 58   ASN A ND2   1 
ATOM   382  N  N     . GLN A 1 64  ? 21.107  0.237   3.997   1.00 11.27 ? 59   GLN A N     1 
ATOM   383  C  CA    . GLN A 1 64  ? 21.162  1.116   2.832   1.00 10.94 ? 59   GLN A CA    1 
ATOM   384  C  C     . GLN A 1 64  ? 20.157  2.238   3.012   1.00 10.82 ? 59   GLN A C     1 
ATOM   385  O  O     . GLN A 1 64  ? 18.933  2.006   3.013   1.00 10.72 ? 59   GLN A O     1 
ATOM   386  C  CB    . GLN A 1 64  ? 20.844  0.341   1.552   1.00 10.54 ? 59   GLN A CB    1 
ATOM   387  C  CG    . GLN A 1 64  ? 21.795  -0.806  1.270   1.00 10.76 ? 59   GLN A CG    1 
ATOM   388  C  CD    . GLN A 1 64  ? 21.163  -1.835  0.374   1.00 11.92 ? 59   GLN A CD    1 
ATOM   389  O  OE1   . GLN A 1 64  ? 21.046  -1.626  -0.837  1.00 13.74 ? 59   GLN A OE1   1 
ATOM   390  N  NE2   . GLN A 1 64  ? 20.737  -2.949  0.958   1.00 12.40 ? 59   GLN A NE2   1 
ATOM   391  N  N     . TRP A 1 65  ? 20.673  3.449   3.178   1.00 10.87 ? 60   TRP A N     1 
ATOM   392  C  CA    . TRP A 1 65  ? 19.839  4.626   3.350   1.00 11.35 ? 60   TRP A CA    1 
ATOM   393  C  C     . TRP A 1 65  ? 19.136  4.985   2.053   1.00 10.98 ? 60   TRP A C     1 
ATOM   394  O  O     . TRP A 1 65  ? 19.700  4.859   0.956   1.00 10.60 ? 60   TRP A O     1 
ATOM   395  C  CB    . TRP A 1 65  ? 20.662  5.807   3.878   1.00 12.02 ? 60   TRP A CB    1 
ATOM   396  C  CG    . TRP A 1 65  ? 20.893  5.736   5.362   1.00 13.20 ? 60   TRP A CG    1 
ATOM   397  C  CD1   . TRP A 1 65  ? 21.907  5.087   6.009   1.00 14.59 ? 60   TRP A CD1   1 
ATOM   398  C  CD2   . TRP A 1 65  ? 20.080  6.328   6.382   1.00 14.70 ? 60   TRP A CD2   1 
ATOM   399  N  NE1   . TRP A 1 65  ? 21.779  5.243   7.371   1.00 16.02 ? 60   TRP A NE1   1 
ATOM   400  C  CE2   . TRP A 1 65  ? 20.667  6.003   7.626   1.00 15.72 ? 60   TRP A CE2   1 
ATOM   401  C  CE3   . TRP A 1 65  ? 18.913  7.109   6.365   1.00 15.72 ? 60   TRP A CE3   1 
ATOM   402  C  CZ2   . TRP A 1 65  ? 20.123  6.429   8.846   1.00 16.80 ? 60   TRP A CZ2   1 
ATOM   403  C  CZ3   . TRP A 1 65  ? 18.372  7.534   7.577   1.00 16.52 ? 60   TRP A CZ3   1 
ATOM   404  C  CH2   . TRP A 1 65  ? 18.979  7.189   8.801   1.00 17.66 ? 60   TRP A CH2   1 
ATOM   405  N  N     . ALA A 1 66  ? 17.888  5.423   2.188   1.00 10.99 ? 61   ALA A N     1 
ATOM   406  C  CA    . ALA A 1 66  ? 17.065  5.790   1.050   1.00 11.13 ? 61   ALA A CA    1 
ATOM   407  C  C     . ALA A 1 66  ? 16.119  6.930   1.404   1.00 10.98 ? 61   ALA A C     1 
ATOM   408  O  O     . ALA A 1 66  ? 15.860  7.189   2.582   1.00 10.85 ? 61   ALA A O     1 
ATOM   409  C  CB    . ALA A 1 66  ? 16.265  4.586   0.586   1.00 11.96 ? 61   ALA A CB    1 
ATOM   410  N  N     . ILE A 1 67  ? 15.608  7.597   0.379   1.00 10.90 ? 62   ILE A N     1 
ATOM   411  C  CA    . ILE A 1 67  ? 14.521  8.548   0.525   1.00 11.40 ? 62   ILE A CA    1 
ATOM   412  C  C     . ILE A 1 67  ? 13.258  7.872   -0.005  1.00 10.77 ? 62   ILE A C     1 
ATOM   413  O  O     . ILE A 1 67  ? 13.233  7.363   -1.127  1.00 10.89 ? 62   ILE A O     1 
ATOM   414  C  CB    . ILE A 1 67  ? 14.793  9.866   -0.236  1.00 11.51 ? 62   ILE A CB    1 
ATOM   415  C  CG1   . ILE A 1 67  ? 16.069  10.535  0.299   1.00 12.32 ? 62   ILE A CG1   1 
ATOM   416  C  CG2   . ILE A 1 67  ? 13.591  10.809  -0.136  1.00 13.26 ? 62   ILE A CG2   1 
ATOM   417  C  CD1   . ILE A 1 67  ? 16.646  11.623  -0.590  1.00 13.97 ? 62   ILE A CD1   1 
ATOM   418  N  N     . LEU A 1 68  ? 12.229  7.826   0.832   1.00 10.75 ? 63   LEU A N     1 
ATOM   419  C  CA    . LEU A 1 68  ? 10.948  7.259   0.449   1.00 10.82 ? 63   LEU A CA    1 
ATOM   420  C  C     . LEU A 1 68  ? 9.944   8.384   0.253   1.00 11.04 ? 63   LEU A C     1 
ATOM   421  O  O     . LEU A 1 68  ? 9.735   9.198   1.158   1.00 11.47 ? 63   LEU A O     1 
ATOM   422  C  CB    . LEU A 1 68  ? 10.473  6.254   1.502   1.00 11.26 ? 63   LEU A CB    1 
ATOM   423  C  CG    . LEU A 1 68  ? 10.979  4.799   1.455   1.00 13.10 ? 63   LEU A CG    1 
ATOM   424  C  CD1   . LEU A 1 68  ? 12.502  4.665   1.443   1.00 13.77 ? 63   LEU A CD1   1 
ATOM   425  C  CD2   . LEU A 1 68  ? 10.408  4.007   2.620   1.00 12.97 ? 63   LEU A CD2   1 
ATOM   426  N  N     . ASP A 1 69  ? 9.358   8.431   -0.940  1.00 10.58 ? 64   ASP A N     1 
ATOM   427  C  CA    . ASP A 1 69  ? 8.383   9.438   -1.316  1.00 11.29 ? 64   ASP A CA    1 
ATOM   428  C  C     . ASP A 1 69  ? 7.088   8.675   -1.552  1.00 10.46 ? 64   ASP A C     1 
ATOM   429  O  O     . ASP A 1 69  ? 6.982   7.920   -2.511  1.00 10.48 ? 64   ASP A O     1 
ATOM   430  C  CB    . ASP A 1 69  ? 8.861   10.132  -2.593  1.00 12.48 ? 64   ASP A CB    1 
ATOM   431  C  CG    . ASP A 1 69  ? 8.008   11.325  -2.989  1.00 15.75 ? 64   ASP A CG    1 
ATOM   432  O  OD1   . ASP A 1 69  ? 7.001   11.634  -2.319  1.00 18.87 ? 64   ASP A OD1   1 
ATOM   433  O  OD2   . ASP A 1 69  ? 8.367   11.974  -3.998  1.00 19.79 ? 64   ASP A OD2   1 
ATOM   434  N  N     . VAL A 1 70  ? 6.122   8.826   -0.650  1.00 9.79  ? 65   VAL A N     1 
ATOM   435  C  CA    . VAL A 1 70  ? 4.916   8.023   -0.727  1.00 9.55  ? 65   VAL A CA    1 
ATOM   436  C  C     . VAL A 1 70  ? 3.756   8.804   -1.329  1.00 9.33  ? 65   VAL A C     1 
ATOM   437  O  O     . VAL A 1 70  ? 3.450   9.923   -0.903  1.00 9.99  ? 65   VAL A O     1 
ATOM   438  C  CB    . VAL A 1 70  ? 4.543   7.390   0.629   1.00 9.54  ? 65   VAL A CB    1 
ATOM   439  C  CG1   . VAL A 1 70  ? 3.172   6.737   0.556   1.00 10.29 ? 65   VAL A CG1   1 
ATOM   440  C  CG2   . VAL A 1 70  ? 5.583   6.349   1.022   1.00 11.15 ? 65   VAL A CG2   1 
ATOM   441  N  N     . LEU A 1 71  ? 3.120   8.195   -2.321  1.00 9.17  ? 66   LEU A N     1 
ATOM   442  C  CA    . LEU A 1 71  ? 2.001   8.797   -3.023  1.00 9.66  ? 66   LEU A CA    1 
ATOM   443  C  C     . LEU A 1 71  ? 0.736   8.028   -2.659  1.00 9.14  ? 66   LEU A C     1 
ATOM   444  O  O     . LEU A 1 71  ? 0.563   6.862   -3.037  1.00 9.30  ? 66   LEU A O     1 
ATOM   445  C  CB    . LEU A 1 71  ? 2.255   8.789   -4.540  1.00 10.81 ? 66   LEU A CB    1 
ATOM   446  C  CG    . LEU A 1 71  ? 3.572   9.438   -4.988  1.00 12.97 ? 66   LEU A CG    1 
ATOM   447  C  CD1   . LEU A 1 71  ? 3.701   9.398   -6.499  1.00 15.29 ? 66   LEU A CD1   1 
ATOM   448  C  CD2   . LEU A 1 71  ? 3.715   10.879  -4.482  1.00 14.42 ? 66   LEU A CD2   1 
ATOM   449  N  N     . ASP A 1 72  ? -0.146  8.701   -1.927  1.00 9.00  ? 67   ASP A N     1 
ATOM   450  C  CA    . ASP A 1 72  ? -1.336  8.092   -1.352  1.00 9.32  ? 67   ASP A CA    1 
ATOM   451  C  C     . ASP A 1 72  ? -2.542  8.447   -2.219  1.00 9.81  ? 67   ASP A C     1 
ATOM   452  O  O     . ASP A 1 72  ? -3.061  9.556   -2.128  1.00 11.55 ? 67   ASP A O     1 
ATOM   453  C  CB    . ASP A 1 72  ? -1.493  8.634   0.078   1.00 9.67  ? 67   ASP A CB    1 
ATOM   454  C  CG    . ASP A 1 72  ? -2.773  8.184   0.758   1.00 9.05  ? 67   ASP A CG    1 
ATOM   455  O  OD1   . ASP A 1 72  ? -3.330  7.125   0.400   1.00 9.39  ? 67   ASP A OD1   1 
ATOM   456  O  OD2   . ASP A 1 72  ? -3.215  8.909   1.678   1.00 10.12 ? 67   ASP A OD2   1 
ATOM   457  N  N     . THR A 1 73  ? -2.986  7.502   -3.054  1.00 10.07 ? 68   THR A N     1 
ATOM   458  C  CA    . THR A 1 73  ? -4.113  7.742   -3.975  1.00 10.59 ? 68   THR A CA    1 
ATOM   459  C  C     . THR A 1 73  ? -5.451  7.749   -3.240  1.00 10.90 ? 68   THR A C     1 
ATOM   460  O  O     . THR A 1 73  ? -5.619  7.043   -2.260  1.00 11.04 ? 68   THR A O     1 
ATOM   461  C  CB    . THR A 1 73  ? -4.176  6.689   -5.129  1.00 10.53 ? 68   THR A CB    1 
ATOM   462  O  OG1   . THR A 1 73  ? -4.602  5.411   -4.627  1.00 11.38 ? 68   THR A OG1   1 
ATOM   463  C  CG2   . THR A 1 73  ? -2.831  6.542   -5.813  1.00 10.83 ? 68   THR A CG2   1 
ATOM   464  N  N     . ALA A 1 74  ? -6.396  8.557   -3.709  1.00 12.16 ? 69   ALA A N     1 
ATOM   465  C  CA    . ALA A 1 74  ? -7.784  8.445   -3.246  1.00 13.04 ? 69   ALA A CA    1 
ATOM   466  C  C     . ALA A 1 74  ? -8.429  7.268   -3.982  1.00 14.01 ? 69   ALA A C     1 
ATOM   467  O  O     . ALA A 1 74  ? -8.187  7.073   -5.172  1.00 15.02 ? 69   ALA A O     1 
ATOM   468  C  CB    . ALA A 1 74  ? -8.540  9.733   -3.506  1.00 13.60 ? 69   ALA A CB    1 
ATOM   469  N  N     . GLY A 1 75  ? -9.240  6.477   -3.281  1.00 15.01 ? 70   GLY A N     1 
ATOM   470  C  CA    . GLY A 1 75  ? -9.702  5.194   -3.817  1.00 17.28 ? 70   GLY A CA    1 
ATOM   471  C  C     . GLY A 1 75  ? -10.995 5.204   -4.615  1.00 18.95 ? 70   GLY A C     1 
ATOM   472  O  O     . GLY A 1 75  ? -11.279 4.238   -5.329  1.00 19.55 ? 70   GLY A O     1 
ATOM   473  N  N     . GLN A 1 76  ? -11.782 6.270   -4.489  1.00 20.44 ? 71   GLN A N     1 
ATOM   474  C  CA    . GLN A 1 76  ? -13.066 6.356   -5.196  1.00 22.48 ? 71   GLN A CA    1 
ATOM   475  C  C     . GLN A 1 76  ? -12.855 6.574   -6.692  1.00 23.18 ? 71   GLN A C     1 
ATOM   476  O  O     . GLN A 1 76  ? -11.967 7.320   -7.100  1.00 23.10 ? 71   GLN A O     1 
ATOM   477  C  CB    . GLN A 1 76  ? -14.009 7.400   -4.569  1.00 22.94 ? 71   GLN A CB    1 
ATOM   478  C  CG    . GLN A 1 76  ? -13.589 8.872   -4.669  1.00 24.73 ? 71   GLN A CG    1 
ATOM   479  C  CD    . GLN A 1 76  ? -14.668 9.841   -4.163  1.00 27.10 ? 71   GLN A CD    1 
ATOM   480  O  OE1   . GLN A 1 76  ? -15.483 9.508   -3.298  1.00 27.70 ? 71   GLN A OE1   1 
ATOM   481  N  NE2   . GLN A 1 76  ? -14.664 11.050  -4.702  1.00 28.08 ? 71   GLN A NE2   1 
ATOM   482  N  N     . GLU A 1 77  ? -13.674 5.905   -7.503  1.00 24.62 ? 72   GLU A N     1 
ATOM   483  C  CA    . GLU A 1 77  ? -13.467 5.859   -8.953  1.00 25.75 ? 72   GLU A CA    1 
ATOM   484  C  C     . GLU A 1 77  ? -13.449 7.246   -9.608  1.00 25.85 ? 72   GLU A C     1 
ATOM   485  O  O     . GLU A 1 77  ? -12.799 7.444   -10.636 1.00 26.21 ? 72   GLU A O     1 
ATOM   486  C  CB    . GLU A 1 77  ? -14.501 4.939   -9.616  1.00 26.07 ? 72   GLU A CB    1 
ATOM   487  C  CG    . GLU A 1 77  ? -14.089 4.379   -10.985 1.00 27.70 ? 72   GLU A CG    1 
ATOM   488  C  CD    . GLU A 1 77  ? -12.837 3.501   -10.943 1.00 29.78 ? 72   GLU A CD    1 
ATOM   489  O  OE1   . GLU A 1 77  ? -12.160 3.390   -11.989 1.00 30.66 ? 72   GLU A OE1   1 
ATOM   490  O  OE2   . GLU A 1 77  ? -12.523 2.925   -9.877  1.00 31.26 ? 72   GLU A OE2   1 
ATOM   491  N  N     . GLU A 1 78  ? -14.139 8.199   -8.983  1.00 26.23 ? 73   GLU A N     1 
ATOM   492  C  CA    . GLU A 1 78  ? -14.148 9.603   -9.403  1.00 26.58 ? 73   GLU A CA    1 
ATOM   493  C  C     . GLU A 1 78  ? -12.746 10.190  -9.636  1.00 26.07 ? 73   GLU A C     1 
ATOM   494  O  O     . GLU A 1 78  ? -12.557 11.001  -10.545 1.00 26.40 ? 73   GLU A O     1 
ATOM   495  C  CB    . GLU A 1 78  ? -14.897 10.444  -8.358  1.00 27.08 ? 73   GLU A CB    1 
ATOM   496  C  CG    . GLU A 1 78  ? -15.171 11.897  -8.752  1.00 28.81 ? 73   GLU A CG    1 
ATOM   497  C  CD    . GLU A 1 78  ? -15.709 12.744  -7.599  1.00 31.36 ? 73   GLU A CD    1 
ATOM   498  O  OE1   . GLU A 1 78  ? -16.162 12.173  -6.580  1.00 33.15 ? 73   GLU A OE1   1 
ATOM   499  O  OE2   . GLU A 1 78  ? -15.677 13.990  -7.711  1.00 32.35 ? 73   GLU A OE2   1 
ATOM   500  N  N     . PHE A 1 79  ? -11.770 9.767   -8.831  1.00 25.68 ? 74   PHE A N     1 
ATOM   501  C  CA    . PHE A 1 79  ? -10.458 10.429  -8.794  1.00 25.14 ? 74   PHE A CA    1 
ATOM   502  C  C     . PHE A 1 79  ? -9.352  9.795   -9.644  1.00 24.60 ? 74   PHE A C     1 
ATOM   503  O  O     . PHE A 1 79  ? -8.340  9.307   -9.129  1.00 24.45 ? 74   PHE A O     1 
ATOM   504  C  CB    . PHE A 1 79  ? -9.992  10.616  -7.348  1.00 25.38 ? 74   PHE A CB    1 
ATOM   505  C  CG    . PHE A 1 79  ? -10.841 11.569  -6.557  1.00 25.80 ? 74   PHE A CG    1 
ATOM   506  C  CD1   . PHE A 1 79  ? -10.889 11.483  -5.175  1.00 26.69 ? 74   PHE A CD1   1 
ATOM   507  C  CD2   . PHE A 1 79  ? -11.600 12.552  -7.192  1.00 25.79 ? 74   PHE A CD2   1 
ATOM   508  C  CE1   . PHE A 1 79  ? -11.669 12.361  -4.434  1.00 26.78 ? 74   PHE A CE1   1 
ATOM   509  C  CE2   . PHE A 1 79  ? -12.388 13.432  -6.461  1.00 25.76 ? 74   PHE A CE2   1 
ATOM   510  C  CZ    . PHE A 1 79  ? -12.423 13.332  -5.079  1.00 26.45 ? 74   PHE A CZ    1 
ATOM   511  N  N     . SER A 1 80  ? -9.529  9.878   -10.958 1.00 23.83 ? 75   SER A N     1 
ATOM   512  C  CA    . SER A 1 80  ? -8.655  9.189   -11.905 1.00 23.20 ? 75   SER A CA    1 
ATOM   513  C  C     . SER A 1 80  ? -7.358  9.918   -12.252 1.00 22.63 ? 75   SER A C     1 
ATOM   514  O  O     . SER A 1 80  ? -6.362  9.269   -12.547 1.00 21.87 ? 75   SER A O     1 
ATOM   515  C  CB    . SER A 1 80  ? -9.415  8.882   -13.191 1.00 23.48 ? 75   SER A CB    1 
ATOM   516  O  OG    . SER A 1 80  ? -9.743  10.081  -13.875 1.00 24.32 ? 75   SER A OG    1 
ATOM   517  N  N     . ALA A 1 81  ? -7.366  11.251  -12.235 1.00 22.17 ? 76   ALA A N     1 
ATOM   518  C  CA    . ALA A 1 81  ? -6.181  12.018  -12.633 1.00 21.91 ? 76   ALA A CA    1 
ATOM   519  C  C     . ALA A 1 81  ? -5.035  11.777  -11.657 1.00 21.78 ? 76   ALA A C     1 
ATOM   520  O  O     . ALA A 1 81  ? -3.885  11.568  -12.059 1.00 21.31 ? 76   ALA A O     1 
ATOM   521  C  CB    . ALA A 1 81  ? -6.503  13.506  -12.733 1.00 22.12 ? 76   ALA A CB    1 
ATOM   522  N  N     . MET A 1 82  ? -5.371  11.783  -10.372 1.00 21.70 ? 77   MET A N     1 
ATOM   523  C  CA    . MET A 1 82  ? -4.414  11.512  -9.319  1.00 22.11 ? 77   MET A CA    1 
ATOM   524  C  C     . MET A 1 82  ? -3.890  10.093  -9.456  1.00 21.54 ? 77   MET A C     1 
ATOM   525  O  O     . MET A 1 82  ? -2.681  9.872   -9.463  1.00 21.64 ? 77   MET A O     1 
ATOM   526  C  CB    . MET A 1 82  ? -5.065  11.712  -7.952  1.00 22.59 ? 77   MET A CB    1 
ATOM   527  C  CG    . MET A 1 82  ? -4.081  11.905  -6.823  1.00 24.20 ? 77   MET A CG    1 
ATOM   528  S  SD    . MET A 1 82  ? -4.792  11.547  -5.209  1.00 28.54 ? 77   MET A SD    1 
ATOM   529  C  CE    . MET A 1 82  ? -6.072  12.795  -5.104  1.00 27.15 ? 77   MET A CE    1 
ATOM   530  N  N     . ARG A 1 83  ? -4.804  9.136   -9.587  1.00 20.91 ? 78   ARG A N     1 
ATOM   531  C  CA    . ARG A 1 83  ? -4.417  7.732   -9.655  1.00 20.71 ? 78   ARG A CA    1 
ATOM   532  C  C     . ARG A 1 83  ? -3.544  7.458   -10.879 1.00 20.63 ? 78   ARG A C     1 
ATOM   533  O  O     . ARG A 1 83  ? -2.529  6.772   -10.773 1.00 20.39 ? 78   ARG A O     1 
ATOM   534  C  CB    . ARG A 1 83  ? -5.653  6.828   -9.635  1.00 20.51 ? 78   ARG A CB    1 
ATOM   535  C  CG    . ARG A 1 83  ? -5.363  5.360   -9.304  1.00 21.73 ? 78   ARG A CG    1 
ATOM   536  C  CD    . ARG A 1 83  ? -6.645  4.538   -9.162  1.00 22.57 ? 78   ARG A CD    1 
ATOM   537  N  NE    . ARG A 1 83  ? -7.555  5.128   -8.176  1.00 24.09 ? 78   ARG A NE    1 
ATOM   538  C  CZ    . ARG A 1 83  ? -8.674  5.786   -8.474  1.00 25.25 ? 78   ARG A CZ    1 
ATOM   539  N  NH1   . ARG A 1 83  ? -9.420  6.291   -7.500  1.00 24.91 ? 78   ARG A NH1   1 
ATOM   540  N  NH2   . ARG A 1 83  ? -9.054  5.938   -9.738  1.00 25.69 ? 78   ARG A NH2   1 
ATOM   541  N  N     . GLU A 1 84  ? -3.933  8.026   -12.022 1.00 20.48 ? 79   GLU A N     1 
ATOM   542  C  CA    . GLU A 1 84  ? -3.184  7.910   -13.280 1.00 20.62 ? 79   GLU A CA    1 
ATOM   543  C  C     . GLU A 1 84  ? -1.762  8.450   -13.172 1.00 20.25 ? 79   GLU A C     1 
ATOM   544  O  O     . GLU A 1 84  ? -0.806  7.741   -13.500 1.00 19.79 ? 79   GLU A O     1 
ATOM   545  C  CB    . GLU A 1 84  ? -3.924  8.629   -14.419 1.00 20.92 ? 79   GLU A CB    1 
ATOM   546  C  CG    . GLU A 1 84  ? -3.279  8.493   -15.801 1.00 23.34 ? 79   GLU A CG    1 
ATOM   547  C  CD    . GLU A 1 84  ? -3.648  7.200   -16.514 1.00 26.05 ? 79   GLU A CD    1 
ATOM   548  O  OE1   . GLU A 1 84  ? -3.726  6.140   -15.851 1.00 28.09 ? 79   GLU A OE1   1 
ATOM   549  O  OE2   . GLU A 1 84  ? -3.860  7.248   -17.745 1.00 27.86 ? 79   GLU A OE2   1 
ATOM   550  N  N     . GLN A 1 85  ? -1.628  9.695   -12.717 1.00 19.78 ? 80   GLN A N     1 
ATOM   551  C  CA    . GLN A 1 85  ? -0.318  10.334  -12.570 1.00 19.94 ? 80   GLN A CA    1 
ATOM   552  C  C     . GLN A 1 85  ? 0.559   9.585   -11.584 1.00 19.48 ? 80   GLN A C     1 
ATOM   553  O  O     . GLN A 1 85  ? 1.739   9.353   -11.849 1.00 19.26 ? 80   GLN A O     1 
ATOM   554  C  CB    . GLN A 1 85  ? -0.444  11.800  -12.129 1.00 20.36 ? 80   GLN A CB    1 
ATOM   555  C  CG    . GLN A 1 85  ? 0.913   12.512  -11.983 1.00 22.67 ? 80   GLN A CG    1 
ATOM   556  C  CD    . GLN A 1 85  ? 0.866   13.739  -11.088 1.00 25.50 ? 80   GLN A CD    1 
ATOM   557  O  OE1   . GLN A 1 85  ? 1.204   13.673  -9.904  1.00 27.20 ? 80   GLN A OE1   1 
ATOM   558  N  NE2   . GLN A 1 85  ? 0.451   14.871  -11.652 1.00 27.11 ? 80   GLN A NE2   1 
ATOM   559  N  N     . TYR A 1 86  ? -0.027  9.221   -10.445 1.00 19.25 ? 81   TYR A N     1 
ATOM   560  C  CA    . TYR A 1 86  ? 0.701   8.533   -9.386  1.00 19.20 ? 81   TYR A CA    1 
ATOM   561  C  C     . TYR A 1 86  ? 1.211   7.187   -9.882  1.00 18.68 ? 81   TYR A C     1 
ATOM   562  O  O     . TYR A 1 86  ? 2.377   6.844   -9.661  1.00 18.47 ? 81   TYR A O     1 
ATOM   563  C  CB    . TYR A 1 86  ? -0.174  8.345   -8.140  1.00 19.46 ? 81   TYR A CB    1 
ATOM   564  C  CG    . TYR A 1 86  ? -0.387  9.583   -7.285  1.00 20.83 ? 81   TYR A CG    1 
ATOM   565  C  CD1   . TYR A 1 86  ? -0.918  9.474   -5.998  1.00 21.43 ? 81   TYR A CD1   1 
ATOM   566  C  CD2   . TYR A 1 86  ? -0.050  10.859  -7.748  1.00 22.48 ? 81   TYR A CD2   1 
ATOM   567  C  CE1   . TYR A 1 86  ? -1.118  10.594  -5.199  1.00 22.98 ? 81   TYR A CE1   1 
ATOM   568  C  CE2   . TYR A 1 86  ? -0.248  11.988  -6.956  1.00 23.75 ? 81   TYR A CE2   1 
ATOM   569  C  CZ    . TYR A 1 86  ? -0.778  11.847  -5.683  1.00 23.71 ? 81   TYR A CZ    1 
ATOM   570  O  OH    . TYR A 1 86  ? -0.972  12.959  -4.897  1.00 26.11 ? 81   TYR A OH    1 
ATOM   571  N  N     . MET A 1 87  ? 0.348   6.434   -10.566 1.00 18.13 ? 82   MET A N     1 
ATOM   572  C  CA    . MET A 1 87  ? 0.736   5.140   -11.121 1.00 18.04 ? 82   MET A CA    1 
ATOM   573  C  C     . MET A 1 87  ? 1.903   5.283   -12.080 1.00 17.79 ? 82   MET A C     1 
ATOM   574  O  O     . MET A 1 87  ? 2.883   4.548   -11.975 1.00 17.83 ? 82   MET A O     1 
ATOM   575  C  CB    . MET A 1 87  ? -0.432  4.438   -11.817 1.00 17.97 ? 82   MET A CB    1 
ATOM   576  C  CG    . MET A 1 87  ? -1.343  3.667   -10.883 1.00 18.88 ? 82   MET A CG    1 
ATOM   577  S  SD    . MET A 1 87  ? -2.605  2.697   -11.745 1.00 19.71 ? 82   MET A SD    1 
ATOM   578  C  CE    . MET A 1 87  ? -3.544  2.100   -10.335 1.00 20.03 ? 82   MET A CE    1 
ATOM   579  N  N     . ARG A 1 88  ? 1.798   6.246   -12.995 1.00 17.35 ? 83   ARG A N     1 
ATOM   580  C  CA    . ARG A 1 88  ? 2.820   6.482   -14.013 1.00 17.39 ? 83   ARG A CA    1 
ATOM   581  C  C     . ARG A 1 88  ? 4.209   6.687   -13.414 1.00 16.60 ? 83   ARG A C     1 
ATOM   582  O  O     . ARG A 1 88  ? 5.193   6.155   -13.926 1.00 16.93 ? 83   ARG A O     1 
ATOM   583  C  CB    . ARG A 1 88  ? 2.454   7.706   -14.856 1.00 17.86 ? 83   ARG A CB    1 
ATOM   584  C  CG    . ARG A 1 88  ? 1.468   7.455   -15.992 1.00 20.18 ? 83   ARG A CG    1 
ATOM   585  C  CD    . ARG A 1 88  ? 1.063   8.759   -16.693 1.00 24.36 ? 83   ARG A CD    1 
ATOM   586  N  NE    . ARG A 1 88  ? 2.179   9.700   -16.806 1.00 27.16 ? 83   ARG A NE    1 
ATOM   587  C  CZ    . ARG A 1 88  ? 2.232   10.896  -16.221 1.00 28.29 ? 83   ARG A CZ    1 
ATOM   588  N  NH1   . ARG A 1 88  ? 1.220   11.338  -15.482 1.00 29.06 ? 83   ARG A NH1   1 
ATOM   589  N  NH2   . ARG A 1 88  ? 3.303   11.663  -16.386 1.00 29.19 ? 83   ARG A NH2   1 
ATOM   590  N  N     . THR A 1 89  ? 4.277   7.455   -12.330 1.00 15.77 ? 84   THR A N     1 
ATOM   591  C  CA    . THR A 1 89  ? 5.557   7.843   -11.743 1.00 15.55 ? 84   THR A CA    1 
ATOM   592  C  C     . THR A 1 89  ? 6.082   6.864   -10.691 1.00 14.19 ? 84   THR A C     1 
ATOM   593  O  O     . THR A 1 89  ? 7.233   6.963   -10.277 1.00 14.51 ? 84   THR A O     1 
ATOM   594  C  CB    . THR A 1 89  ? 5.500   9.266   -11.141 1.00 15.90 ? 84   THR A CB    1 
ATOM   595  O  OG1   . THR A 1 89  ? 4.610   9.279   -10.017 1.00 18.04 ? 84   THR A OG1   1 
ATOM   596  C  CG2   . THR A 1 89  ? 5.035   10.286  -12.190 1.00 17.48 ? 84   THR A CG2   1 
ATOM   597  N  N     . GLY A 1 90  ? 5.255   5.910   -10.277 1.00 12.68 ? 85   GLY A N     1 
ATOM   598  C  CA    . GLY A 1 90  ? 5.627   5.017   -9.179  1.00 11.00 ? 85   GLY A CA    1 
ATOM   599  C  C     . GLY A 1 90  ? 6.741   4.038   -9.500  1.00 10.10 ? 85   GLY A C     1 
ATOM   600  O  O     . GLY A 1 90  ? 6.811   3.494   -10.604 1.00 10.29 ? 85   GLY A O     1 
ATOM   601  N  N     . ASP A 1 91  ? 7.607   3.809   -8.516  1.00 9.39  ? 86   ASP A N     1 
ATOM   602  C  CA    . ASP A 1 91  ? 8.643   2.779   -8.586  1.00 8.97  ? 86   ASP A CA    1 
ATOM   603  C  C     . ASP A 1 91  ? 8.165   1.431   -8.031  1.00 8.58  ? 86   ASP A C     1 
ATOM   604  O  O     . ASP A 1 91  ? 8.764   0.385   -8.292  1.00 8.54  ? 86   ASP A O     1 
ATOM   605  C  CB    . ASP A 1 91  ? 9.897   3.239   -7.833  1.00 9.44  ? 86   ASP A CB    1 
ATOM   606  C  CG    . ASP A 1 91  ? 10.515  4.474   -8.448  1.00 10.65 ? 86   ASP A CG    1 
ATOM   607  O  OD1   . ASP A 1 91  ? 10.760  4.471   -9.674  1.00 12.97 ? 86   ASP A OD1   1 
ATOM   608  O  OD2   . ASP A 1 91  ? 10.760  5.451   -7.719  1.00 10.55 ? 86   ASP A OD2   1 
ATOM   609  N  N     . GLY A 1 92  ? 7.091   1.467   -7.251  1.00 7.56  ? 87   GLY A N     1 
ATOM   610  C  CA    . GLY A 1 92  ? 6.512   0.251   -6.685  1.00 7.42  ? 87   GLY A CA    1 
ATOM   611  C  C     . GLY A 1 92  ? 5.162   0.577   -6.093  1.00 6.94  ? 87   GLY A C     1 
ATOM   612  O  O     . GLY A 1 92  ? 4.883   1.747   -5.812  1.00 6.69  ? 87   GLY A O     1 
ATOM   613  N  N     . PHE A 1 93  ? 4.342   -0.454  -5.890  1.00 6.01  ? 88   PHE A N     1 
ATOM   614  C  CA    . PHE A 1 93  ? 2.966   -0.286  -5.448  1.00 5.84  ? 88   PHE A CA    1 
ATOM   615  C  C     . PHE A 1 93  ? 2.610   -1.144  -4.265  1.00 5.45  ? 88   PHE A C     1 
ATOM   616  O  O     . PHE A 1 93  ? 3.019   -2.321  -4.179  1.00 6.43  ? 88   PHE A O     1 
ATOM   617  C  CB    . PHE A 1 93  ? 2.011   -0.627  -6.584  1.00 6.44  ? 88   PHE A CB    1 
ATOM   618  C  CG    . PHE A 1 93  ? 2.139   0.290   -7.745  1.00 6.54  ? 88   PHE A CG    1 
ATOM   619  C  CD1   . PHE A 1 93  ? 3.088   0.042   -8.736  1.00 7.56  ? 88   PHE A CD1   1 
ATOM   620  C  CD2   . PHE A 1 93  ? 1.363   1.442   -7.828  1.00 7.63  ? 88   PHE A CD2   1 
ATOM   621  C  CE1   . PHE A 1 93  ? 3.252   0.913   -9.810  1.00 8.52  ? 88   PHE A CE1   1 
ATOM   622  C  CE2   . PHE A 1 93  ? 1.513   2.323   -8.896  1.00 9.60  ? 88   PHE A CE2   1 
ATOM   623  C  CZ    . PHE A 1 93  ? 2.462   2.057   -9.894  1.00 9.46  ? 88   PHE A CZ    1 
ATOM   624  N  N     . LEU A 1 94  ? 1.841   -0.556  -3.351  1.00 5.82  ? 89   LEU A N     1 
ATOM   625  C  CA    . LEU A 1 94  ? 1.103   -1.336  -2.366  1.00 5.97  ? 89   LEU A CA    1 
ATOM   626  C  C     . LEU A 1 94  ? -0.316  -1.451  -2.871  1.00 6.02  ? 89   LEU A C     1 
ATOM   627  O  O     . LEU A 1 94  ? -0.966  -0.434  -3.110  1.00 6.26  ? 89   LEU A O     1 
ATOM   628  C  CB    . LEU A 1 94  ? 1.095   -0.641  -0.998  1.00 6.05  ? 89   LEU A CB    1 
ATOM   629  C  CG    . LEU A 1 94  ? 2.455   -0.472  -0.329  1.00 6.41  ? 89   LEU A CG    1 
ATOM   630  C  CD1   . LEU A 1 94  ? 2.256   0.155   1.045   1.00 7.23  ? 89   LEU A CD1   1 
ATOM   631  C  CD2   . LEU A 1 94  ? 3.219   -1.807  -0.247  1.00 6.81  ? 89   LEU A CD2   1 
ATOM   632  N  N     . ILE A 1 95  ? -0.804  -2.673  -3.057  1.00 6.03  ? 90   ILE A N     1 
ATOM   633  C  CA    . ILE A 1 95  ? -2.206  -2.866  -3.399  1.00 6.05  ? 90   ILE A CA    1 
ATOM   634  C  C     . ILE A 1 95  ? -2.884  -3.248  -2.099  1.00 5.51  ? 90   ILE A C     1 
ATOM   635  O  O     . ILE A 1 95  ? -2.664  -4.349  -1.577  1.00 5.62  ? 90   ILE A O     1 
ATOM   636  C  CB    . ILE A 1 95  ? -2.416  -3.970  -4.457  1.00 6.46  ? 90   ILE A CB    1 
ATOM   637  C  CG1   . ILE A 1 95  ? -1.603  -3.661  -5.718  1.00 7.96  ? 90   ILE A CG1   1 
ATOM   638  C  CG2   . ILE A 1 95  ? -3.920  -4.111  -4.773  1.00 7.59  ? 90   ILE A CG2   1 
ATOM   639  C  CD1   . ILE A 1 95  ? -1.617  -4.806  -6.740  1.00 9.58  ? 90   ILE A CD1   1 
ATOM   640  N  N     . VAL A 1 96  ? -3.685  -2.329  -1.570  1.00 5.06  ? 91   VAL A N     1 
ATOM   641  C  CA    . VAL A 1 96  ? -4.284  -2.510  -0.250  1.00 5.34  ? 91   VAL A CA    1 
ATOM   642  C  C     . VAL A 1 96  ? -5.744  -2.913  -0.391  1.00 5.32  ? 91   VAL A C     1 
ATOM   643  O  O     . VAL A 1 96  ? -6.476  -2.328  -1.186  1.00 5.40  ? 91   VAL A O     1 
ATOM   644  C  CB    . VAL A 1 96  ? -4.183  -1.212  0.603   1.00 4.85  ? 91   VAL A CB    1 
ATOM   645  C  CG1   . VAL A 1 96  ? -4.692  -1.461  2.018   1.00 5.52  ? 91   VAL A CG1   1 
ATOM   646  C  CG2   . VAL A 1 96  ? -2.738  -0.684  0.620   1.00 5.77  ? 91   VAL A CG2   1 
ATOM   647  N  N     . TYR A 1 97  ? -6.167  -3.885  0.411   1.00 5.03  ? 92   TYR A N     1 
ATOM   648  C  CA    . TYR A 1 97  ? -7.592  -4.141  0.604   1.00 5.29  ? 92   TYR A CA    1 
ATOM   649  C  C     . TYR A 1 97  ? -7.874  -4.233  2.090   1.00 5.46  ? 92   TYR A C     1 
ATOM   650  O  O     . TYR A 1 97  ? -6.952  -4.313  2.892   1.00 5.55  ? 92   TYR A O     1 
ATOM   651  C  CB    . TYR A 1 97  ? -8.070  -5.399  -0.131  1.00 5.72  ? 92   TYR A CB    1 
ATOM   652  C  CG    . TYR A 1 97  ? -7.519  -6.718  0.366   1.00 5.62  ? 92   TYR A CG    1 
ATOM   653  C  CD1   . TYR A 1 97  ? -6.303  -7.193  -0.107  1.00 6.39  ? 92   TYR A CD1   1 
ATOM   654  C  CD2   . TYR A 1 97  ? -8.235  -7.509  1.273   1.00 6.07  ? 92   TYR A CD2   1 
ATOM   655  C  CE1   . TYR A 1 97  ? -5.802  -8.418  0.323   1.00 6.24  ? 92   TYR A CE1   1 
ATOM   656  C  CE2   . TYR A 1 97  ? -7.740  -8.749  1.701   1.00 6.91  ? 92   TYR A CE2   1 
ATOM   657  C  CZ    . TYR A 1 97  ? -6.519  -9.182  1.221   1.00 6.73  ? 92   TYR A CZ    1 
ATOM   658  O  OH    . TYR A 1 97  ? -5.998  -10.417 1.584   1.00 7.29  ? 92   TYR A OH    1 
ATOM   659  N  N     . SER A 1 98  ? -9.153  -4.181  2.444   1.00 5.02  ? 93   SER A N     1 
ATOM   660  C  CA    . SER A 1 98  ? -9.575  -4.355  3.819   1.00 5.25  ? 93   SER A CA    1 
ATOM   661  C  C     . SER A 1 98  ? -10.121 -5.762  3.987   1.00 5.43  ? 93   SER A C     1 
ATOM   662  O  O     . SER A 1 98  ? -10.980 -6.203  3.214   1.00 5.88  ? 93   SER A O     1 
ATOM   663  C  CB    . SER A 1 98  ? -10.668 -3.364  4.179   1.00 5.32  ? 93   SER A CB    1 
ATOM   664  O  OG    . SER A 1 98  ? -11.331 -3.811  5.351   1.00 6.24  ? 93   SER A OG    1 
ATOM   665  N  N     . VAL A 1 99  ? -9.644  -6.459  5.011   1.00 5.75  ? 94   VAL A N     1 
ATOM   666  C  CA    . VAL A 1 99  ? -10.139 -7.810  5.254   1.00 6.44  ? 94   VAL A CA    1 
ATOM   667  C  C     . VAL A 1 99  ? -11.608 -7.847  5.683   1.00 6.81  ? 94   VAL A C     1 
ATOM   668  O  O     . VAL A 1 99  ? -12.200 -8.919  5.742   1.00 7.30  ? 94   VAL A O     1 
ATOM   669  C  CB    . VAL A 1 99  ? -9.265  -8.603  6.252   1.00 6.25  ? 94   VAL A CB    1 
ATOM   670  C  CG1   . VAL A 1 99  ? -7.842  -8.752  5.730   1.00 7.31  ? 94   VAL A CG1   1 
ATOM   671  C  CG2   . VAL A 1 99  ? -9.285  -7.974  7.645   1.00 6.85  ? 94   VAL A CG2   1 
ATOM   672  N  N     . THR A 1 100 ? -12.193 -6.689  5.990   1.00 6.34  ? 95   THR A N     1 
ATOM   673  C  CA    . THR A 1 100 ? -13.615 -6.621  6.331   1.00 7.22  ? 95   THR A CA    1 
ATOM   674  C  C     . THR A 1 100 ? -14.502 -6.276  5.130   1.00 7.60  ? 95   THR A C     1 
ATOM   675  O  O     . THR A 1 100 ? -15.725 -6.224  5.253   1.00 7.97  ? 95   THR A O     1 
ATOM   676  C  CB    . THR A 1 100 ? -13.901 -5.595  7.452   1.00 6.77  ? 95   THR A CB    1 
ATOM   677  O  OG1   . THR A 1 100 ? -13.701 -4.269  6.933   1.00 9.63  ? 95   THR A OG1   1 
ATOM   678  C  CG2   . THR A 1 100 ? -13.016 -5.847  8.655   1.00 8.46  ? 95   THR A CG2   1 
ATOM   679  N  N     . ASP A 1 101 ? -13.883 -6.031  3.977   1.00 7.95  ? 96   ASP A N     1 
ATOM   680  C  CA    . ASP A 1 101 ? -14.602 -5.572  2.790   1.00 8.50  ? 96   ASP A CA    1 
ATOM   681  C  C     . ASP A 1 101 ? -14.270 -6.496  1.620   1.00 8.78  ? 96   ASP A C     1 
ATOM   682  O  O     . ASP A 1 101 ? -13.245 -6.338  0.958   1.00 8.46  ? 96   ASP A O     1 
ATOM   683  C  CB    . ASP A 1 101 ? -14.231 -4.107  2.501   1.00 8.37  ? 96   ASP A CB    1 
ATOM   684  C  CG    . ASP A 1 101 ? -14.833 -3.565  1.221   1.00 9.30  ? 96   ASP A CG    1 
ATOM   685  O  OD1   . ASP A 1 101 ? -15.457 -4.318  0.440   1.00 10.64 ? 96   ASP A OD1   1 
ATOM   686  O  OD2   . ASP A 1 101 ? -14.633 -2.362  0.972   1.00 9.43  ? 96   ASP A OD2   1 
ATOM   687  N  N     . LYS A 1 102 ? -15.151 -7.466  1.375   1.00 9.31  ? 97   LYS A N     1 
ATOM   688  C  CA    . LYS A 1 102 ? -14.920 -8.459  0.327   1.00 9.82  ? 97   LYS A CA    1 
ATOM   689  C  C     . LYS A 1 102 ? -14.747 -7.828  -1.055  1.00 9.09  ? 97   LYS A C     1 
ATOM   690  O  O     . LYS A 1 102 ? -13.887 -8.252  -1.826  1.00 9.19  ? 97   LYS A O     1 
ATOM   691  C  CB    . LYS A 1 102 ? -16.044 -9.500  0.312   1.00 10.92 ? 97   LYS A CB    1 
ATOM   692  C  CG    . LYS A 1 102 ? -15.716 -10.752 -0.483  1.00 13.50 ? 97   LYS A CG    1 
ATOM   693  C  CD    . LYS A 1 102 ? -16.872 -11.744 -0.429  1.00 17.77 ? 97   LYS A CD    1 
ATOM   694  C  CE    . LYS A 1 102 ? -16.734 -12.814 -1.500  1.00 21.06 ? 97   LYS A CE    1 
ATOM   695  N  NZ    . LYS A 1 102 ? -18.001 -13.586 -1.640  1.00 22.74 ? 97   LYS A NZ    1 
ATOM   696  N  N     . ALA A 1 103 ? -15.543 -6.801  -1.363  1.00 8.39  ? 98   ALA A N     1 
ATOM   697  C  CA    . ALA A 1 103 ? -15.414 -6.123  -2.654  1.00 8.19  ? 98   ALA A CA    1 
ATOM   698  C  C     . ALA A 1 103 ? -14.016 -5.528  -2.843  1.00 8.16  ? 98   ALA A C     1 
ATOM   699  O  O     . ALA A 1 103 ? -13.465 -5.561  -3.938  1.00 8.21  ? 98   ALA A O     1 
ATOM   700  C  CB    . ALA A 1 103 ? -16.472 -5.059  -2.825  1.00 8.84  ? 98   ALA A CB    1 
ATOM   701  N  N     . SER A 1 104 ? -13.434 -4.992  -1.770  1.00 7.47  ? 99   SER A N     1 
ATOM   702  C  CA    . SER A 1 104 ? -12.088 -4.410  -1.878  1.00 6.85  ? 99   SER A CA    1 
ATOM   703  C  C     . SER A 1 104 ? -11.053 -5.474  -2.241  1.00 6.97  ? 99   SER A C     1 
ATOM   704  O  O     . SER A 1 104 ? -10.101 -5.204  -2.974  1.00 7.30  ? 99   SER A O     1 
ATOM   705  C  CB    . SER A 1 104 ? -11.692 -3.630  -0.609  1.00 6.49  ? 99   SER A CB    1 
ATOM   706  O  OG    . SER A 1 104 ? -11.332 -4.471  0.463   1.00 6.07  ? 99   SER A OG    1 
ATOM   707  N  N     . PHE A 1 105 ? -11.253 -6.682  -1.724  1.00 7.30  ? 100  PHE A N     1 
ATOM   708  C  CA    . PHE A 1 105 ? -10.400 -7.818  -2.051  1.00 7.99  ? 100  PHE A CA    1 
ATOM   709  C  C     . PHE A 1 105 ? -10.575 -8.280  -3.496  1.00 8.83  ? 100  PHE A C     1 
ATOM   710  O  O     . PHE A 1 105 ? -9.596  -8.510  -4.206  1.00 9.15  ? 100  PHE A O     1 
ATOM   711  C  CB    . PHE A 1 105 ? -10.685 -8.970  -1.087  1.00 7.87  ? 100  PHE A CB    1 
ATOM   712  C  CG    . PHE A 1 105 ? -9.917  -10.221 -1.394  1.00 8.02  ? 100  PHE A CG    1 
ATOM   713  C  CD1   . PHE A 1 105 ? -8.528  -10.234 -1.319  1.00 9.67  ? 100  PHE A CD1   1 
ATOM   714  C  CD2   . PHE A 1 105 ? -10.583 -11.393 -1.753  1.00 9.41  ? 100  PHE A CD2   1 
ATOM   715  C  CE1   . PHE A 1 105 ? -7.811  -11.392 -1.585  1.00 11.07 ? 100  PHE A CE1   1 
ATOM   716  C  CE2   . PHE A 1 105 ? -9.868  -12.563 -2.024  1.00 11.55 ? 100  PHE A CE2   1 
ATOM   717  C  CZ    . PHE A 1 105 ? -8.487  -12.557 -1.942  1.00 11.01 ? 100  PHE A CZ    1 
ATOM   718  N  N     . GLU A 1 106 ? -11.826 -8.392  -3.938  1.00 9.26  ? 101  GLU A N     1 
ATOM   719  C  CA    . GLU A 1 106 ? -12.089 -8.779  -5.328  1.00 11.17 ? 101  GLU A CA    1 
ATOM   720  C  C     . GLU A 1 106 ? -11.479 -7.781  -6.308  1.00 11.22 ? 101  GLU A C     1 
ATOM   721  O  O     . GLU A 1 106 ? -10.971 -8.164  -7.368  1.00 12.47 ? 101  GLU A O     1 
ATOM   722  C  CB    . GLU A 1 106 ? -13.588 -8.953  -5.545  1.00 11.65 ? 101  GLU A CB    1 
ATOM   723  C  CG    . GLU A 1 106 ? -14.133 -10.129 -4.746  1.00 15.08 ? 101  GLU A CG    1 
ATOM   724  C  CD    . GLU A 1 106 ? -15.649 -10.182 -4.687  1.00 19.74 ? 101  GLU A CD    1 
ATOM   725  O  OE1   . GLU A 1 106 ? -16.315 -9.126  -4.798  1.00 22.40 ? 101  GLU A OE1   1 
ATOM   726  O  OE2   . GLU A 1 106 ? -16.176 -11.299 -4.515  1.00 22.72 ? 101  GLU A OE2   1 
ATOM   727  N  N     . HIS A 1 107 ? -11.476 -6.506  -5.922  1.00 10.35 ? 102  HIS A N     1 
ATOM   728  C  CA    . HIS A 1 107 ? -10.915 -5.437  -6.756  1.00 10.09 ? 102  HIS A CA    1 
ATOM   729  C  C     . HIS A 1 107 ? -9.385  -5.452  -6.876  1.00 9.27  ? 102  HIS A C     1 
ATOM   730  O  O     . HIS A 1 107 ? -8.822  -4.726  -7.703  1.00 9.83  ? 102  HIS A O     1 
ATOM   731  C  CB    . HIS A 1 107 ? -11.428 -4.061  -6.318  1.00 10.67 ? 102  HIS A CB    1 
ATOM   732  C  CG    . HIS A 1 107 ? -12.846 -3.795  -6.725  1.00 11.47 ? 102  HIS A CG    1 
ATOM   733  N  ND1   . HIS A 1 107 ? -13.760 -3.178  -5.901  1.00 12.95 ? 102  HIS A ND1   1 
ATOM   734  C  CD2   . HIS A 1 107 ? -13.507 -4.079  -7.873  1.00 15.16 ? 102  HIS A CD2   1 
ATOM   735  C  CE1   . HIS A 1 107 ? -14.924 -3.092  -6.521  1.00 15.76 ? 102  HIS A CE1   1 
ATOM   736  N  NE2   . HIS A 1 107 ? -14.795 -3.628  -7.723  1.00 15.93 ? 102  HIS A NE2   1 
ATOM   737  N  N     . VAL A 1 108 ? -8.721  -6.286  -6.082  1.00 9.28  ? 103  VAL A N     1 
ATOM   738  C  CA    . VAL A 1 108 ? -7.279  -6.485  -6.233  1.00 9.37  ? 103  VAL A CA    1 
ATOM   739  C  C     . VAL A 1 108 ? -6.890  -6.858  -7.668  1.00 10.03 ? 103  VAL A C     1 
ATOM   740  O  O     . VAL A 1 108 ? -5.896  -6.362  -8.184  1.00 9.86  ? 103  VAL A O     1 
ATOM   741  C  CB    . VAL A 1 108 ? -6.735  -7.533  -5.231  1.00 8.99  ? 103  VAL A CB    1 
ATOM   742  C  CG1   . VAL A 1 108 ? -5.311  -7.935  -5.585  1.00 9.57  ? 103  VAL A CG1   1 
ATOM   743  C  CG2   . VAL A 1 108 ? -6.786  -6.978  -3.811  1.00 8.99  ? 103  VAL A CG2   1 
ATOM   744  N  N     . ASP A 1 109 ? -7.682  -7.720  -8.314  1.00 10.51 ? 104  ASP A N     1 
ATOM   745  C  CA    . ASP A 1 109 ? -7.396  -8.145  -9.694  1.00 11.15 ? 104  ASP A CA    1 
ATOM   746  C  C     . ASP A 1 109 ? -7.339  -6.946  -10.637 1.00 10.95 ? 104  ASP A C     1 
ATOM   747  O  O     . ASP A 1 109 ? -6.403  -6.812  -11.437 1.00 10.39 ? 104  ASP A O     1 
ATOM   748  C  CB    . ASP A 1 109 ? -8.442  -9.150  -10.193 1.00 11.76 ? 104  ASP A CB    1 
ATOM   749  C  CG    . ASP A 1 109 ? -8.377  -10.486 -9.472  1.00 12.84 ? 104  ASP A CG    1 
ATOM   750  O  OD1   . ASP A 1 109 ? -7.270  -11.044 -9.281  1.00 14.05 ? 104  ASP A OD1   1 
ATOM   751  O  OD2   . ASP A 1 109 ? -9.458  -11.007 -9.109  1.00 16.77 ? 104  ASP A OD2   1 
ATOM   752  N  N     . ARG A 1 110 ? -8.324  -6.060  -10.512 1.00 11.27 ? 105  ARG A N     1 
ATOM   753  C  CA    . ARG A 1 110 ? -8.408  -4.851  -11.322 1.00 11.79 ? 105  ARG A CA    1 
ATOM   754  C  C     . ARG A 1 110 ? -7.239  -3.886  -11.089 1.00 11.50 ? 105  ARG A C     1 
ATOM   755  O  O     . ARG A 1 110 ? -6.696  -3.336  -12.041 1.00 11.69 ? 105  ARG A O     1 
ATOM   756  C  CB    . ARG A 1 110 ? -9.753  -4.155  -11.121 1.00 12.68 ? 105  ARG A CB    1 
ATOM   757  C  CG    . ARG A 1 110 ? -10.046 -3.096  -12.161 1.00 14.93 ? 105  ARG A CG    1 
ATOM   758  C  CD    . ARG A 1 110 ? -11.409 -2.474  -11.930 1.00 19.05 ? 105  ARG A CD    1 
ATOM   759  N  NE    . ARG A 1 110 ? -11.678 -1.393  -12.875 1.00 23.22 ? 105  ARG A NE    1 
ATOM   760  C  CZ    . ARG A 1 110 ? -11.307 -0.126  -12.703 1.00 25.07 ? 105  ARG A CZ    1 
ATOM   761  N  NH1   . ARG A 1 110 ? -10.640 0.244   -11.616 1.00 27.10 ? 105  ARG A NH1   1 
ATOM   762  N  NH2   . ARG A 1 110 ? -11.604 0.776   -13.627 1.00 26.91 ? 105  ARG A NH2   1 
ATOM   763  N  N     . PHE A 1 111 ? -6.852  -3.688  -9.829  1.00 10.96 ? 106  PHE A N     1 
ATOM   764  C  CA    . PHE A 1 111 ? -5.691  -2.857  -9.523  1.00 10.50 ? 106  PHE A CA    1 
ATOM   765  C  C     . PHE A 1 111 ? -4.405  -3.414  -10.113 1.00 10.11 ? 106  PHE A C     1 
ATOM   766  O  O     . PHE A 1 111 ? -3.603  -2.661  -10.652 1.00 9.79  ? 106  PHE A O     1 
ATOM   767  C  CB    . PHE A 1 111 ? -5.543  -2.635  -8.012  1.00 10.50 ? 106  PHE A CB    1 
ATOM   768  C  CG    . PHE A 1 111 ? -6.504  -1.631  -7.477  1.00 10.12 ? 106  PHE A CG    1 
ATOM   769  C  CD1   . PHE A 1 111 ? -7.543  -2.011  -6.639  1.00 10.16 ? 106  PHE A CD1   1 
ATOM   770  C  CD2   . PHE A 1 111 ? -6.402  -0.300  -7.856  1.00 10.05 ? 106  PHE A CD2   1 
ATOM   771  C  CE1   . PHE A 1 111 ? -8.452  -1.074  -6.170  1.00 10.37 ? 106  PHE A CE1   1 
ATOM   772  C  CE2   . PHE A 1 111 ? -7.307  0.638   -7.395  1.00 10.25 ? 106  PHE A CE2   1 
ATOM   773  C  CZ    . PHE A 1 111 ? -8.337  0.244   -6.553  1.00 10.97 ? 106  PHE A CZ    1 
ATOM   774  N  N     . HIS A 1 112 ? -4.235  -4.732  -10.034 1.00 9.72  ? 107  HIS A N     1 
ATOM   775  C  CA    . HIS A 1 112 ? -3.082  -5.396  -10.624 1.00 10.02 ? 107  HIS A CA    1 
ATOM   776  C  C     . HIS A 1 112 ? -3.026  -5.131  -12.133 1.00 10.14 ? 107  HIS A C     1 
ATOM   777  O  O     . HIS A 1 112 ? -1.978  -4.778  -12.673 1.00 10.28 ? 107  HIS A O     1 
ATOM   778  C  CB    . HIS A 1 112 ? -3.137  -6.900  -10.341 1.00 10.61 ? 107  HIS A CB    1 
ATOM   779  C  CG    . HIS A 1 112 ? -1.947  -7.654  -10.844 1.00 9.91  ? 107  HIS A CG    1 
ATOM   780  N  ND1   . HIS A 1 112 ? -1.870  -8.150  -12.130 1.00 11.69 ? 107  HIS A ND1   1 
ATOM   781  C  CD2   . HIS A 1 112 ? -0.784  -7.994  -10.239 1.00 10.84 ? 107  HIS A CD2   1 
ATOM   782  C  CE1   . HIS A 1 112 ? -0.710  -8.762  -12.289 1.00 10.93 ? 107  HIS A CE1   1 
ATOM   783  N  NE2   . HIS A 1 112 ? -0.033  -8.683  -11.160 1.00 12.39 ? 107  HIS A NE2   1 
ATOM   784  N  N     . GLN A 1 113 ? -4.162  -5.294  -12.810 1.00 10.82 ? 108  GLN A N     1 
ATOM   785  C  CA    . GLN A 1 113 ? -4.217  -5.102  -14.249 1.00 11.52 ? 108  GLN A CA    1 
ATOM   786  C  C     . GLN A 1 113 ? -3.980  -3.636  -14.610 1.00 11.11 ? 108  GLN A C     1 
ATOM   787  O  O     . GLN A 1 113 ? -3.293  -3.337  -15.596 1.00 11.30 ? 108  GLN A O     1 
ATOM   788  C  CB    . GLN A 1 113 ? -5.559  -5.577  -14.800 1.00 12.02 ? 108  GLN A CB    1 
ATOM   789  C  CG    . GLN A 1 113 ? -5.621  -5.557  -16.320 1.00 13.03 ? 108  GLN A CG    1 
ATOM   790  C  CD    . GLN A 1 113 ? -6.980  -5.964  -16.851 1.00 16.03 ? 108  GLN A CD    1 
ATOM   791  O  OE1   . GLN A 1 113 ? -7.912  -6.250  -16.086 1.00 16.23 ? 108  GLN A OE1   1 
ATOM   792  N  NE2   . GLN A 1 113 ? -7.107  -5.988  -18.175 1.00 18.03 ? 108  GLN A NE2   1 
ATOM   793  N  N     . LEU A 1 114 ? -4.524  -2.728  -13.805 1.00 11.64 ? 109  LEU A N     1 
ATOM   794  C  CA    . LEU A 1 114 ? -4.361  -1.295  -14.056 1.00 12.34 ? 109  LEU A CA    1 
ATOM   795  C  C     . LEU A 1 114 ? -2.900  -0.841  -13.957 1.00 12.12 ? 109  LEU A C     1 
ATOM   796  O  O     . LEU A 1 114 ? -2.413  -0.064  -14.790 1.00 11.90 ? 109  LEU A O     1 
ATOM   797  C  CB    . LEU A 1 114 ? -5.247  -0.489  -13.102 1.00 13.16 ? 109  LEU A CB    1 
ATOM   798  C  CG    . LEU A 1 114 ? -5.471  0.995   -13.390 1.00 15.86 ? 109  LEU A CG    1 
ATOM   799  C  CD1   . LEU A 1 114 ? -6.016  1.241   -14.800 1.00 18.42 ? 109  LEU A CD1   1 
ATOM   800  C  CD2   . LEU A 1 114 ? -6.421  1.555   -12.353 1.00 18.15 ? 109  LEU A CD2   1 
ATOM   801  N  N     . ILE A 1 115 ? -2.205  -1.331  -12.939 1.00 11.55 ? 110  ILE A N     1 
ATOM   802  C  CA    . ILE A 1 115 ? -0.788  -1.016  -12.777 1.00 11.76 ? 110  ILE A CA    1 
ATOM   803  C  C     . ILE A 1 115 ? 0.022   -1.490  -13.981 1.00 11.71 ? 110  ILE A C     1 
ATOM   804  O  O     . ILE A 1 115 ? 0.825   -0.737  -14.532 1.00 11.64 ? 110  ILE A O     1 
ATOM   805  C  CB    . ILE A 1 115 ? -0.212  -1.620  -11.486 1.00 11.53 ? 110  ILE A CB    1 
ATOM   806  C  CG1   . ILE A 1 115 ? -0.800  -0.920  -10.255 1.00 11.46 ? 110  ILE A CG1   1 
ATOM   807  C  CG2   . ILE A 1 115 ? 1.325   -1.543  -11.481 1.00 13.33 ? 110  ILE A CG2   1 
ATOM   808  C  CD1   . ILE A 1 115 ? -0.665  -1.727  -8.992  1.00 12.53 ? 110  ILE A CD1   1 
ATOM   809  N  N     . LEU A 1 116 ? -0.190  -2.736  -14.397 1.00 11.66 ? 111  LEU A N     1 
ATOM   810  C  CA    . LEU A 1 116 ? 0.555   -3.260  -15.534 1.00 12.22 ? 111  LEU A CA    1 
ATOM   811  C  C     . LEU A 1 116 ? 0.225   -2.514  -16.830 1.00 12.64 ? 111  LEU A C     1 
ATOM   812  O  O     . LEU A 1 116 ? 1.102   -2.329  -17.672 1.00 12.71 ? 111  LEU A O     1 
ATOM   813  C  CB    . LEU A 1 116 ? 0.351   -4.771  -15.671 1.00 11.90 ? 111  LEU A CB    1 
ATOM   814  C  CG    . LEU A 1 116 ? 0.915   -5.629  -14.521 1.00 11.96 ? 111  LEU A CG    1 
ATOM   815  C  CD1   . LEU A 1 116 ? 0.857   -7.101  -14.911 1.00 13.99 ? 111  LEU A CD1   1 
ATOM   816  C  CD2   . LEU A 1 116 ? 2.334   -5.239  -14.137 1.00 12.82 ? 111  LEU A CD2   1 
ATOM   817  N  N     . ARG A 1 117 ? -1.019  -2.059  -16.972 1.00 13.18 ? 112  ARG A N     1 
ATOM   818  C  CA    . ARG A 1 117 ? -1.410  -1.271  -18.140 1.00 14.66 ? 112  ARG A CA    1 
ATOM   819  C  C     . ARG A 1 117 ? -0.719  0.097   -18.181 1.00 15.28 ? 112  ARG A C     1 
ATOM   820  O  O     . ARG A 1 117 ? -0.208  0.509   -19.226 1.00 15.79 ? 112  ARG A O     1 
ATOM   821  C  CB    . ARG A 1 117 ? -2.928  -1.086  -18.207 1.00 14.78 ? 112  ARG A CB    1 
ATOM   822  C  CG    . ARG A 1 117 ? -3.355  -0.388  -19.489 1.00 16.05 ? 112  ARG A CG    1 
ATOM   823  C  CD    . ARG A 1 117 ? -4.837  -0.088  -19.549 1.00 17.63 ? 112  ARG A CD    1 
ATOM   824  N  NE    . ARG A 1 117 ? -5.252  0.122   -20.939 1.00 19.09 ? 112  ARG A NE    1 
ATOM   825  C  CZ    . ARG A 1 117 ? -6.329  0.806   -21.323 1.00 19.40 ? 112  ARG A CZ    1 
ATOM   826  N  NH1   . ARG A 1 117 ? -7.122  1.384   -20.428 1.00 19.16 ? 112  ARG A NH1   1 
ATOM   827  N  NH2   . ARG A 1 117 ? -6.606  0.926   -22.619 1.00 20.17 ? 112  ARG A NH2   1 
ATOM   828  N  N     . VAL A 1 118 ? -0.714  0.795   -17.050 1.00 15.58 ? 113  VAL A N     1 
ATOM   829  C  CA    . VAL A 1 118 ? -0.070  2.106   -16.947 1.00 16.48 ? 113  VAL A CA    1 
ATOM   830  C  C     . VAL A 1 118 ? 1.439   2.014   -17.209 1.00 16.46 ? 113  VAL A C     1 
ATOM   831  O  O     . VAL A 1 118 ? 2.021   2.874   -17.879 1.00 17.12 ? 113  VAL A O     1 
ATOM   832  C  CB    . VAL A 1 118 ? -0.356  2.765   -15.573 1.00 16.38 ? 113  VAL A CB    1 
ATOM   833  C  CG1   . VAL A 1 118 ? 0.526   3.987   -15.350 1.00 17.78 ? 113  VAL A CG1   1 
ATOM   834  C  CG2   . VAL A 1 118 ? -1.834  3.146   -15.458 1.00 17.40 ? 113  VAL A CG2   1 
ATOM   835  N  N     . LYS A 1 119 ? 2.053   0.953   -16.699 1.00 16.44 ? 114  LYS A N     1 
ATOM   836  C  CA    . LYS A 1 119 ? 3.489   0.742   -16.833 1.00 16.71 ? 114  LYS A CA    1 
ATOM   837  C  C     . LYS A 1 119 ? 3.889   0.106   -18.156 1.00 17.45 ? 114  LYS A C     1 
ATOM   838  O  O     . LYS A 1 119 ? 5.059   0.157   -18.535 1.00 17.63 ? 114  LYS A O     1 
ATOM   839  C  CB    . LYS A 1 119 ? 3.997   -0.116  -15.674 1.00 16.61 ? 114  LYS A CB    1 
ATOM   840  C  CG    . LYS A 1 119 ? 3.986   0.599   -14.349 1.00 15.65 ? 114  LYS A CG    1 
ATOM   841  C  CD    . LYS A 1 119 ? 4.863   1.828   -14.415 1.00 15.64 ? 114  LYS A CD    1 
ATOM   842  C  CE    . LYS A 1 119 ? 5.016   2.446   -13.060 1.00 15.15 ? 114  LYS A CE    1 
ATOM   843  N  NZ    . LYS A 1 119 ? 5.965   3.582   -13.114 1.00 15.10 ? 114  LYS A NZ    1 
ATOM   844  N  N     . ASP A 1 120 ? 2.919   -0.474  -18.859 1.00 17.60 ? 115  ASP A N     1 
ATOM   845  C  CA    . ASP A 1 120 ? 3.189   -1.294  -20.050 1.00 18.45 ? 115  ASP A CA    1 
ATOM   846  C  C     . ASP A 1 120 ? 4.309   -2.306  -19.760 1.00 18.04 ? 115  ASP A C     1 
ATOM   847  O  O     . ASP A 1 120 ? 5.313   -2.399  -20.483 1.00 18.70 ? 115  ASP A O     1 
ATOM   848  C  CB    . ASP A 1 120 ? 3.478   -0.428  -21.290 1.00 19.22 ? 115  ASP A CB    1 
ATOM   849  C  CG    . ASP A 1 120 ? 3.546   -1.244  -22.582 1.00 21.34 ? 115  ASP A CG    1 
ATOM   850  O  OD1   . ASP A 1 120 ? 2.867   -2.293  -22.688 1.00 24.03 ? 115  ASP A OD1   1 
ATOM   851  O  OD2   . ASP A 1 120 ? 4.295   -0.829  -23.493 1.00 24.94 ? 115  ASP A OD2   1 
ATOM   852  N  N     . ARG A 1 121 ? 4.128   -3.038  -18.662 1.00 17.24 ? 116  ARG A N     1 
ATOM   853  C  CA    . ARG A 1 121 ? 5.018   -4.117  -18.260 1.00 16.47 ? 116  ARG A CA    1 
ATOM   854  C  C     . ARG A 1 121 ? 4.180   -5.320  -17.846 1.00 15.77 ? 116  ARG A C     1 
ATOM   855  O  O     . ARG A 1 121 ? 3.000   -5.181  -17.504 1.00 16.15 ? 116  ARG A O     1 
ATOM   856  C  CB    . ARG A 1 121 ? 5.920   -3.688  -17.090 1.00 16.84 ? 116  ARG A CB    1 
ATOM   857  C  CG    . ARG A 1 121 ? 6.903   -2.559  -17.392 1.00 18.66 ? 116  ARG A CG    1 
ATOM   858  C  CD    . ARG A 1 121 ? 7.966   -2.975  -18.402 1.00 21.87 ? 116  ARG A CD    1 
ATOM   859  N  NE    . ARG A 1 121 ? 8.978   -1.939  -18.606 1.00 24.33 ? 116  ARG A NE    1 
ATOM   860  C  CZ    . ARG A 1 121 ? 8.860   -0.913  -19.449 1.00 25.47 ? 116  ARG A CZ    1 
ATOM   861  N  NH1   . ARG A 1 121 ? 9.847   -0.032  -19.552 1.00 26.18 ? 116  ARG A NH1   1 
ATOM   862  N  NH2   . ARG A 1 121 ? 7.764   -0.757  -20.186 1.00 26.29 ? 116  ARG A NH2   1 
ATOM   863  N  N     . GLU A 1 122 ? 4.795   -6.494  -17.864 1.00 14.56 ? 117  GLU A N     1 
ATOM   864  C  CA    . GLU A 1 122 ? 4.092   -7.722  -17.509 1.00 13.85 ? 117  GLU A CA    1 
ATOM   865  C  C     . GLU A 1 122 ? 4.285   -8.124  -16.043 1.00 13.52 ? 117  GLU A C     1 
ATOM   866  O  O     . GLU A 1 122 ? 3.633   -9.040  -15.545 1.00 13.97 ? 117  GLU A O     1 
ATOM   867  C  CB    . GLU A 1 122 ? 4.472   -8.848  -18.477 1.00 13.96 ? 117  GLU A CB    1 
ATOM   868  C  CG    . GLU A 1 122 ? 3.896   -8.609  -19.873 1.00 14.66 ? 117  GLU A CG    1 
ATOM   869  C  CD    . GLU A 1 122 ? 4.311   -9.645  -20.903 1.00 15.26 ? 117  GLU A CD    1 
ATOM   870  O  OE1   . GLU A 1 122 ? 4.304   -9.300  -22.105 1.00 16.79 ? 117  GLU A OE1   1 
ATOM   871  O  OE2   . GLU A 1 122 ? 4.642   -10.782 -20.519 1.00 16.12 ? 117  GLU A OE2   1 
ATOM   872  N  N     . SER A 1 123 ? 5.196   -7.430  -15.369 1.00 12.91 ? 118  SER A N     1 
ATOM   873  C  CA    . SER A 1 123 ? 5.351   -7.510  -13.920 1.00 13.06 ? 118  SER A CA    1 
ATOM   874  C  C     . SER A 1 123 ? 5.917   -6.171  -13.476 1.00 12.10 ? 118  SER A C     1 
ATOM   875  O  O     . SER A 1 123 ? 6.506   -5.441  -14.270 1.00 12.32 ? 118  SER A O     1 
ATOM   876  C  CB    . SER A 1 123 ? 6.280   -8.648  -13.506 1.00 13.55 ? 118  SER A CB    1 
ATOM   877  O  OG    . SER A 1 123 ? 7.607   -8.409  -13.927 1.00 15.91 ? 118  SER A OG    1 
ATOM   878  N  N     . PHE A 1 124 ? 5.720   -5.846  -12.203 1.00 10.93 ? 119  PHE A N     1 
ATOM   879  C  CA    . PHE A 1 124 ? 6.218   -4.594  -11.642 1.00 9.85  ? 119  PHE A CA    1 
ATOM   880  C  C     . PHE A 1 124 ? 6.217   -4.692  -10.120 1.00 9.49  ? 119  PHE A C     1 
ATOM   881  O  O     . PHE A 1 124 ? 5.347   -5.345  -9.560  1.00 9.25  ? 119  PHE A O     1 
ATOM   882  C  CB    . PHE A 1 124 ? 5.368   -3.417  -12.111 1.00 9.68  ? 119  PHE A CB    1 
ATOM   883  C  CG    . PHE A 1 124 ? 6.062   -2.114  -11.970 1.00 9.69  ? 119  PHE A CG    1 
ATOM   884  C  CD1   . PHE A 1 124 ? 5.867   -1.325  -10.840 1.00 10.29 ? 119  PHE A CD1   1 
ATOM   885  C  CD2   . PHE A 1 124 ? 6.955   -1.689  -12.945 1.00 9.31  ? 119  PHE A CD2   1 
ATOM   886  C  CE1   . PHE A 1 124 ? 6.542   -0.121  -10.689 1.00 10.37 ? 119  PHE A CE1   1 
ATOM   887  C  CE2   . PHE A 1 124 ? 7.637   -0.489  -12.803 1.00 11.63 ? 119  PHE A CE2   1 
ATOM   888  C  CZ    . PHE A 1 124 ? 7.430   0.299   -11.672 1.00 10.19 ? 119  PHE A CZ    1 
ATOM   889  N  N     . PRO A 1 125 ? 7.191   -4.058  -9.436  1.00 8.89  ? 120  PRO A N     1 
ATOM   890  C  CA    . PRO A 1 125 ? 7.229   -4.201  -7.972  1.00 8.70  ? 120  PRO A CA    1 
ATOM   891  C  C     . PRO A 1 125 ? 5.906   -3.859  -7.271  1.00 8.30  ? 120  PRO A C     1 
ATOM   892  O  O     . PRO A 1 125 ? 5.374   -2.753  -7.423  1.00 7.59  ? 120  PRO A O     1 
ATOM   893  C  CB    . PRO A 1 125 ? 8.333   -3.229  -7.570  1.00 8.71  ? 120  PRO A CB    1 
ATOM   894  C  CG    . PRO A 1 125 ? 9.285   -3.308  -8.725  1.00 9.28  ? 120  PRO A CG    1 
ATOM   895  C  CD    . PRO A 1 125 ? 8.421   -3.415  -9.947  1.00 9.31  ? 120  PRO A CD    1 
ATOM   896  N  N     . MET A 1 126 ? 5.397   -4.837  -6.519  1.00 7.88  ? 121  MET A N     1 
ATOM   897  C  CA    . MET A 1 126 ? 4.092   -4.753  -5.847  1.00 8.28  ? 121  MET A CA    1 
ATOM   898  C  C     . MET A 1 126 ? 4.093   -5.627  -4.619  1.00 7.91  ? 121  MET A C     1 
ATOM   899  O  O     . MET A 1 126 ? 4.710   -6.694  -4.618  1.00 8.12  ? 121  MET A O     1 
ATOM   900  C  CB    . MET A 1 126 ? 2.958   -5.330  -6.704  1.00 10.06 ? 121  MET A CB    1 
ATOM   901  C  CG    . MET A 1 126 ? 2.668   -4.724  -8.025  1.00 10.54 ? 121  MET A CG    1 
ATOM   902  S  SD    . MET A 1 126 ? 1.583   -5.896  -8.860  1.00 12.10 ? 121  MET A SD    1 
ATOM   903  C  CE    . MET A 1 126 ? 1.370   -5.060  -10.421 1.00 16.40 ? 121  MET A CE    1 
ATOM   904  N  N     . ILE A 1 127 ? 3.343   -5.208  -3.598  1.00 7.05  ? 122  ILE A N     1 
ATOM   905  C  CA    . ILE A 1 127 ? 3.037   -6.055  -2.453  1.00 7.01  ? 122  ILE A CA    1 
ATOM   906  C  C     . ILE A 1 127 ? 1.534   -5.995  -2.230  1.00 6.27  ? 122  ILE A C     1 
ATOM   907  O  O     . ILE A 1 127 ? 0.934   -4.921  -2.350  1.00 6.43  ? 122  ILE A O     1 
ATOM   908  C  CB    . ILE A 1 127 ? 3.813   -5.607  -1.200  1.00 7.17  ? 122  ILE A CB    1 
ATOM   909  C  CG1   . ILE A 1 127 ? 5.312   -5.816  -1.462  1.00 9.31  ? 122  ILE A CG1   1 
ATOM   910  C  CG2   . ILE A 1 127 ? 3.330   -6.353  0.053   1.00 8.26  ? 122  ILE A CG2   1 
ATOM   911  C  CD1   . ILE A 1 127 ? 6.191   -5.586  -0.284  1.00 11.45 ? 122  ILE A CD1   1 
ATOM   912  N  N     . LEU A 1 128 ? 0.926   -7.148  -1.945  1.00 6.37  ? 123  LEU A N     1 
ATOM   913  C  CA    . LEU A 1 128 ? -0.480  -7.232  -1.604  1.00 5.90  ? 123  LEU A CA    1 
ATOM   914  C  C     . LEU A 1 128 ? -0.619  -7.064  -0.097  1.00 5.74  ? 123  LEU A C     1 
ATOM   915  O  O     . LEU A 1 128 ? -0.021  -7.815  0.674   1.00 5.59  ? 123  LEU A O     1 
ATOM   916  C  CB    . LEU A 1 128 ? -1.051  -8.576  -2.048  1.00 6.38  ? 123  LEU A CB    1 
ATOM   917  C  CG    . LEU A 1 128 ? -2.556  -8.707  -1.800  1.00 6.50  ? 123  LEU A CG    1 
ATOM   918  C  CD1   . LEU A 1 128 ? -3.328  -7.629  -2.524  1.00 7.40  ? 123  LEU A CD1   1 
ATOM   919  C  CD2   . LEU A 1 128 ? -3.038  -10.092 -2.195  1.00 7.08  ? 123  LEU A CD2   1 
ATOM   920  N  N     . VAL A 1 129 ? -1.433  -6.081  0.295   1.00 5.36  ? 124  VAL A N     1 
ATOM   921  C  CA    . VAL A 1 129 ? -1.556  -5.669  1.692   1.00 5.76  ? 124  VAL A CA    1 
ATOM   922  C  C     . VAL A 1 129 ? -2.978  -5.884  2.173   1.00 5.65  ? 124  VAL A C     1 
ATOM   923  O  O     . VAL A 1 129 ? -3.903  -5.240  1.674   1.00 5.99  ? 124  VAL A O     1 
ATOM   924  C  CB    . VAL A 1 129 ? -1.147  -4.189  1.893   1.00 5.98  ? 124  VAL A CB    1 
ATOM   925  C  CG1   . VAL A 1 129 ? -1.229  -3.785  3.372   1.00 6.21  ? 124  VAL A CG1   1 
ATOM   926  C  CG2   . VAL A 1 129 ? 0.261   -3.953  1.356   1.00 6.24  ? 124  VAL A CG2   1 
ATOM   927  N  N     . ALA A 1 130 ? -3.138  -6.799  3.130   1.00 5.68  ? 125  ALA A N     1 
ATOM   928  C  CA    . ALA A 1 130 ? -4.428  -7.096  3.742   1.00 5.96  ? 125  ALA A CA    1 
ATOM   929  C  C     . ALA A 1 130 ? -4.523  -6.300  5.041   1.00 5.43  ? 125  ALA A C     1 
ATOM   930  O  O     . ALA A 1 130 ? -3.925  -6.671  6.053   1.00 5.90  ? 125  ALA A O     1 
ATOM   931  C  CB    . ALA A 1 130 ? -4.544  -8.594  4.005   1.00 6.81  ? 125  ALA A CB    1 
ATOM   932  N  N     . ASN A 1 131 ? -5.279  -5.205  5.002   1.00 5.48  ? 126  ASN A N     1 
ATOM   933  C  CA    . ASN A 1 131 ? -5.329  -4.271  6.115   1.00 5.15  ? 126  ASN A CA    1 
ATOM   934  C  C     . ASN A 1 131 ? -6.539  -4.519  7.009   1.00 5.15  ? 126  ASN A C     1 
ATOM   935  O  O     . ASN A 1 131 ? -7.505  -5.179  6.606   1.00 5.64  ? 126  ASN A O     1 
ATOM   936  C  CB    . ASN A 1 131 ? -5.290  -2.813  5.614   1.00 5.34  ? 126  ASN A CB    1 
ATOM   937  C  CG    . ASN A 1 131 ? -5.031  -1.823  6.731   1.00 4.11  ? 126  ASN A CG    1 
ATOM   938  O  OD1   . ASN A 1 131 ? -4.167  -2.051  7.589   1.00 4.98  ? 126  ASN A OD1   1 
ATOM   939  N  ND2   . ASN A 1 131 ? -5.802  -0.738  6.749   1.00 5.16  ? 126  ASN A ND2   1 
ATOM   940  N  N     . LYS A 1 132 ? -6.469  -3.969  8.221   1.00 5.89  ? 127  LYS A N     1 
ATOM   941  C  CA    . LYS A 1 132 ? -7.561  -4.006  9.214   1.00 5.99  ? 127  LYS A CA    1 
ATOM   942  C  C     . LYS A 1 132 ? -7.683  -5.346  9.933   1.00 6.29  ? 127  LYS A C     1 
ATOM   943  O  O     . LYS A 1 132 ? -8.744  -5.691  10.450  1.00 6.82  ? 127  LYS A O     1 
ATOM   944  C  CB    . LYS A 1 132 ? -8.928  -3.560  8.649   1.00 6.47  ? 127  LYS A CB    1 
ATOM   945  C  CG    . LYS A 1 132 ? -8.914  -2.234  7.914   1.00 6.16  ? 127  LYS A CG    1 
ATOM   946  C  CD    . LYS A 1 132 ? -10.299 -1.635  7.865   1.00 6.56  ? 127  LYS A CD    1 
ATOM   947  C  CE    . LYS A 1 132 ? -10.329 -0.384  6.996   1.00 6.02  ? 127  LYS A CE    1 
ATOM   948  N  NZ    . LYS A 1 132 ? -11.722 0.182   6.898   1.00 6.24  ? 127  LYS A NZ    1 
ATOM   949  N  N     . VAL A 1 133 ? -6.586  -6.096  9.990   1.00 6.71  ? 128  VAL A N     1 
ATOM   950  C  CA    . VAL A 1 133 ? -6.646  -7.429  10.599  1.00 7.75  ? 128  VAL A CA    1 
ATOM   951  C  C     . VAL A 1 133 ? -6.894  -7.411  12.107  1.00 7.79  ? 128  VAL A C     1 
ATOM   952  O  O     . VAL A 1 133 ? -7.213  -8.453  12.686  1.00 8.98  ? 128  VAL A O     1 
ATOM   953  C  CB    . VAL A 1 133 ? -5.424  -8.299  10.244  1.00 7.45  ? 128  VAL A CB    1 
ATOM   954  C  CG1   . VAL A 1 133 ? -5.286  -8.411  8.733   1.00 7.92  ? 128  VAL A CG1   1 
ATOM   955  C  CG2   . VAL A 1 133 ? -4.154  -7.759  10.852  1.00 7.94  ? 128  VAL A CG2   1 
ATOM   956  N  N     . ASP A 1 134 ? -6.805  -6.235  12.732  1.00 7.71  ? 129  ASP A N     1 
ATOM   957  C  CA    . ASP A 1 134 ? -7.198  -6.077  14.136  1.00 7.85  ? 129  ASP A CA    1 
ATOM   958  C  C     . ASP A 1 134 ? -8.693  -6.331  14.353  1.00 8.30  ? 129  ASP A C     1 
ATOM   959  O  O     . ASP A 1 134 ? -9.113  -6.618  15.477  1.00 8.94  ? 129  ASP A O     1 
ATOM   960  C  CB    . ASP A 1 134 ? -6.846  -4.680  14.640  1.00 8.03  ? 129  ASP A CB    1 
ATOM   961  C  CG    . ASP A 1 134 ? -7.501  -3.595  13.817  1.00 7.67  ? 129  ASP A CG    1 
ATOM   962  O  OD1   . ASP A 1 134 ? -6.990  -3.281  12.716  1.00 7.53  ? 129  ASP A OD1   1 
ATOM   963  O  OD2   . ASP A 1 134 ? -8.529  -3.055  14.272  1.00 8.74  ? 129  ASP A OD2   1 
ATOM   964  N  N     . LEU A 1 135 ? -9.494  -6.206  13.294  1.00 8.36  ? 130  LEU A N     1 
ATOM   965  C  CA    . LEU A 1 135 ? -10.941 -6.386  13.419  1.00 8.67  ? 130  LEU A CA    1 
ATOM   966  C  C     . LEU A 1 135 ? -11.330 -7.854  13.312  1.00 9.33  ? 130  LEU A C     1 
ATOM   967  O  O     . LEU A 1 135 ? -11.995 -8.275  12.366  1.00 9.48  ? 130  LEU A O     1 
ATOM   968  C  CB    . LEU A 1 135 ? -11.690 -5.542  12.383  1.00 8.45  ? 130  LEU A CB    1 
ATOM   969  C  CG    . LEU A 1 135 ? -11.494 -4.029  12.529  1.00 8.36  ? 130  LEU A CG    1 
ATOM   970  C  CD1   . LEU A 1 135 ? -12.112 -3.331  11.353  1.00 8.37  ? 130  LEU A CD1   1 
ATOM   971  C  CD2   . LEU A 1 135 ? -12.088 -3.483  13.818  1.00 9.41  ? 130  LEU A CD2   1 
ATOM   972  N  N     . MET A 1 136 ? -10.927 -8.622  14.317  1.00 11.31 ? 131  MET A N     1 
ATOM   973  C  CA    . MET A 1 136 ? -11.017 -10.078 14.244  1.00 13.00 ? 131  MET A CA    1 
ATOM   974  C  C     . MET A 1 136 ? -12.435 -10.608 14.024  1.00 12.89 ? 131  MET A C     1 
ATOM   975  O  O     . MET A 1 136 ? -12.646 -11.481 13.185  1.00 13.65 ? 131  MET A O     1 
ATOM   976  C  CB    . MET A 1 136 ? -10.360 -10.718 15.466  1.00 14.76 ? 131  MET A CB    1 
ATOM   977  C  CG    . MET A 1 136 ? -8.862  -10.439 15.543  1.00 18.85 ? 131  MET A CG    1 
ATOM   978  S  SD    . MET A 1 136 ? -7.960  -11.535 16.651  1.00 27.83 ? 131  MET A SD    1 
ATOM   979  C  CE    . MET A 1 136 ? -8.450  -13.146 16.024  1.00 25.42 ? 131  MET A CE    1 
ATOM   980  N  N     . HIS A 1 137 ? -13.411 -10.051 14.736  1.00 12.36 ? 132  HIS A N     1 
ATOM   981  C  CA    . HIS A 1 137 ? -14.784 -10.542 14.620  1.00 12.39 ? 132  HIS A CA    1 
ATOM   982  C  C     . HIS A 1 137 ? -15.493 -10.070 13.356  1.00 11.86 ? 132  HIS A C     1 
ATOM   983  O  O     . HIS A 1 137 ? -16.551 -10.596 13.004  1.00 12.38 ? 132  HIS A O     1 
ATOM   984  C  CB    . HIS A 1 137 ? -15.612 -10.156 15.843  1.00 12.81 ? 132  HIS A CB    1 
ATOM   985  C  CG    . HIS A 1 137 ? -15.117 -10.753 17.118  1.00 14.14 ? 132  HIS A CG    1 
ATOM   986  N  ND1   . HIS A 1 137 ? -15.286 -12.085 17.434  1.00 16.06 ? 132  HIS A ND1   1 
ATOM   987  C  CD2   . HIS A 1 137 ? -14.456 -10.197 18.159  1.00 15.23 ? 132  HIS A CD2   1 
ATOM   988  C  CE1   . HIS A 1 137 ? -14.752 -12.322 18.619  1.00 16.38 ? 132  HIS A CE1   1 
ATOM   989  N  NE2   . HIS A 1 137 ? -14.242 -11.194 19.079  1.00 16.25 ? 132  HIS A NE2   1 
ATOM   990  N  N     . LEU A 1 138 ? -14.900 -9.094  12.674  1.00 10.29 ? 133  LEU A N     1 
ATOM   991  C  CA    . LEU A 1 138 ? -15.490 -8.514  11.474  1.00 10.10 ? 133  LEU A CA    1 
ATOM   992  C  C     . LEU A 1 138 ? -14.827 -9.006  10.194  1.00 9.41  ? 133  LEU A C     1 
ATOM   993  O  O     . LEU A 1 138 ? -15.260 -8.656  9.105   1.00 9.76  ? 133  LEU A O     1 
ATOM   994  C  CB    . LEU A 1 138 ? -15.417 -6.982  11.542  1.00 10.00 ? 133  LEU A CB    1 
ATOM   995  C  CG    . LEU A 1 138 ? -16.167 -6.264  12.670  1.00 9.84  ? 133  LEU A CG    1 
ATOM   996  C  CD1   . LEU A 1 138 ? -15.997 -4.759  12.574  1.00 10.80 ? 133  LEU A CD1   1 
ATOM   997  C  CD2   . LEU A 1 138 ? -17.648 -6.623  12.619  1.00 11.38 ? 133  LEU A CD2   1 
ATOM   998  N  N     . ARG A 1 139 ? -13.777 -9.809  10.340  1.00 9.72  ? 134  ARG A N     1 
ATOM   999  C  CA    . ARG A 1 139 ? -12.993 -10.261 9.200   1.00 9.12  ? 134  ARG A CA    1 
ATOM   1000 C  C     . ARG A 1 139 ? -13.817 -11.125 8.245   1.00 9.14  ? 134  ARG A C     1 
ATOM   1001 O  O     . ARG A 1 139 ? -14.508 -12.060 8.674   1.00 9.47  ? 134  ARG A O     1 
ATOM   1002 C  CB    . ARG A 1 139 ? -11.760 -11.020 9.678   1.00 9.55  ? 134  ARG A CB    1 
ATOM   1003 C  CG    . ARG A 1 139 ? -10.810 -11.376 8.567   1.00 8.03  ? 134  ARG A CG    1 
ATOM   1004 C  CD    . ARG A 1 139 ? -9.453  -11.758 9.079   1.00 8.88  ? 134  ARG A CD    1 
ATOM   1005 N  NE    . ARG A 1 139 ? -8.562  -11.945 7.939   1.00 8.63  ? 134  ARG A NE    1 
ATOM   1006 C  CZ    . ARG A 1 139 ? -7.236  -12.017 7.995   1.00 8.91  ? 134  ARG A CZ    1 
ATOM   1007 N  NH1   . ARG A 1 139 ? -6.555  -12.181 6.864   1.00 9.79  ? 134  ARG A NH1   1 
ATOM   1008 N  NH2   . ARG A 1 139 ? -6.595  -11.915 9.155   1.00 10.57 ? 134  ARG A NH2   1 
ATOM   1009 N  N     . LYS A 1 140 ? -13.752 -10.801 6.958   1.00 8.89  ? 135  LYS A N     1 
ATOM   1010 C  CA    . LYS A 1 140 ? -14.462 -11.544 5.920   1.00 9.42  ? 135  LYS A CA    1 
ATOM   1011 C  C     . LYS A 1 140 ? -13.520 -12.322 5.011   1.00 9.50  ? 135  LYS A C     1 
ATOM   1012 O  O     . LYS A 1 140 ? -13.881 -13.394 4.517   1.00 11.78 ? 135  LYS A O     1 
ATOM   1013 C  CB    . LYS A 1 140 ? -15.304 -10.606 5.059   1.00 9.16  ? 135  LYS A CB    1 
ATOM   1014 C  CG    . LYS A 1 140 ? -16.413 -9.877  5.773   1.00 10.63 ? 135  LYS A CG    1 
ATOM   1015 C  CD    . LYS A 1 140 ? -17.267 -9.182  4.728   1.00 12.95 ? 135  LYS A CD    1 
ATOM   1016 C  CE    . LYS A 1 140 ? -18.536 -8.577  5.291   1.00 15.32 ? 135  LYS A CE    1 
ATOM   1017 N  NZ    . LYS A 1 140 ? -18.228 -7.419  6.162   1.00 14.83 ? 135  LYS A NZ    1 
ATOM   1018 N  N     . VAL A 1 141 ? -12.335 -11.771 4.754   1.00 8.59  ? 136  VAL A N     1 
ATOM   1019 C  CA    . VAL A 1 141 ? -11.371 -12.367 3.828   1.00 8.42  ? 136  VAL A CA    1 
ATOM   1020 C  C     . VAL A 1 141 ? -10.302 -13.072 4.639   1.00 8.74  ? 136  VAL A C     1 
ATOM   1021 O  O     . VAL A 1 141 ? -9.663  -12.458 5.479   1.00 8.88  ? 136  VAL A O     1 
ATOM   1022 C  CB    . VAL A 1 141 ? -10.731 -11.298 2.915   1.00 8.32  ? 136  VAL A CB    1 
ATOM   1023 C  CG1   . VAL A 1 141 ? -9.792  -11.947 1.902   1.00 7.75  ? 136  VAL A CG1   1 
ATOM   1024 C  CG2   . VAL A 1 141 ? -11.796 -10.499 2.199   1.00 8.92  ? 136  VAL A CG2   1 
ATOM   1025 N  N     . THR A 1 142 ? -10.117 -14.367 4.394   1.00 8.83  ? 137  THR A N     1 
ATOM   1026 C  CA    . THR A 1 142 ? -9.212  -15.162 5.216   1.00 9.64  ? 137  THR A CA    1 
ATOM   1027 C  C     . THR A 1 142 ? -7.757  -14.922 4.835   1.00 9.15  ? 137  THR A C     1 
ATOM   1028 O  O     . THR A 1 142 ? -7.468  -14.454 3.733   1.00 8.54  ? 137  THR A O     1 
ATOM   1029 C  CB    . THR A 1 142 ? -9.504  -16.671 5.110   1.00 9.80  ? 137  THR A CB    1 
ATOM   1030 O  OG1   . THR A 1 142 ? -9.144  -17.144 3.811   1.00 11.81 ? 137  THR A OG1   1 
ATOM   1031 C  CG2   . THR A 1 142 ? -10.976 -16.990 5.397   1.00 12.02 ? 137  THR A CG2   1 
ATOM   1032 N  N     . ARG A 1 143 ? -6.866  -15.253 5.764   1.00 10.12 ? 138  ARG A N     1 
ATOM   1033 C  CA    . ARG A 1 143 ? -5.420  -15.221 5.555   1.00 11.04 ? 138  ARG A CA    1 
ATOM   1034 C  C     . ARG A 1 143 ? -5.016  -16.048 4.333   1.00 11.26 ? 138  ARG A C     1 
ATOM   1035 O  O     . ARG A 1 143 ? -4.247  -15.587 3.494   1.00 11.13 ? 138  ARG A O     1 
ATOM   1036 C  CB    . ARG A 1 143 ? -4.725  -15.741 6.817   1.00 11.40 ? 138  ARG A CB    1 
ATOM   1037 C  CG    . ARG A 1 143 ? -3.195  -15.748 6.823   1.00 12.49 ? 138  ARG A CG    1 
ATOM   1038 C  CD    . ARG A 1 143 ? -2.663  -16.261 8.170   1.00 14.39 ? 138  ARG A CD    1 
ATOM   1039 N  NE    . ARG A 1 143 ? -3.179  -15.491 9.302   1.00 15.62 ? 138  ARG A NE    1 
ATOM   1040 C  CZ    . ARG A 1 143 ? -2.609  -14.393 9.794   1.00 16.32 ? 138  ARG A CZ    1 
ATOM   1041 N  NH1   . ARG A 1 143 ? -1.481  -13.926 9.274   1.00 16.30 ? 138  ARG A NH1   1 
ATOM   1042 N  NH2   . ARG A 1 143 ? -3.169  -13.763 10.820  1.00 17.30 ? 138  ARG A NH2   1 
ATOM   1043 N  N     . ASP A 1 144 ? -5.554  -17.261 4.227   1.00 11.43 ? 139  ASP A N     1 
ATOM   1044 C  CA    . ASP A 1 144 ? -5.209  -18.151 3.120   1.00 11.95 ? 139  ASP A CA    1 
ATOM   1045 C  C     . ASP A 1 144 ? -5.768  -17.646 1.778   1.00 11.19 ? 139  ASP A C     1 
ATOM   1046 O  O     . ASP A 1 144 ? -5.116  -17.789 0.740   1.00 11.53 ? 139  ASP A O     1 
ATOM   1047 C  CB    . ASP A 1 144 ? -5.615  -19.604 3.430   1.00 13.17 ? 139  ASP A CB    1 
ATOM   1048 C  CG    . ASP A 1 144 ? -4.742  -20.242 4.506   1.00 16.06 ? 139  ASP A CG    1 
ATOM   1049 O  OD1   . ASP A 1 144 ? -5.158  -21.276 5.071   1.00 19.87 ? 139  ASP A OD1   1 
ATOM   1050 O  OD2   . ASP A 1 144 ? -3.648  -19.708 4.792   1.00 21.16 ? 139  ASP A OD2   1 
ATOM   1051 N  N     . GLN A 1 145 ? -6.936  -16.997 1.809   1.00 11.07 ? 140  GLN A N     1 
ATOM   1052 C  CA    . GLN A 1 145 ? -7.473  -16.339 0.613   1.00 10.53 ? 140  GLN A CA    1 
ATOM   1053 C  C     . GLN A 1 145 ? -6.533  -15.252 0.090   1.00 10.24 ? 140  GLN A C     1 
ATOM   1054 O  O     . GLN A 1 145 ? -6.292  -15.162 -1.114  1.00 9.98  ? 140  GLN A O     1 
ATOM   1055 C  CB    . GLN A 1 145 ? -8.835  -15.707 0.889   1.00 11.63 ? 140  GLN A CB    1 
ATOM   1056 C  CG    . GLN A 1 145 ? -10.030 -16.603 0.686   1.00 13.95 ? 140  GLN A CG    1 
ATOM   1057 C  CD    . GLN A 1 145 ? -11.319 -15.836 0.896   1.00 16.32 ? 140  GLN A CD    1 
ATOM   1058 O  OE1   . GLN A 1 145 ? -11.565 -15.304 1.979   1.00 14.61 ? 140  GLN A OE1   1 
ATOM   1059 N  NE2   . GLN A 1 145 ? -12.137 -15.747 -0.147  1.00 19.31 ? 140  GLN A NE2   1 
ATOM   1060 N  N     . GLY A 1 146 ? -6.011  -14.436 1.007   1.00 9.47  ? 141  GLY A N     1 
ATOM   1061 C  CA    . GLY A 1 146 ? -5.044  -13.399 0.658   1.00 9.43  ? 141  GLY A CA    1 
ATOM   1062 C  C     . GLY A 1 146 ? -3.775  -13.988 0.073   1.00 9.54  ? 141  GLY A C     1 
ATOM   1063 O  O     . GLY A 1 146 ? -3.262  -13.501 -0.948  1.00 9.02  ? 141  GLY A O     1 
ATOM   1064 N  N     . LYS A 1 147 ? -3.267  -15.034 0.722   1.00 10.26 ? 142  LYS A N     1 
ATOM   1065 C  CA    . LYS A 1 147 ? -2.048  -15.706 0.265   1.00 11.06 ? 142  LYS A CA    1 
ATOM   1066 C  C     . LYS A 1 147 ? -2.228  -16.309 -1.116  1.00 11.68 ? 142  LYS A C     1 
ATOM   1067 O  O     . LYS A 1 147 ? -1.313  -16.260 -1.938  1.00 12.01 ? 142  LYS A O     1 
ATOM   1068 C  CB    . LYS A 1 147 ? -1.575  -16.753 1.279   1.00 11.49 ? 142  LYS A CB    1 
ATOM   1069 C  CG    . LYS A 1 147 ? -0.997  -16.133 2.531   1.00 12.08 ? 142  LYS A CG    1 
ATOM   1070 C  CD    . LYS A 1 147 ? -0.685  -17.144 3.625   1.00 14.24 ? 142  LYS A CD    1 
ATOM   1071 C  CE    . LYS A 1 147 ? -0.097  -16.442 4.851   1.00 15.85 ? 142  LYS A CE    1 
ATOM   1072 N  NZ    . LYS A 1 147 ? 0.192   -17.400 5.971   1.00 18.04 ? 142  LYS A NZ    1 
ATOM   1073 N  N     . GLU A 1 148 ? -3.413  -16.850 -1.377  1.00 11.97 ? 143  GLU A N     1 
ATOM   1074 C  CA    . GLU A 1 148 ? -3.738  -17.391 -2.693  1.00 12.31 ? 143  GLU A CA    1 
ATOM   1075 C  C     . GLU A 1 148 ? -3.697  -16.303 -3.769  1.00 12.06 ? 143  GLU A C     1 
ATOM   1076 O  O     . GLU A 1 148 ? -3.094  -16.490 -4.822  1.00 12.44 ? 143  GLU A O     1 
ATOM   1077 C  CB    . GLU A 1 148 ? -5.108  -18.083 -2.659  1.00 12.71 ? 143  GLU A CB    1 
ATOM   1078 C  CG    . GLU A 1 148 ? -5.652  -18.498 -4.031  1.00 14.26 ? 143  GLU A CG    1 
ATOM   1079 C  CD    . GLU A 1 148 ? -4.940  -19.694 -4.664  1.00 17.57 ? 143  GLU A CD    1 
ATOM   1080 O  OE1   . GLU A 1 148 ? -4.016  -20.275 -4.050  1.00 18.45 ? 143  GLU A OE1   1 
ATOM   1081 O  OE2   . GLU A 1 148 ? -5.324  -20.056 -5.797  1.00 19.16 ? 143  GLU A OE2   1 
ATOM   1082 N  N     . MET A 1 149 ? -4.326  -15.161 -3.484  1.00 11.66 ? 144  MET A N     1 
ATOM   1083 C  CA    . MET A 1 149 ? -4.341  -14.021 -4.397  1.00 10.97 ? 144  MET A CA    1 
ATOM   1084 C  C     . MET A 1 149 ? -2.919  -13.519 -4.720  1.00 10.58 ? 144  MET A C     1 
ATOM   1085 O  O     . MET A 1 149 ? -2.590  -13.257 -5.884  1.00 10.82 ? 144  MET A O     1 
ATOM   1086 C  CB    . MET A 1 149 ? -5.178  -12.884 -3.789  1.00 11.08 ? 144  MET A CB    1 
ATOM   1087 C  CG    . MET A 1 149 ? -5.268  -11.616 -4.638  1.00 11.85 ? 144  MET A CG    1 
ATOM   1088 S  SD    . MET A 1 149 ? -6.224  -11.750 -6.153  1.00 14.03 ? 144  MET A SD    1 
ATOM   1089 C  CE    . MET A 1 149 ? -7.890  -11.569 -5.511  1.00 14.16 ? 144  MET A CE    1 
ATOM   1090 N  N     . ALA A 1 150 ? -2.090  -13.386 -3.689  1.00 9.99  ? 145  ALA A N     1 
ATOM   1091 C  CA    . ALA A 1 150 ? -0.710  -12.952 -3.866  1.00 10.40 ? 145  ALA A CA    1 
ATOM   1092 C  C     . ALA A 1 150 ? 0.078   -13.961 -4.707  1.00 10.88 ? 145  ALA A C     1 
ATOM   1093 O  O     . ALA A 1 150 ? 0.788   -13.585 -5.638  1.00 11.22 ? 145  ALA A O     1 
ATOM   1094 C  CB    . ALA A 1 150 ? -0.052  -12.752 -2.511  1.00 10.08 ? 145  ALA A CB    1 
ATOM   1095 N  N     . THR A 1 151 ? -0.062  -15.246 -4.379  1.00 11.44 ? 146  THR A N     1 
ATOM   1096 C  CA    . THR A 1 151 ? 0.686   -16.297 -5.072  1.00 12.64 ? 146  THR A CA    1 
ATOM   1097 C  C     . THR A 1 151 ? 0.298   -16.366 -6.551  1.00 12.58 ? 146  THR A C     1 
ATOM   1098 O  O     . THR A 1 151 ? 1.146   -16.585 -7.412  1.00 12.61 ? 146  THR A O     1 
ATOM   1099 C  CB    . THR A 1 151 ? 0.490   -17.661 -4.389  1.00 12.88 ? 146  THR A CB    1 
ATOM   1100 O  OG1   . THR A 1 151 ? 0.990   -17.603 -3.048  1.00 15.76 ? 146  THR A OG1   1 
ATOM   1101 C  CG2   . THR A 1 151 ? 1.240   -18.749 -5.130  1.00 14.41 ? 146  THR A CG2   1 
ATOM   1102 N  N     . LYS A 1 152 ? -0.978  -16.132 -6.836  1.00 12.53 ? 147  LYS A N     1 
ATOM   1103 C  CA    . LYS A 1 152 ? -1.486  -16.100 -8.190  1.00 13.27 ? 147  LYS A CA    1 
ATOM   1104 C  C     . LYS A 1 152 ? -0.719  -15.105 -9.064  1.00 13.14 ? 147  LYS A C     1 
ATOM   1105 O  O     . LYS A 1 152 ? -0.456  -15.366 -10.233 1.00 14.50 ? 147  LYS A O     1 
ATOM   1106 C  CB    . LYS A 1 152 ? -2.977  -15.765 -8.158  1.00 13.85 ? 147  LYS A CB    1 
ATOM   1107 C  CG    . LYS A 1 152 ? -3.684  -15.912 -9.475  1.00 14.34 ? 147  LYS A CG    1 
ATOM   1108 C  CD    . LYS A 1 152 ? -5.168  -15.591 -9.332  1.00 14.00 ? 147  LYS A CD    1 
ATOM   1109 C  CE    . LYS A 1 152 ? -5.422  -14.088 -9.184  1.00 13.74 ? 147  LYS A CE    1 
ATOM   1110 N  NZ    . LYS A 1 152 ? -6.878  -13.762 -9.215  1.00 16.50 ? 147  LYS A NZ    1 
ATOM   1111 N  N     . TYR A 1 153 ? -0.348  -13.967 -8.479  1.00 12.19 ? 148  TYR A N     1 
ATOM   1112 C  CA    . TYR A 1 153 ? 0.374   -12.909 -9.186  1.00 11.43 ? 148  TYR A CA    1 
ATOM   1113 C  C     . TYR A 1 153 ? 1.880   -12.928 -8.919  1.00 11.32 ? 148  TYR A C     1 
ATOM   1114 O  O     . TYR A 1 153 ? 2.609   -12.045 -9.373  1.00 11.31 ? 148  TYR A O     1 
ATOM   1115 C  CB    . TYR A 1 153 ? -0.205  -11.541 -8.820  1.00 11.30 ? 148  TYR A CB    1 
ATOM   1116 C  CG    . TYR A 1 153 ? -1.585  -11.288 -9.370  1.00 10.70 ? 148  TYR A CG    1 
ATOM   1117 C  CD1   . TYR A 1 153 ? -1.837  -11.376 -10.740 1.00 11.60 ? 148  TYR A CD1   1 
ATOM   1118 C  CD2   . TYR A 1 153 ? -2.642  -10.963 -8.526  1.00 11.94 ? 148  TYR A CD2   1 
ATOM   1119 C  CE1   . TYR A 1 153 ? -3.100  -11.139 -11.253 1.00 12.00 ? 148  TYR A CE1   1 
ATOM   1120 C  CE2   . TYR A 1 153 ? -3.919  -10.718 -9.033  1.00 11.87 ? 148  TYR A CE2   1 
ATOM   1121 C  CZ    . TYR A 1 153 ? -4.131  -10.803 -10.399 1.00 12.32 ? 148  TYR A CZ    1 
ATOM   1122 O  OH    . TYR A 1 153 ? -5.383  -10.571 -10.910 1.00 13.35 ? 148  TYR A OH    1 
ATOM   1123 N  N     . ASN A 1 154 ? 2.337   -13.934 -8.183  1.00 11.21 ? 149  ASN A N     1 
ATOM   1124 C  CA    . ASN A 1 154 ? 3.740   -14.038 -7.794  1.00 11.50 ? 149  ASN A CA    1 
ATOM   1125 C  C     . ASN A 1 154 ? 4.261   -12.766 -7.110  1.00 10.81 ? 149  ASN A C     1 
ATOM   1126 O  O     . ASN A 1 154 ? 5.350   -12.286 -7.411  1.00 11.27 ? 149  ASN A O     1 
ATOM   1127 C  CB    . ASN A 1 154 ? 4.605   -14.421 -9.009  1.00 12.48 ? 149  ASN A CB    1 
ATOM   1128 C  CG    . ASN A 1 154 ? 5.988   -14.886 -8.621  1.00 15.29 ? 149  ASN A CG    1 
ATOM   1129 O  OD1   . ASN A 1 154 ? 6.185   -15.496 -7.564  1.00 17.31 ? 149  ASN A OD1   1 
ATOM   1130 N  ND2   . ASN A 1 154 ? 6.961   -14.600 -9.481  1.00 17.76 ? 149  ASN A ND2   1 
ATOM   1131 N  N     . ILE A 1 155 ? 3.458   -12.227 -6.193  1.00 9.97  ? 150  ILE A N     1 
ATOM   1132 C  CA    . ILE A 1 155 ? 3.838   -11.064 -5.394  1.00 9.29  ? 150  ILE A CA    1 
ATOM   1133 C  C     . ILE A 1 155 ? 3.761   -11.382 -3.897  1.00 8.70  ? 150  ILE A C     1 
ATOM   1134 O  O     . ILE A 1 155 ? 3.059   -12.311 -3.488  1.00 9.07  ? 150  ILE A O     1 
ATOM   1135 C  CB    . ILE A 1 155 ? 2.986   -9.810  -5.745  1.00 9.18  ? 150  ILE A CB    1 
ATOM   1136 C  CG1   . ILE A 1 155 ? 1.502   -10.016 -5.384  1.00 9.33  ? 150  ILE A CG1   1 
ATOM   1137 C  CG2   . ILE A 1 155 ? 3.193   -9.417  -7.221  1.00 9.52  ? 150  ILE A CG2   1 
ATOM   1138 C  CD1   . ILE A 1 155 ? 0.629   -8.802  -5.652  1.00 11.02 ? 150  ILE A CD1   1 
ATOM   1139 N  N     . PRO A 1 156 ? 4.499   -10.629 -3.063  1.00 7.96  ? 151  PRO A N     1 
ATOM   1140 C  CA    . PRO A 1 156 ? 4.440   -10.901 -1.626  1.00 7.94  ? 151  PRO A CA    1 
ATOM   1141 C  C     . PRO A 1 156 ? 3.102   -10.505 -1.008  1.00 7.67  ? 151  PRO A C     1 
ATOM   1142 O  O     . PRO A 1 156 ? 2.382   -9.673  -1.561  1.00 8.17  ? 151  PRO A O     1 
ATOM   1143 C  CB    . PRO A 1 156 ? 5.549   -10.016 -1.057  1.00 8.49  ? 151  PRO A CB    1 
ATOM   1144 C  CG    . PRO A 1 156 ? 6.499   -9.824  -2.211  1.00 8.57  ? 151  PRO A CG    1 
ATOM   1145 C  CD    . PRO A 1 156 ? 5.597   -9.699  -3.394  1.00 8.68  ? 151  PRO A CD    1 
ATOM   1146 N  N     . TYR A 1 157 ? 2.798   -11.130 0.127   1.00 7.76  ? 152  TYR A N     1 
ATOM   1147 C  CA    . TYR A 1 157 ? 1.576   -10.899 0.879   1.00 7.81  ? 152  TYR A CA    1 
ATOM   1148 C  C     . TYR A 1 157 ? 1.944   -10.497 2.292   1.00 7.77  ? 152  TYR A C     1 
ATOM   1149 O  O     . TYR A 1 157 ? 2.821   -11.111 2.907   1.00 8.64  ? 152  TYR A O     1 
ATOM   1150 C  CB    . TYR A 1 157 ? 0.764   -12.192 0.939   1.00 8.42  ? 152  TYR A CB    1 
ATOM   1151 C  CG    . TYR A 1 157 ? -0.465  -12.117 1.827   1.00 8.06  ? 152  TYR A CG    1 
ATOM   1152 C  CD1   . TYR A 1 157 ? -1.620  -11.459 1.401   1.00 8.33  ? 152  TYR A CD1   1 
ATOM   1153 C  CD2   . TYR A 1 157 ? -0.473  -12.713 3.082   1.00 9.44  ? 152  TYR A CD2   1 
ATOM   1154 C  CE1   . TYR A 1 157 ? -2.749  -11.395 2.210   1.00 8.14  ? 152  TYR A CE1   1 
ATOM   1155 C  CE2   . TYR A 1 157 ? -1.605  -12.667 3.899   1.00 8.93  ? 152  TYR A CE2   1 
ATOM   1156 C  CZ    . TYR A 1 157 ? -2.735  -11.997 3.453   1.00 7.93  ? 152  TYR A CZ    1 
ATOM   1157 O  OH    . TYR A 1 157 ? -3.866  -11.939 4.238   1.00 8.41  ? 152  TYR A OH    1 
ATOM   1158 N  N     . ILE A 1 158 ? 1.263   -9.484  2.823   1.00 7.30  ? 153  ILE A N     1 
ATOM   1159 C  CA    . ILE A 1 158 ? 1.482   -9.079  4.206   1.00 7.53  ? 153  ILE A CA    1 
ATOM   1160 C  C     . ILE A 1 158 ? 0.176   -8.572  4.810   1.00 7.13  ? 153  ILE A C     1 
ATOM   1161 O  O     . ILE A 1 158 ? -0.628  -7.958  4.124   1.00 7.16  ? 153  ILE A O     1 
ATOM   1162 C  CB    . ILE A 1 158 ? 2.615   -8.026  4.320   1.00 7.55  ? 153  ILE A CB    1 
ATOM   1163 C  CG1   . ILE A 1 158 ? 3.108   -7.870  5.766   1.00 8.37  ? 153  ILE A CG1   1 
ATOM   1164 C  CG2   . ILE A 1 158 ? 2.209   -6.700  3.693   1.00 8.51  ? 153  ILE A CG2   1 
ATOM   1165 C  CD1   . ILE A 1 158 ? 4.450   -7.160  5.856   1.00 9.99  ? 153  ILE A CD1   1 
ATOM   1166 N  N     . GLU A 1 159 ? -0.024  -8.872  6.090   1.00 6.75  ? 154  GLU A N     1 
ATOM   1167 C  CA    . GLU A 1 159 ? -1.176  -8.399  6.850   1.00 6.96  ? 154  GLU A CA    1 
ATOM   1168 C  C     . GLU A 1 159 ? -0.798  -7.212  7.717   1.00 6.68  ? 154  GLU A C     1 
ATOM   1169 O  O     . GLU A 1 159 ? 0.255   -7.200  8.352   1.00 6.99  ? 154  GLU A O     1 
ATOM   1170 C  CB    . GLU A 1 159 ? -1.768  -9.528  7.700   1.00 7.12  ? 154  GLU A CB    1 
ATOM   1171 C  CG    . GLU A 1 159 ? -2.198  -10.716 6.858   1.00 8.51  ? 154  GLU A CG    1 
ATOM   1172 C  CD    . GLU A 1 159 ? -3.285  -11.568 7.469   1.00 9.36  ? 154  GLU A CD    1 
ATOM   1173 O  OE1   . GLU A 1 159 ? -3.676  -11.354 8.629   1.00 10.90 ? 154  GLU A OE1   1 
ATOM   1174 O  OE2   . GLU A 1 159 ? -3.777  -12.451 6.746   1.00 9.58  ? 154  GLU A OE2   1 
ATOM   1175 N  N     . THR A 1 160 ? -1.659  -6.197  7.728   1.00 5.81  ? 155  THR A N     1 
ATOM   1176 C  CA    . THR A 1 160 ? -1.385  -4.986  8.479   1.00 5.54  ? 155  THR A CA    1 
ATOM   1177 C  C     . THR A 1 160 ? -2.565  -4.525  9.304   1.00 5.68  ? 155  THR A C     1 
ATOM   1178 O  O     . THR A 1 160 ? -3.725  -4.900  9.071   1.00 6.01  ? 155  THR A O     1 
ATOM   1179 C  CB    . THR A 1 160 ? -0.985  -3.820  7.536   1.00 5.30  ? 155  THR A CB    1 
ATOM   1180 O  OG1   . THR A 1 160 ? -2.049  -3.558  6.617   1.00 5.85  ? 155  THR A OG1   1 
ATOM   1181 C  CG2   . THR A 1 160 ? 0.280   -4.144  6.760   1.00 6.57  ? 155  THR A CG2   1 
ATOM   1182 N  N     . SER A 1 161 ? -2.226  -3.699  10.278  1.00 5.87  ? 156  SER A N     1 
ATOM   1183 C  CA    . SER A 1 161 ? -3.191  -2.861  10.960  1.00 7.01  ? 156  SER A CA    1 
ATOM   1184 C  C     . SER A 1 161 ? -2.585  -1.486  11.189  1.00 6.91  ? 156  SER A C     1 
ATOM   1185 O  O     . SER A 1 161 ? -1.491  -1.373  11.741  1.00 7.13  ? 156  SER A O     1 
ATOM   1186 C  CB    . SER A 1 161 ? -3.590  -3.477  12.292  1.00 7.23  ? 156  SER A CB    1 
ATOM   1187 O  OG    . SER A 1 161 ? -4.464  -2.587  12.989  1.00 8.43  ? 156  SER A OG    1 
ATOM   1188 N  N     . ALA A 1 162 ? -3.301  -0.449  10.767  1.00 7.85  ? 157  ALA A N     1 
ATOM   1189 C  CA    . ALA A 1 162 ? -2.877  0.930   11.009  1.00 8.73  ? 157  ALA A CA    1 
ATOM   1190 C  C     . ALA A 1 162 ? -3.366  1.466   12.352  1.00 10.05 ? 157  ALA A C     1 
ATOM   1191 O  O     . ALA A 1 162 ? -2.875  2.496   12.834  1.00 10.72 ? 157  ALA A O     1 
ATOM   1192 C  CB    . ALA A 1 162 ? -3.361  1.817   9.884   1.00 8.85  ? 157  ALA A CB    1 
ATOM   1193 N  N     . LYS A 1 163 ? -4.339  0.772   12.945  1.00 10.86 ? 158  LYS A N     1 
ATOM   1194 C  CA    . LYS A 1 163 ? -4.902  1.153   14.246  1.00 12.09 ? 158  LYS A CA    1 
ATOM   1195 C  C     . LYS A 1 163 ? -3.865  0.864   15.323  1.00 13.12 ? 158  LYS A C     1 
ATOM   1196 O  O     . LYS A 1 163 ? -3.102  -0.093  15.202  1.00 12.99 ? 158  LYS A O     1 
ATOM   1197 C  CB    . LYS A 1 163 ? -6.194  0.364   14.495  1.00 12.43 ? 158  LYS A CB    1 
ATOM   1198 C  CG    . LYS A 1 163 ? -6.979  0.755   15.758  1.00 13.16 ? 158  LYS A CG    1 
ATOM   1199 C  CD    . LYS A 1 163 ? -8.323  0.020   15.822  1.00 14.68 ? 158  LYS A CD    1 
ATOM   1200 C  CE    . LYS A 1 163 ? -9.061  0.263   17.140  1.00 15.26 ? 158  LYS A CE    1 
ATOM   1201 N  NZ    . LYS A 1 163 ? -10.344 -0.510  17.224  1.00 16.68 ? 158  LYS A NZ    1 
ATOM   1202 N  N     . ASP A 1 164 ? -3.805  1.692   16.364  1.00 13.91 ? 159  ASP A N     1 
ATOM   1203 C  CA    . ASP A 1 164 ? -2.847  1.445   17.443  1.00 15.07 ? 159  ASP A CA    1 
ATOM   1204 C  C     . ASP A 1 164 ? -3.252  0.187   18.226  1.00 14.95 ? 159  ASP A C     1 
ATOM   1205 O  O     . ASP A 1 164 ? -4.437  0.008   18.537  1.00 15.02 ? 159  ASP A O     1 
ATOM   1206 C  CB    . ASP A 1 164 ? -2.735  2.655   18.380  1.00 16.12 ? 159  ASP A CB    1 
ATOM   1207 C  CG    . ASP A 1 164 ? -2.241  3.915   17.672  1.00 18.16 ? 159  ASP A CG    1 
ATOM   1208 O  OD1   . ASP A 1 164 ? -1.363  3.830   16.780  1.00 21.21 ? 159  ASP A OD1   1 
ATOM   1209 O  OD2   . ASP A 1 164 ? -2.733  5.013   18.020  1.00 22.43 ? 159  ASP A OD2   1 
ATOM   1210 N  N     . PRO A 1 165 ? -2.287  -0.714  18.507  1.00 14.61 ? 160  PRO A N     1 
ATOM   1211 C  CA    . PRO A 1 165 ? -0.880  -0.687  18.100  1.00 14.31 ? 160  PRO A CA    1 
ATOM   1212 C  C     . PRO A 1 165 ? -0.695  -1.189  16.663  1.00 13.49 ? 160  PRO A C     1 
ATOM   1213 O  O     . PRO A 1 165 ? -1.237  -2.238  16.307  1.00 13.72 ? 160  PRO A O     1 
ATOM   1214 C  CB    . PRO A 1 165 ? -0.227  -1.663  19.077  1.00 14.57 ? 160  PRO A CB    1 
ATOM   1215 C  CG    . PRO A 1 165 ? -1.283  -2.653  19.363  1.00 15.54 ? 160  PRO A CG    1 
ATOM   1216 C  CD    . PRO A 1 165 ? -2.585  -1.906  19.325  1.00 15.14 ? 160  PRO A CD    1 
ATOM   1217 N  N     . PRO A 1 166 ? 0.068   -0.448  15.846  1.00 12.94 ? 161  PRO A N     1 
ATOM   1218 C  CA    . PRO A 1 166 ? 0.161   -0.813  14.430  1.00 12.27 ? 161  PRO A CA    1 
ATOM   1219 C  C     . PRO A 1 166 ? 0.863   -2.147  14.211  1.00 11.43 ? 161  PRO A C     1 
ATOM   1220 O  O     . PRO A 1 166 ? 1.739   -2.536  14.997  1.00 12.83 ? 161  PRO A O     1 
ATOM   1221 C  CB    . PRO A 1 166 ? 0.961   0.337   13.812  1.00 12.32 ? 161  PRO A CB    1 
ATOM   1222 C  CG    . PRO A 1 166 ? 1.703   0.951   14.949  1.00 13.73 ? 161  PRO A CG    1 
ATOM   1223 C  CD    . PRO A 1 166 ? 0.882   0.736   16.175  1.00 13.14 ? 161  PRO A CD    1 
ATOM   1224 N  N     . LEU A 1 167 ? 0.460   -2.849  13.155  1.00 9.84  ? 162  LEU A N     1 
ATOM   1225 C  CA    . LEU A 1 167 ? 1.056   -4.132  12.801  1.00 8.88  ? 162  LEU A CA    1 
ATOM   1226 C  C     . LEU A 1 167 ? 1.630   -4.062  11.392  1.00 7.92  ? 162  LEU A C     1 
ATOM   1227 O  O     . LEU A 1 167 ? 0.908   -3.754  10.440  1.00 7.71  ? 162  LEU A O     1 
ATOM   1228 C  CB    . LEU A 1 167 ? 0.022   -5.261  12.879  1.00 9.43  ? 162  LEU A CB    1 
ATOM   1229 C  CG    . LEU A 1 167 ? 0.468   -6.635  12.347  1.00 9.59  ? 162  LEU A CG    1 
ATOM   1230 C  CD1   . LEU A 1 167 ? 1.529   -7.287  13.255  1.00 11.62 ? 162  LEU A CD1   1 
ATOM   1231 C  CD2   . LEU A 1 167 ? -0.711  -7.581  12.135  1.00 10.18 ? 162  LEU A CD2   1 
ATOM   1232 N  N     . ASN A 1 168 ? 2.927   -4.351  11.274  1.00 7.40  ? 163  ASN A N     1 
ATOM   1233 C  CA    . ASN A 1 168 ? 3.621   -4.509  9.988   1.00 7.28  ? 163  ASN A CA    1 
ATOM   1234 C  C     . ASN A 1 168 ? 3.633   -3.275  9.089   1.00 7.01  ? 163  ASN A C     1 
ATOM   1235 O  O     . ASN A 1 168 ? 3.841   -3.396  7.891   1.00 7.07  ? 163  ASN A O     1 
ATOM   1236 C  CB    . ASN A 1 168 ? 3.066   -5.712  9.204   1.00 7.70  ? 163  ASN A CB    1 
ATOM   1237 C  CG    . ASN A 1 168 ? 3.460   -7.042  9.812   1.00 7.29  ? 163  ASN A CG    1 
ATOM   1238 O  OD1   . ASN A 1 168 ? 4.515   -7.167  10.439  1.00 10.35 ? 163  ASN A OD1   1 
ATOM   1239 N  ND2   . ASN A 1 168 ? 2.626   -8.047  9.614   1.00 8.72  ? 163  ASN A ND2   1 
ATOM   1240 N  N     . VAL A 1 169 ? 3.422   -2.091  9.653   1.00 7.03  ? 164  VAL A N     1 
ATOM   1241 C  CA    . VAL A 1 169 ? 3.368   -0.894  8.828   1.00 7.58  ? 164  VAL A CA    1 
ATOM   1242 C  C     . VAL A 1 169 ? 4.739   -0.559  8.262   1.00 7.64  ? 164  VAL A C     1 
ATOM   1243 O  O     . VAL A 1 169 ? 4.887   -0.414  7.055   1.00 7.45  ? 164  VAL A O     1 
ATOM   1244 C  CB    . VAL A 1 169 ? 2.773   0.293   9.585   1.00 7.19  ? 164  VAL A CB    1 
ATOM   1245 C  CG1   . VAL A 1 169 ? 2.816   1.552   8.722   1.00 8.92  ? 164  VAL A CG1   1 
ATOM   1246 C  CG2   . VAL A 1 169 ? 1.338   -0.020  9.998   1.00 8.16  ? 164  VAL A CG2   1 
ATOM   1247 N  N     . ASP A 1 170 ? 5.748   -0.445  9.120   1.00 8.52  ? 165  ASP A N     1 
ATOM   1248 C  CA    . ASP A 1 170 ? 7.093   -0.176  8.621   1.00 9.25  ? 165  ASP A CA    1 
ATOM   1249 C  C     . ASP A 1 170 ? 7.573   -1.296  7.709   1.00 8.90  ? 165  ASP A C     1 
ATOM   1250 O  O     . ASP A 1 170 ? 8.132   -1.031  6.641   1.00 8.98  ? 165  ASP A O     1 
ATOM   1251 C  CB    . ASP A 1 170 ? 8.081   0.051   9.769   1.00 10.37 ? 165  ASP A CB    1 
ATOM   1252 C  CG    . ASP A 1 170 ? 7.604   1.104   10.745  1.00 13.37 ? 165  ASP A CG    1 
ATOM   1253 O  OD1   . ASP A 1 170 ? 7.518   0.794   11.957  1.00 17.85 ? 165  ASP A OD1   1 
ATOM   1254 O  OD2   . ASP A 1 170 ? 7.273   2.225   10.306  1.00 15.62 ? 165  ASP A OD2   1 
ATOM   1255 N  N     . LYS A 1 171 ? 7.315   -2.543  8.110   1.00 8.75  ? 166  LYS A N     1 
ATOM   1256 C  CA    . LYS A 1 171 ? 7.746   -3.698  7.324   1.00 8.77  ? 166  LYS A CA    1 
ATOM   1257 C  C     . LYS A 1 171 ? 7.182   -3.652  5.902   1.00 8.11  ? 166  LYS A C     1 
ATOM   1258 O  O     . LYS A 1 171 ? 7.871   -3.990  4.936   1.00 8.60  ? 166  LYS A O     1 
ATOM   1259 C  CB    . LYS A 1 171 ? 7.369   -5.018  8.010   1.00 9.35  ? 166  LYS A CB    1 
ATOM   1260 C  CG    . LYS A 1 171 ? 7.879   -6.231  7.262   1.00 10.54 ? 166  LYS A CG    1 
ATOM   1261 C  CD    . LYS A 1 171 ? 7.727   -7.494  8.089   1.00 12.18 ? 166  LYS A CD    1 
ATOM   1262 C  CE    . LYS A 1 171 ? 8.679   -8.582  7.624   1.00 15.99 ? 166  LYS A CE    1 
ATOM   1263 N  NZ    . LYS A 1 171 ? 8.439   -9.009  6.219   1.00 17.08 ? 166  LYS A NZ    1 
ATOM   1264 N  N     . THR A 1 172 ? 5.924   -3.238  5.777   1.00 7.19  ? 167  THR A N     1 
ATOM   1265 C  CA    . THR A 1 172 ? 5.281   -3.195  4.468   1.00 7.35  ? 167  THR A CA    1 
ATOM   1266 C  C     . THR A 1 172 ? 5.996   -2.239  3.520   1.00 6.99  ? 167  THR A C     1 
ATOM   1267 O  O     . THR A 1 172 ? 6.351   -2.606  2.402   1.00 6.80  ? 167  THR A O     1 
ATOM   1268 C  CB    . THR A 1 172 ? 3.796   -2.832  4.611   1.00 7.13  ? 167  THR A CB    1 
ATOM   1269 O  OG1   . THR A 1 172 ? 3.127   -3.892  5.297   1.00 7.91  ? 167  THR A OG1   1 
ATOM   1270 C  CG2   . THR A 1 172 ? 3.151   -2.651  3.268   1.00 8.27  ? 167  THR A CG2   1 
ATOM   1271 N  N     . PHE A 1 173 ? 6.249   -1.018  3.983   1.00 6.82  ? 168  PHE A N     1 
ATOM   1272 C  CA    . PHE A 1 173 ? 6.935   -0.048  3.133   1.00 7.67  ? 168  PHE A CA    1 
ATOM   1273 C  C     . PHE A 1 173 ? 8.373   -0.473  2.858   1.00 8.00  ? 168  PHE A C     1 
ATOM   1274 O  O     . PHE A 1 173 ? 8.859   -0.346  1.732   1.00 8.70  ? 168  PHE A O     1 
ATOM   1275 C  CB    . PHE A 1 173 ? 6.859   1.366   3.726   1.00 8.07  ? 168  PHE A CB    1 
ATOM   1276 C  CG    . PHE A 1 173 ? 5.496   1.996   3.613   1.00 7.49  ? 168  PHE A CG    1 
ATOM   1277 C  CD1   . PHE A 1 173 ? 4.578   1.903   4.652   1.00 7.65  ? 168  PHE A CD1   1 
ATOM   1278 C  CD2   . PHE A 1 173 ? 5.117   2.668   2.454   1.00 7.52  ? 168  PHE A CD2   1 
ATOM   1279 C  CE1   . PHE A 1 173 ? 3.302   2.471   4.546   1.00 7.18  ? 168  PHE A CE1   1 
ATOM   1280 C  CE2   . PHE A 1 173 ? 3.845   3.239   2.341   1.00 8.57  ? 168  PHE A CE2   1 
ATOM   1281 C  CZ    . PHE A 1 173 ? 2.939   3.141   3.390   1.00 7.56  ? 168  PHE A CZ    1 
ATOM   1282 N  N     . HIS A 1 174 ? 9.043   -1.001  3.880   1.00 8.03  ? 169  HIS A N     1 
ATOM   1283 C  CA    . HIS A 1 174 ? 10.433  -1.443  3.721   1.00 8.89  ? 169  HIS A CA    1 
ATOM   1284 C  C     . HIS A 1 174 ? 10.528  -2.627  2.761   1.00 8.60  ? 169  HIS A C     1 
ATOM   1285 O  O     . HIS A 1 174 ? 11.423  -2.677  1.919   1.00 8.43  ? 169  HIS A O     1 
ATOM   1286 C  CB    . HIS A 1 174 ? 11.055  -1.793  5.071   1.00 9.48  ? 169  HIS A CB    1 
ATOM   1287 C  CG    . HIS A 1 174 ? 11.257  -0.615  5.971   1.00 11.85 ? 169  HIS A CG    1 
ATOM   1288 N  ND1   . HIS A 1 174 ? 11.954  -0.707  7.156   1.00 15.12 ? 169  HIS A ND1   1 
ATOM   1289 C  CD2   . HIS A 1 174 ? 10.876  0.679   5.859   1.00 12.40 ? 169  HIS A CD2   1 
ATOM   1290 C  CE1   . HIS A 1 174 ? 11.975  0.476   7.743   1.00 15.04 ? 169  HIS A CE1   1 
ATOM   1291 N  NE2   . HIS A 1 174 ? 11.325  1.333   6.981   1.00 14.00 ? 169  HIS A NE2   1 
ATOM   1292 N  N     . ASP A 1 175 ? 9.597   -3.577  2.870   1.00 8.58  ? 170  ASP A N     1 
ATOM   1293 C  CA    . ASP A 1 175 ? 9.557   -4.714  1.959   1.00 8.80  ? 170  ASP A CA    1 
ATOM   1294 C  C     . ASP A 1 175 ? 9.342   -4.295  0.506   1.00 7.93  ? 170  ASP A C     1 
ATOM   1295 O  O     . ASP A 1 175 ? 9.912   -4.911  -0.402  1.00 8.40  ? 170  ASP A O     1 
ATOM   1296 C  CB    . ASP A 1 175 ? 8.504   -5.743  2.382   1.00 8.94  ? 170  ASP A CB    1 
ATOM   1297 C  CG    . ASP A 1 175 ? 8.959   -6.613  3.540   1.00 10.08 ? 170  ASP A CG    1 
ATOM   1298 O  OD1   . ASP A 1 175 ? 8.130   -7.414  4.015   1.00 12.93 ? 170  ASP A OD1   1 
ATOM   1299 O  OD2   . ASP A 1 175 ? 10.126  -6.508  3.994   1.00 12.53 ? 170  ASP A OD2   1 
ATOM   1300 N  N     . LEU A 1 176 ? 8.535   -3.258  0.275   1.00 7.88  ? 171  LEU A N     1 
ATOM   1301 C  CA    . LEU A 1 176 ? 8.345   -2.774  -1.083  1.00 7.61  ? 171  LEU A CA    1 
ATOM   1302 C  C     . LEU A 1 176 ? 9.665   -2.256  -1.647  1.00 7.59  ? 171  LEU A C     1 
ATOM   1303 O  O     . LEU A 1 176 ? 10.004  -2.548  -2.791  1.00 7.20  ? 171  LEU A O     1 
ATOM   1304 C  CB    . LEU A 1 176 ? 7.233   -1.720  -1.171  1.00 7.80  ? 171  LEU A CB    1 
ATOM   1305 C  CG    . LEU A 1 176 ? 6.924   -1.201  -2.579  1.00 7.22  ? 171  LEU A CG    1 
ATOM   1306 C  CD1   . LEU A 1 176 ? 6.582   -2.337  -3.558  1.00 9.07  ? 171  LEU A CD1   1 
ATOM   1307 C  CD2   . LEU A 1 176 ? 5.816   -0.192  -2.509  1.00 7.62  ? 171  LEU A CD2   1 
ATOM   1308 N  N     . VAL A 1 177 ? 10.426  -1.529  -0.838  1.00 6.76  ? 172  VAL A N     1 
ATOM   1309 C  CA    . VAL A 1 177 ? 11.749  -1.079  -1.257  1.00 7.41  ? 172  VAL A CA    1 
ATOM   1310 C  C     . VAL A 1 177 ? 12.647  -2.275  -1.572  1.00 7.44  ? 172  VAL A C     1 
ATOM   1311 O  O     . VAL A 1 177 ? 13.372  -2.260  -2.564  1.00 7.95  ? 172  VAL A O     1 
ATOM   1312 C  CB    . VAL A 1 177 ? 12.388  -0.159  -0.189  1.00 7.29  ? 172  VAL A CB    1 
ATOM   1313 C  CG1   . VAL A 1 177 ? 13.865  0.111   -0.502  1.00 7.93  ? 172  VAL A CG1   1 
ATOM   1314 C  CG2   . VAL A 1 177 ? 11.604  1.154   -0.090  1.00 9.36  ? 172  VAL A CG2   1 
ATOM   1315 N  N     . ARG A 1 178 ? 12.590  -3.310  -0.734  1.00 8.26  ? 173  ARG A N     1 
ATOM   1316 C  CA    . ARG A 1 178 ? 13.360  -4.533  -0.982  1.00 9.04  ? 173  ARG A CA    1 
ATOM   1317 C  C     . ARG A 1 178 ? 13.006  -5.157  -2.331  1.00 9.14  ? 173  ARG A C     1 
ATOM   1318 O  O     . ARG A 1 178 ? 13.903  -5.535  -3.090  1.00 9.63  ? 173  ARG A O     1 
ATOM   1319 C  CB    . ARG A 1 178 ? 13.173  -5.540  0.151   1.00 9.04  ? 173  ARG A CB    1 
ATOM   1320 C  CG    . ARG A 1 178 ? 13.728  -5.076  1.480   1.00 11.09 ? 173  ARG A CG    1 
ATOM   1321 C  CD    . ARG A 1 178 ? 13.393  -6.040  2.612   1.00 12.22 ? 173  ARG A CD    1 
ATOM   1322 N  NE    . ARG A 1 178 ? 14.104  -5.626  3.819   1.00 12.12 ? 173  ARG A NE    1 
ATOM   1323 C  CZ    . ARG A 1 178 ? 13.543  -5.158  4.930   1.00 12.54 ? 173  ARG A CZ    1 
ATOM   1324 N  NH1   . ARG A 1 178 ? 12.217  -5.062  5.041   1.00 13.14 ? 173  ARG A NH1   1 
ATOM   1325 N  NH2   . ARG A 1 178 ? 14.320  -4.791  5.939   1.00 13.91 ? 173  ARG A NH2   1 
ATOM   1326 N  N     . VAL A 1 179 ? 11.717  -5.235  -2.653  1.00 9.03  ? 174  VAL A N     1 
ATOM   1327 C  CA    . VAL A 1 179 ? 11.295  -5.755  -3.950  1.00 9.84  ? 174  VAL A CA    1 
ATOM   1328 C  C     . VAL A 1 179 ? 11.840  -4.898  -5.099  1.00 9.59  ? 174  VAL A C     1 
ATOM   1329 O  O     . VAL A 1 179 ? 12.348  -5.435  -6.090  1.00 10.30 ? 174  VAL A O     1 
ATOM   1330 C  CB    . VAL A 1 179 ? 9.762   -5.870  -4.044  1.00 9.82  ? 174  VAL A CB    1 
ATOM   1331 C  CG1   . VAL A 1 179 ? 9.338   -6.264  -5.452  1.00 10.99 ? 174  VAL A CG1   1 
ATOM   1332 C  CG2   . VAL A 1 179 ? 9.248   -6.887  -3.019  1.00 10.27 ? 174  VAL A CG2   1 
ATOM   1333 N  N     . ILE A 1 180 ? 11.763  -3.572  -4.965  1.00 9.55  ? 175  ILE A N     1 
ATOM   1334 C  CA    . ILE A 1 180 ? 12.280  -2.677  -5.993  1.00 9.49  ? 175  ILE A CA    1 
ATOM   1335 C  C     . ILE A 1 180 ? 13.774  -2.913  -6.219  1.00 10.36 ? 175  ILE A C     1 
ATOM   1336 O  O     . ILE A 1 180 ? 14.242  -2.959  -7.359  1.00 11.12 ? 175  ILE A O     1 
ATOM   1337 C  CB    . ILE A 1 180 ? 12.008  -1.189  -5.647  1.00 9.12  ? 175  ILE A CB    1 
ATOM   1338 C  CG1   . ILE A 1 180 ? 10.503  -0.915  -5.625  1.00 8.92  ? 175  ILE A CG1   1 
ATOM   1339 C  CG2   . ILE A 1 180 ? 12.730  -0.262  -6.642  1.00 9.55  ? 175  ILE A CG2   1 
ATOM   1340 C  CD1   . ILE A 1 180 ? 10.131  0.412   -5.006  1.00 9.04  ? 175  ILE A CD1   1 
ATOM   1341 N  N     . ARG A 1 181 ? 14.513  -3.074  -5.128  1.00 10.85 ? 176  ARG A N     1 
ATOM   1342 C  CA    . ARG A 1 181 ? 15.960  -3.227  -5.197  1.00 12.42 ? 176  ARG A CA    1 
ATOM   1343 C  C     . ARG A 1 181 ? 16.378  -4.541  -5.845  1.00 14.13 ? 176  ARG A C     1 
ATOM   1344 O  O     . ARG A 1 181 ? 17.444  -4.625  -6.470  1.00 14.96 ? 176  ARG A O     1 
ATOM   1345 C  CB    . ARG A 1 181 ? 16.555  -3.137  -3.798  1.00 11.86 ? 176  ARG A CB    1 
ATOM   1346 C  CG    . ARG A 1 181 ? 16.623  -1.734  -3.262  1.00 11.09 ? 176  ARG A CG    1 
ATOM   1347 C  CD    . ARG A 1 181 ? 17.028  -1.785  -1.813  1.00 10.42 ? 176  ARG A CD    1 
ATOM   1348 N  NE    . ARG A 1 181 ? 17.243  -0.465  -1.241  1.00 10.05 ? 176  ARG A NE    1 
ATOM   1349 C  CZ    . ARG A 1 181 ? 17.433  -0.247  0.055   1.00 10.34 ? 176  ARG A CZ    1 
ATOM   1350 N  NH1   . ARG A 1 181 ? 17.415  -1.255  0.916   1.00 10.62 ? 176  ARG A NH1   1 
ATOM   1351 N  NH2   . ARG A 1 181 ? 17.625  0.989   0.482   1.00 10.86 ? 176  ARG A NH2   1 
ATOM   1352 N  N     . GLN A 1 182 ? 15.540  -5.560  -5.706  1.00 15.84 ? 177  GLN A N     1 
ATOM   1353 C  CA    . GLN A 1 182 ? 15.920  -6.916  -6.099  1.00 18.35 ? 177  GLN A CA    1 
ATOM   1354 C  C     . GLN A 1 182 ? 15.274  -7.399  -7.400  1.00 19.36 ? 177  GLN A C     1 
ATOM   1355 O  O     . GLN A 1 182 ? 15.428  -8.566  -7.783  1.00 19.80 ? 177  GLN A O     1 
ATOM   1356 C  CB    . GLN A 1 182 ? 15.662  -7.872  -4.928  1.00 18.99 ? 177  GLN A CB    1 
ATOM   1357 C  CG    . GLN A 1 182 ? 16.678  -7.694  -3.797  1.00 21.45 ? 177  GLN A CG    1 
ATOM   1358 C  CD    . GLN A 1 182 ? 16.057  -7.676  -2.410  1.00 24.42 ? 177  GLN A CD    1 
ATOM   1359 O  OE1   . GLN A 1 182 ? 16.173  -6.683  -1.680  1.00 24.64 ? 177  GLN A OE1   1 
ATOM   1360 N  NE2   . GLN A 1 182 ? 15.401  -8.771  -2.036  1.00 25.79 ? 177  GLN A NE2   1 
ATOM   1361 N  N     . GLN A 1 183 ? 14.585  -6.493  -8.091  1.00 20.37 ? 178  GLN A N     1 
ATOM   1362 C  CA    . GLN A 1 183 ? 13.848  -6.837  -9.309  1.00 21.39 ? 178  GLN A CA    1 
ATOM   1363 C  C     . GLN A 1 183 ? 14.787  -7.156  -10.469 1.00 21.98 ? 178  GLN A C     1 
ATOM   1364 O  O     . GLN A 1 183 ? 15.903  -6.630  -10.552 1.00 22.77 ? 178  GLN A O     1 
ATOM   1365 C  CB    . GLN A 1 183 ? 12.871  -5.718  -9.700  1.00 21.28 ? 178  GLN A CB    1 
ATOM   1366 C  CG    . GLN A 1 183 ? 13.531  -4.445  -10.230 1.00 21.25 ? 178  GLN A CG    1 
ATOM   1367 C  CD    . GLN A 1 183 ? 12.542  -3.317  -10.457 1.00 21.34 ? 178  GLN A CD    1 
ATOM   1368 O  OE1   . GLN A 1 183 ? 12.588  -2.292  -9.777  1.00 20.67 ? 178  GLN A OE1   1 
ATOM   1369 N  NE2   . GLN A 1 183 ? 11.640  -3.497  -11.419 1.00 20.99 ? 178  GLN A NE2   1 
ATOM   1370 O  OXT   . GLN A 1 183 ? 14.435  -7.950  -11.349 1.00 22.88 ? 178  GLN A OXT   1 
HETATM 1371 P  PG    . GNP B 2 .   ? -9.926  6.881   0.569   1.00 6.39  ? 179  GNP A PG    1 
HETATM 1372 O  O1G   . GNP B 2 .   ? -11.322 7.432   0.429   1.00 9.16  ? 179  GNP A O1G   1 
HETATM 1373 O  O2G   . GNP B 2 .   ? -8.904  7.968   0.755   1.00 9.18  ? 179  GNP A O2G   1 
HETATM 1374 O  O3G   . GNP B 2 .   ? -9.650  5.957   -0.575  1.00 8.47  ? 179  GNP A O3G   1 
HETATM 1375 N  N3B   . GNP B 2 .   ? -9.833  5.983   1.922   1.00 6.54  ? 179  GNP A N3B   1 
HETATM 1376 P  PB    . GNP B 2 .   ? -8.530  5.295   2.614   1.00 5.13  ? 179  GNP A PB    1 
HETATM 1377 O  O1B   . GNP B 2 .   ? -8.181  4.017   1.944   1.00 5.05  ? 179  GNP A O1B   1 
HETATM 1378 O  O2B   . GNP B 2 .   ? -7.439  6.296   2.641   1.00 5.70  ? 179  GNP A O2B   1 
HETATM 1379 O  O3A   . GNP B 2 .   ? -8.925  4.951   4.102   1.00 5.20  ? 179  GNP A O3A   1 
HETATM 1380 P  PA    . GNP B 2 .   ? -8.643  5.777   5.423   1.00 5.71  ? 179  GNP A PA    1 
HETATM 1381 O  O1A   . GNP B 2 .   ? -9.277  7.110   5.268   1.00 6.90  ? 179  GNP A O1A   1 
HETATM 1382 O  O2A   . GNP B 2 .   ? -7.214  5.652   5.802   1.00 6.41  ? 179  GNP A O2A   1 
HETATM 1383 O  "O5'" . GNP B 2 .   ? -9.435  4.941   6.502   1.00 6.58  ? 179  GNP A "O5'" 1 
HETATM 1384 C  "C5'" . GNP B 2 .   ? -10.828 4.676   6.298   1.00 6.50  ? 179  GNP A "C5'" 1 
HETATM 1385 C  "C4'" . GNP B 2 .   ? -11.481 4.136   7.561   1.00 6.51  ? 179  GNP A "C4'" 1 
HETATM 1386 O  "O4'" . GNP B 2 .   ? -10.837 2.891   7.918   1.00 6.44  ? 179  GNP A "O4'" 1 
HETATM 1387 C  "C3'" . GNP B 2 .   ? -11.397 5.004   8.816   1.00 7.33  ? 179  GNP A "C3'" 1 
HETATM 1388 O  "O3'" . GNP B 2 .   ? -12.624 4.858   9.542   1.00 8.43  ? 179  GNP A "O3'" 1 
HETATM 1389 C  "C2'" . GNP B 2 .   ? -10.202 4.426   9.580   1.00 6.25  ? 179  GNP A "C2'" 1 
HETATM 1390 O  "O2'" . GNP B 2 .   ? -10.288 4.560   10.975  1.00 8.12  ? 179  GNP A "O2'" 1 
HETATM 1391 C  "C1'" . GNP B 2 .   ? -10.345 2.959   9.246   1.00 6.58  ? 179  GNP A "C1'" 1 
HETATM 1392 N  N9    . GNP B 2 .   ? -9.114  2.185   9.263   1.00 6.38  ? 179  GNP A N9    1 
HETATM 1393 C  C8    . GNP B 2 .   ? -8.017  2.320   8.437   1.00 5.59  ? 179  GNP A C8    1 
HETATM 1394 N  N7    . GNP B 2 .   ? -7.081  1.452   8.677   1.00 5.46  ? 179  GNP A N7    1 
HETATM 1395 C  C5    . GNP B 2 .   ? -7.600  0.664   9.709   1.00 6.33  ? 179  GNP A C5    1 
HETATM 1396 C  C6    . GNP B 2 .   ? -7.047  -0.453  10.385  1.00 5.62  ? 179  GNP A C6    1 
HETATM 1397 O  O6    . GNP B 2 .   ? -5.957  -0.996  10.174  1.00 6.80  ? 179  GNP A O6    1 
HETATM 1398 N  N1    . GNP B 2 .   ? -7.891  -0.960  11.376  1.00 6.24  ? 179  GNP A N1    1 
HETATM 1399 C  C2    . GNP B 2 .   ? -9.131  -0.424  11.667  1.00 6.35  ? 179  GNP A C2    1 
HETATM 1400 N  N2    . GNP B 2 .   ? -9.820  -1.018  12.650  1.00 8.04  ? 179  GNP A N2    1 
HETATM 1401 N  N3    . GNP B 2 .   ? -9.670  0.615   11.038  1.00 6.66  ? 179  GNP A N3    1 
HETATM 1402 C  C4    . GNP B 2 .   ? -8.851  1.116   10.083  1.00 5.66  ? 179  GNP A C4    1 
HETATM 1403 MG MG    . MG  C 3 .   ? -7.267  8.211   1.824   1.00 7.39  ? 180  MG  A MG    1 
HETATM 1404 O  O     . HOH D 4 .   ? -5.979  7.494   0.312   1.00 7.08  ? 1001 HOH A O     1 
HETATM 1405 O  O     . HOH D 4 .   ? -8.267  8.952   3.542   1.00 8.49  ? 1002 HOH A O     1 
HETATM 1406 O  O     . HOH D 4 .   ? -7.028  10.137  1.196   1.00 9.06  ? 1003 HOH A O     1 
HETATM 1407 O  O     . HOH D 4 .   ? -13.054 -1.511  5.043   1.00 7.15  ? 1004 HOH A O     1 
HETATM 1408 O  O     . HOH D 4 .   ? -2.974  6.287   10.496  1.00 8.03  ? 1005 HOH A O     1 
HETATM 1409 O  O     . HOH D 4 .   ? -8.834  -2.649  -2.569  1.00 7.68  ? 1006 HOH A O     1 
HETATM 1410 O  O     . HOH D 4 .   ? -6.576  -11.765 3.814   1.00 8.24  ? 1007 HOH A O     1 
HETATM 1411 O  O     . HOH D 4 .   ? -13.069 -0.539  2.419   1.00 9.50  ? 1008 HOH A O     1 
HETATM 1412 O  O     . HOH D 4 .   ? -14.929 -1.498  -1.703  1.00 9.43  ? 1009 HOH A O     1 
HETATM 1413 O  O     . HOH D 4 .   ? -11.740 7.384   4.156   1.00 12.23 ? 1010 HOH A O     1 
HETATM 1414 O  O     . HOH D 4 .   ? -3.616  -2.818  15.500  1.00 13.15 ? 1011 HOH A O     1 
HETATM 1415 O  O     . HOH D 4 .   ? 10.846  0.044   -10.084 1.00 14.13 ? 1012 HOH A O     1 
HETATM 1416 O  O     . HOH D 4 .   ? 6.601   -3.154  10.959  1.00 13.39 ? 1013 HOH A O     1 
HETATM 1417 O  O     . HOH D 4 .   ? -6.485  3.661   -5.450  1.00 12.19 ? 1014 HOH A O     1 
HETATM 1418 O  O     . HOH D 4 .   ? -12.948 5.011   12.347  1.00 9.29  ? 1015 HOH A O     1 
HETATM 1419 O  O     . HOH D 4 .   ? -6.096  -21.997 8.020   1.00 14.39 ? 1016 HOH A O     1 
HETATM 1420 O  O     . HOH D 4 .   ? 2.434   -9.886  -10.951 1.00 13.66 ? 1017 HOH A O     1 
HETATM 1421 O  O     . HOH D 4 .   ? 4.605   -4.857  13.568  1.00 16.98 ? 1018 HOH A O     1 
HETATM 1422 O  O     . HOH D 4 .   ? 6.479   -7.836  -6.424  1.00 11.70 ? 1019 HOH A O     1 
HETATM 1423 O  O     . HOH D 4 .   ? 1.498   -10.936 7.614   1.00 12.50 ? 1020 HOH A O     1 
HETATM 1424 O  O     . HOH D 4 .   ? 17.116  -4.117  0.503   1.00 14.61 ? 1021 HOH A O     1 
HETATM 1425 O  O     . HOH D 4 .   ? -17.895 -7.179  2.237   1.00 15.66 ? 1022 HOH A O     1 
HETATM 1426 O  O     . HOH D 4 .   ? -13.647 -7.307  15.758  1.00 14.24 ? 1023 HOH A O     1 
HETATM 1427 O  O     . HOH D 4 .   ? 19.225  2.827   -0.780  1.00 17.74 ? 1024 HOH A O     1 
HETATM 1428 O  O     . HOH D 4 .   ? -9.569  -19.806 3.580   1.00 19.33 ? 1025 HOH A O     1 
HETATM 1429 O  O     . HOH D 4 .   ? 3.982   -7.744  -10.695 1.00 15.04 ? 1026 HOH A O     1 
HETATM 1430 O  O     . HOH D 4 .   ? -7.824  -15.957 8.316   1.00 15.82 ? 1027 HOH A O     1 
HETATM 1431 O  O     . HOH D 4 .   ? -2.920  7.518   17.114  1.00 20.01 ? 1028 HOH A O     1 
HETATM 1432 O  O     . HOH D 4 .   ? -9.710  -3.413  16.699  1.00 14.37 ? 1029 HOH A O     1 
HETATM 1433 O  O     . HOH D 4 .   ? 4.472   -13.453 0.698   1.00 18.36 ? 1030 HOH A O     1 
HETATM 1434 O  O     . HOH D 4 .   ? 8.680   -7.009  -9.554  1.00 17.54 ? 1031 HOH A O     1 
HETATM 1435 O  O     . HOH D 4 .   ? -14.879 3.537   9.811   1.00 17.50 ? 1032 HOH A O     1 
HETATM 1436 O  O     . HOH D 4 .   ? 6.397   4.535   11.500  1.00 14.96 ? 1033 HOH A O     1 
HETATM 1437 O  O     . HOH D 4 .   ? 3.722   -1.464  12.477  1.00 16.90 ? 1034 HOH A O     1 
HETATM 1438 O  O     . HOH D 4 .   ? 6.666   -5.952  11.554  1.00 15.91 ? 1035 HOH A O     1 
HETATM 1439 O  O     . HOH D 4 .   ? -5.733  3.668   17.156  1.00 20.15 ? 1036 HOH A O     1 
HETATM 1440 O  O     . HOH D 4 .   ? -10.988 2.513   12.896  1.00 13.31 ? 1037 HOH A O     1 
HETATM 1441 O  O     . HOH D 4 .   ? 6.687   11.194  12.944  1.00 21.07 ? 1038 HOH A O     1 
HETATM 1442 O  O     . HOH D 4 .   ? -2.099  15.275  14.151  1.00 16.87 ? 1039 HOH A O     1 
HETATM 1443 O  O     . HOH D 4 .   ? -15.248 3.352   4.046   1.00 19.53 ? 1040 HOH A O     1 
HETATM 1444 O  O     . HOH D 4 .   ? 16.720  7.990   -7.261  1.00 19.83 ? 1041 HOH A O     1 
HETATM 1445 O  O     . HOH D 4 .   ? -14.984 1.131   -1.022  1.00 15.54 ? 1042 HOH A O     1 
HETATM 1446 O  O     . HOH D 4 .   ? 19.344  -1.479  8.312   1.00 21.78 ? 1043 HOH A O     1 
HETATM 1447 O  O     . HOH D 4 .   ? 0.368   11.431  -1.330  1.00 22.96 ? 1044 HOH A O     1 
HETATM 1448 O  O     . HOH D 4 .   ? -6.659  -18.659 6.623   1.00 21.39 ? 1045 HOH A O     1 
HETATM 1449 O  O     . HOH D 4 .   ? 16.345  -2.793  7.731   1.00 19.30 ? 1046 HOH A O     1 
HETATM 1450 O  O     . HOH D 4 .   ? -13.715 2.428   -3.961  1.00 21.10 ? 1047 HOH A O     1 
HETATM 1451 O  O     . HOH D 4 .   ? -0.780  14.177  5.678   1.00 17.78 ? 1048 HOH A O     1 
HETATM 1452 O  O     . HOH D 4 .   ? -7.943  -15.971 -3.243  1.00 19.07 ? 1049 HOH A O     1 
HETATM 1453 O  O     . HOH D 4 .   ? 19.465  -4.925  -0.828  1.00 21.94 ? 1050 HOH A O     1 
HETATM 1454 O  O     . HOH D 4 .   ? 6.335   -8.423  2.239   1.00 20.34 ? 1051 HOH A O     1 
HETATM 1455 O  O     . HOH D 4 .   ? -13.765 -1.815  8.417   1.00 16.33 ? 1052 HOH A O     1 
HETATM 1456 O  O     . HOH D 4 .   ? -14.233 -15.862 5.537   0.50 30.18 ? 1053 HOH A O     1 
HETATM 1457 O  O     . HOH D 4 .   ? -17.487 -1.622  -2.668  1.00 18.52 ? 1054 HOH A O     1 
HETATM 1458 O  O     . HOH D 4 .   ? -5.102  10.928  -0.645  1.00 22.02 ? 1055 HOH A O     1 
HETATM 1459 O  O     . HOH D 4 .   ? 17.280  10.992  -4.489  1.00 19.45 ? 1056 HOH A O     1 
HETATM 1460 O  O     . HOH D 4 .   ? 2.781   -13.523 4.367   1.00 21.44 ? 1057 HOH A O     1 
HETATM 1461 O  O     . HOH D 4 .   ? 11.158  3.889   7.965   1.00 17.67 ? 1058 HOH A O     1 
HETATM 1462 O  O     . HOH D 4 .   ? 6.315   -12.357 -11.907 1.00 25.32 ? 1059 HOH A O     1 
HETATM 1463 O  O     . HOH D 4 .   ? 11.327  -4.556  7.897   1.00 24.89 ? 1060 HOH A O     1 
HETATM 1464 O  O     . HOH D 4 .   ? 9.221   10.527  14.286  1.00 32.05 ? 1061 HOH A O     1 
HETATM 1465 O  O     . HOH D 4 .   ? 24.230  2.165   6.112   0.50 17.36 ? 1062 HOH A O     1 
HETATM 1466 O  O     . HOH D 4 .   ? 4.688   12.335  -0.953  1.00 24.70 ? 1063 HOH A O     1 
HETATM 1467 O  O     . HOH D 4 .   ? 19.998  -2.868  -3.144  1.00 21.86 ? 1064 HOH A O     1 
HETATM 1468 O  O     . HOH D 4 .   ? -5.236  13.342  18.426  1.00 21.19 ? 1065 HOH A O     1 
HETATM 1469 O  O     . HOH D 4 .   ? -0.213  -0.562  -21.730 1.00 30.74 ? 1066 HOH A O     1 
HETATM 1470 O  O     . HOH D 4 .   ? 9.037   -4.466  -14.908 1.00 25.89 ? 1067 HOH A O     1 
HETATM 1471 O  O     . HOH D 4 .   ? 23.881  11.045  -0.766  1.00 26.25 ? 1068 HOH A O     1 
HETATM 1472 O  O     . HOH D 4 .   ? 8.442   -9.722  -5.692  1.00 18.55 ? 1069 HOH A O     1 
HETATM 1473 O  O     . HOH D 4 .   ? -10.841 -7.946  17.754  1.00 30.35 ? 1070 HOH A O     1 
HETATM 1474 O  O     . HOH D 4 .   ? -11.974 -0.470  -7.458  1.00 25.67 ? 1071 HOH A O     1 
HETATM 1475 O  O     . HOH D 4 .   ? 7.172   1.649   -17.633 1.00 23.70 ? 1072 HOH A O     1 
HETATM 1476 O  O     . HOH D 4 .   ? 13.559  13.029  -3.420  1.00 26.94 ? 1073 HOH A O     1 
HETATM 1477 O  O     . HOH D 4 .   ? -16.566 -14.076 15.964  1.00 22.19 ? 1074 HOH A O     1 
HETATM 1478 O  O     . HOH D 4 .   ? -0.594  22.465  5.649   1.00 21.57 ? 1075 HOH A O     1 
HETATM 1479 O  O     . HOH D 4 .   ? 1.476   -10.232 -16.539 1.00 21.48 ? 1076 HOH A O     1 
HETATM 1480 O  O     . HOH D 4 .   ? 16.655  4.602   9.724   1.00 25.42 ? 1077 HOH A O     1 
HETATM 1481 O  O     . HOH D 4 .   ? -2.431  -10.957 10.976  1.00 17.27 ? 1078 HOH A O     1 
HETATM 1482 O  O     . HOH D 4 .   ? -6.688  8.865   -6.699  1.00 19.59 ? 1079 HOH A O     1 
HETATM 1483 O  O     . HOH D 4 .   ? -7.650  -6.878  17.700  1.00 25.05 ? 1080 HOH A O     1 
HETATM 1484 O  O     . HOH D 4 .   ? 3.813   -1.870  16.638  1.00 28.24 ? 1081 HOH A O     1 
HETATM 1485 O  O     . HOH D 4 .   ? 6.277   -8.315  -9.155  1.00 14.34 ? 1082 HOH A O     1 
HETATM 1486 O  O     . HOH D 4 .   ? -3.415  -8.716  -14.239 1.00 16.48 ? 1083 HOH A O     1 
HETATM 1487 O  O     . HOH D 4 .   ? -1.315  17.354  12.647  1.00 17.75 ? 1084 HOH A O     1 
HETATM 1488 O  O     . HOH D 4 .   ? -16.948 -11.598 9.983   1.00 17.38 ? 1085 HOH A O     1 
HETATM 1489 O  O     . HOH D 4 .   ? -11.773 11.786  13.498  1.00 15.28 ? 1086 HOH A O     1 
HETATM 1490 O  O     . HOH D 4 .   ? -14.396 1.887   6.781   0.50 11.70 ? 1087 HOH A O     1 
HETATM 1491 O  O     . HOH D 4 .   ? -3.690  21.589  4.897   1.00 16.72 ? 1088 HOH A O     1 
HETATM 1492 O  O     . HOH D 4 .   ? 4.159   3.768   13.175  1.00 19.90 ? 1089 HOH A O     1 
HETATM 1493 O  O     . HOH D 4 .   ? -2.802  19.609  1.399   1.00 19.35 ? 1090 HOH A O     1 
HETATM 1494 O  O     . HOH D 4 .   ? -16.662 -3.560  6.668   1.00 16.12 ? 1091 HOH A O     1 
HETATM 1495 O  O     . HOH D 4 .   ? -8.395  12.789  10.590  1.00 20.22 ? 1092 HOH A O     1 
HETATM 1496 O  O     . HOH D 4 .   ? -5.873  -15.957 10.291  1.00 19.33 ? 1093 HOH A O     1 
HETATM 1497 O  O     . HOH D 4 .   ? 5.406   -10.777 3.387   1.00 21.04 ? 1094 HOH A O     1 
HETATM 1498 O  O     . HOH D 4 .   ? -19.274 -10.275 12.038  1.00 25.68 ? 1095 HOH A O     1 
HETATM 1499 O  O     . HOH D 4 .   ? -16.514 -0.755  2.364   1.00 26.53 ? 1096 HOH A O     1 
HETATM 1500 O  O     . HOH D 4 .   ? -7.490  -11.168 11.749  1.00 20.27 ? 1097 HOH A O     1 
HETATM 1501 O  O     . HOH D 4 .   ? 9.278   -7.004  -12.211 1.00 24.85 ? 1098 HOH A O     1 
HETATM 1502 O  O     . HOH D 4 .   ? 10.625  -7.896  0.238   1.00 25.39 ? 1099 HOH A O     1 
HETATM 1503 O  O     . HOH D 4 .   ? -0.941  -17.676 -11.679 1.00 19.43 ? 1100 HOH A O     1 
HETATM 1504 O  O     . HOH D 4 .   ? 11.497  -8.973  4.661   1.00 28.36 ? 1101 HOH A O     1 
HETATM 1505 O  O     . HOH D 4 .   ? -17.616 -7.434  8.823   1.00 14.79 ? 1102 HOH A O     1 
HETATM 1506 O  O     . HOH D 4 .   ? -17.981 -3.233  -0.116  1.00 21.68 ? 1103 HOH A O     1 
HETATM 1507 O  O     . HOH D 4 .   ? -15.764 12.888  -2.702  1.00 32.73 ? 1104 HOH A O     1 
HETATM 1508 O  O     . HOH D 4 .   ? 0.625   22.177  2.750   1.00 20.91 ? 1105 HOH A O     1 
HETATM 1509 O  O     . HOH D 4 .   ? 12.448  7.408   -8.054  1.00 23.45 ? 1106 HOH A O     1 
HETATM 1510 O  O     . HOH D 4 .   ? -2.275  1.159   -22.805 1.00 29.65 ? 1107 HOH A O     1 
HETATM 1511 O  O     . HOH D 4 .   ? -2.559  -5.080  -17.700 1.00 21.25 ? 1108 HOH A O     1 
HETATM 1512 O  O     . HOH D 4 .   ? -17.399 -3.610  4.199   1.00 25.33 ? 1109 HOH A O     1 
HETATM 1513 O  O     . HOH D 4 .   ? -2.798  11.433  2.435   1.00 25.52 ? 1110 HOH A O     1 
HETATM 1514 O  O     . HOH D 4 .   ? 3.248   -14.528 -2.014  1.00 29.92 ? 1111 HOH A O     1 
HETATM 1515 O  O     . HOH D 4 .   ? 3.038   13.007  14.475  1.00 14.31 ? 1112 HOH A O     1 
HETATM 1516 O  O     . HOH D 4 .   ? 9.766   -1.878  -15.294 1.00 26.07 ? 1113 HOH A O     1 
HETATM 1517 O  O     . HOH D 4 .   ? 13.409  -2.934  7.939   1.00 25.24 ? 1114 HOH A O     1 
HETATM 1518 O  O     . HOH D 4 .   ? -9.324  6.933   17.459  1.00 23.30 ? 1115 HOH A O     1 
HETATM 1519 O  O     . HOH D 4 .   ? 3.618   -10.918 -13.253 1.00 24.91 ? 1116 HOH A O     1 
HETATM 1520 O  O     . HOH D 4 .   ? 18.199  14.646  0.775   1.00 26.61 ? 1117 HOH A O     1 
HETATM 1521 O  O     . HOH D 4 .   ? 6.505   -11.063 -9.586  1.00 22.14 ? 1118 HOH A O     1 
HETATM 1522 O  O     . HOH D 4 .   ? -9.755  -12.722 12.695  1.00 26.12 ? 1119 HOH A O     1 
HETATM 1523 O  O     . HOH D 4 .   ? -2.973  12.415  -14.493 1.00 27.21 ? 1120 HOH A O     1 
HETATM 1524 O  O     . HOH D 4 .   ? -18.970 -10.645 7.887   1.00 26.54 ? 1121 HOH A O     1 
HETATM 1525 O  O     . HOH D 4 .   ? -6.875  13.091  8.270   1.00 24.33 ? 1122 HOH A O     1 
HETATM 1526 O  O     . HOH D 4 .   ? -10.831 -16.150 -2.857  1.00 28.31 ? 1123 HOH A O     1 
HETATM 1527 O  O     . HOH D 4 .   ? 8.487   10.227  8.907   1.00 23.89 ? 1124 HOH A O     1 
HETATM 1528 O  O     . HOH D 4 .   ? 8.596   -9.518  0.836   1.00 29.66 ? 1125 HOH A O     1 
HETATM 1529 O  O     . HOH D 4 .   ? 0.160   16.555  1.839   1.00 30.81 ? 1126 HOH A O     1 
HETATM 1530 O  O     . HOH D 4 .   ? 8.601   3.044   -13.918 1.00 26.26 ? 1127 HOH A O     1 
HETATM 1531 O  O     . HOH D 4 .   ? 7.556   -12.330 -5.538  1.00 25.22 ? 1128 HOH A O     1 
HETATM 1532 O  O     . HOH D 4 .   ? -7.081  13.584  5.415   1.00 32.22 ? 1129 HOH A O     1 
HETATM 1533 O  O     . HOH D 4 .   ? -10.073 -13.632 -9.109  1.00 28.24 ? 1130 HOH A O     1 
HETATM 1534 O  O     . HOH D 4 .   ? -3.009  -5.467  15.398  1.00 32.67 ? 1131 HOH A O     1 
HETATM 1535 O  O     . HOH D 4 .   ? 20.381  12.290  -1.672  1.00 27.97 ? 1132 HOH A O     1 
HETATM 1536 O  O     . HOH D 4 .   ? 14.472  14.577  -1.370  1.00 33.91 ? 1133 HOH A O     1 
HETATM 1537 O  O     . HOH D 4 .   ? 10.810  2.399   -11.623 1.00 24.91 ? 1134 HOH A O     1 
HETATM 1538 O  O     . HOH D 4 .   ? -10.378 2.695   15.469  1.00 27.79 ? 1135 HOH A O     1 
HETATM 1539 O  O     . HOH D 4 .   ? 4.812   1.161   12.899  1.00 26.07 ? 1136 HOH A O     1 
HETATM 1540 O  O     . HOH D 4 .   ? -8.591  4.065   17.107  1.00 29.27 ? 1137 HOH A O     1 
HETATM 1541 O  O     . HOH D 4 .   ? -11.702 8.328   -2.330  1.00 22.23 ? 1138 HOH A O     1 
HETATM 1542 O  O     . HOH D 4 .   ? 19.053  4.099   10.957  1.00 32.39 ? 1139 HOH A O     1 
HETATM 1543 O  O     . HOH D 4 .   ? 24.547  10.754  -3.403  1.00 36.46 ? 1140 HOH A O     1 
HETATM 1544 O  O     . HOH D 4 .   ? -8.315  -8.239  -14.124 1.00 18.58 ? 1141 HOH A O     1 
HETATM 1545 O  O     . HOH D 4 .   ? -11.043 -7.015  -9.742  1.00 16.77 ? 1142 HOH A O     1 
HETATM 1546 O  O     . HOH D 4 .   ? -5.594  -2.453  17.247  1.00 21.79 ? 1143 HOH A O     1 
HETATM 1547 O  O     . HOH D 4 .   ? -14.242 -5.243  -10.856 1.00 23.35 ? 1144 HOH A O     1 
HETATM 1548 O  O     . HOH D 4 .   ? -9.834  -1.767  -9.014  1.00 24.88 ? 1145 HOH A O     1 
HETATM 1549 O  O     . HOH D 4 .   ? -4.661  13.931  4.391   1.00 26.22 ? 1146 HOH A O     1 
HETATM 1550 O  O     . HOH D 4 .   ? 0.305   -4.820  16.618  1.00 34.48 ? 1147 HOH A O     1 
HETATM 1551 O  O     . HOH D 4 .   ? 12.343  -8.198  -6.422  1.00 25.95 ? 1148 HOH A O     1 
HETATM 1552 O  O     . HOH D 4 .   ? -6.618  10.994  4.823   1.00 24.15 ? 1149 HOH A O     1 
HETATM 1553 O  O     . HOH D 4 .   ? -7.224  -15.748 -6.123  1.00 31.10 ? 1150 HOH A O     1 
HETATM 1554 O  O     . HOH D 4 .   ? 1.448   -15.609 -0.323  1.00 28.34 ? 1151 HOH A O     1 
HETATM 1555 O  O     . HOH D 4 .   ? -18.343 -6.204  -0.245  1.00 27.67 ? 1152 HOH A O     1 
HETATM 1556 O  O     . HOH D 4 .   ? 8.643   2.568   13.713  1.00 24.99 ? 1153 HOH A O     1 
HETATM 1557 O  O     . HOH D 4 .   ? 6.140   4.359   -16.580 1.00 30.94 ? 1154 HOH A O     1 
HETATM 1558 O  O     . HOH D 4 .   ? 13.154  6.151   9.809   1.00 31.61 ? 1155 HOH A O     1 
HETATM 1559 O  O     . HOH D 4 .   ? -15.181 -6.812  -8.832  1.00 31.05 ? 1156 HOH A O     1 
HETATM 1560 O  O     . HOH D 4 .   ? 10.942  -5.359  -13.190 1.00 28.23 ? 1157 HOH A O     1 
HETATM 1561 O  O     . HOH D 4 .   ? 17.957  0.953   -5.729  1.00 23.97 ? 1158 HOH A O     1 
HETATM 1562 O  O     . HOH D 4 .   ? -14.907 -14.178 10.436  1.00 28.14 ? 1159 HOH A O     1 
HETATM 1563 O  O     . HOH D 4 .   ? 9.115   12.378  7.449   1.00 31.11 ? 1160 HOH A O     1 
HETATM 1564 O  O     . HOH D 4 .   ? 10.162  -10.486 -3.726  1.00 28.46 ? 1161 HOH A O     1 
HETATM 1565 O  O     . HOH D 4 .   ? -7.488  -3.976  18.309  1.00 24.74 ? 1162 HOH A O     1 
HETATM 1566 O  O     . HOH D 4 .   ? -3.830  15.361  15.993  1.00 18.95 ? 1163 HOH A O     1 
HETATM 1567 O  O     . HOH D 4 .   ? 5.991   14.818  11.035  1.00 25.69 ? 1164 HOH A O     1 
HETATM 1568 O  O     . HOH D 4 .   ? -1.974  -19.064 6.584   1.00 24.01 ? 1165 HOH A O     1 
HETATM 1569 O  O     . HOH D 4 .   ? 1.787   4.570   16.410  1.00 26.37 ? 1166 HOH A O     1 
HETATM 1570 O  O     . HOH D 4 .   ? 21.313  -6.071  5.728   1.00 28.89 ? 1167 HOH A O     1 
HETATM 1571 O  O     . HOH D 4 .   ? -15.301 -6.020  -5.979  1.00 26.23 ? 1168 HOH A O     1 
HETATM 1572 O  O     . HOH D 4 .   ? 9.696   4.089   10.032  1.00 25.13 ? 1169 HOH A O     1 
HETATM 1573 O  O     . HOH D 4 .   ? -12.129 -10.512 -8.614  1.00 24.26 ? 1170 HOH A O     1 
HETATM 1574 O  O     . HOH D 4 .   ? -17.772 -2.535  -5.174  1.00 30.50 ? 1171 HOH A O     1 
HETATM 1575 O  O     . HOH D 4 .   ? 3.719   18.539  8.146   1.00 30.79 ? 1172 HOH A O     1 
HETATM 1576 O  O     . HOH D 4 .   ? 10.919  -1.282  -12.892 1.00 28.10 ? 1173 HOH A O     1 
HETATM 1577 O  O     . HOH D 4 .   ? 18.262  13.299  -3.507  1.00 30.09 ? 1174 HOH A O     1 
HETATM 1578 O  O     . HOH D 4 .   ? 9.480   -12.003 -9.546  1.00 33.69 ? 1175 HOH A O     1 
HETATM 1579 O  O     . HOH D 4 .   ? 22.088  9.815   6.952   1.00 34.51 ? 1176 HOH A O     1 
HETATM 1580 O  O     . HOH D 4 .   ? 13.005  9.992   9.330   1.00 32.96 ? 1177 HOH A O     1 
HETATM 1581 O  O     . HOH D 4 .   ? -13.242 -14.030 12.538  1.00 27.79 ? 1178 HOH A O     1 
# 
loop_
_pdbx_poly_seq_scheme.asym_id 
_pdbx_poly_seq_scheme.entity_id 
_pdbx_poly_seq_scheme.seq_id 
_pdbx_poly_seq_scheme.mon_id 
_pdbx_poly_seq_scheme.ndb_seq_num 
_pdbx_poly_seq_scheme.pdb_seq_num 
_pdbx_poly_seq_scheme.auth_seq_num 
_pdbx_poly_seq_scheme.pdb_mon_id 
_pdbx_poly_seq_scheme.auth_mon_id 
_pdbx_poly_seq_scheme.pdb_strand_id 
_pdbx_poly_seq_scheme.pdb_ins_code 
_pdbx_poly_seq_scheme.hetero 
A 1 1   GLY 1   -4  ?   ?   ?   A . n 
A 1 2   PRO 2   -3  ?   ?   ?   A . n 
A 1 3   LEU 3   -2  ?   ?   ?   A . n 
A 1 4   GLY 4   -1  ?   ?   ?   A . n 
A 1 5   SER 5   0   ?   ?   ?   A . n 
A 1 6   MET 6   1   ?   ?   ?   A . n 
A 1 7   ALA 7   2   ?   ?   ?   A . n 
A 1 8   THR 8   3   ?   ?   ?   A . n 
A 1 9   SER 9   4   ?   ?   ?   A . n 
A 1 10  ALA 10  5   ?   ?   ?   A . n 
A 1 11  VAL 11  6   ?   ?   ?   A . n 
A 1 12  PRO 12  7   ?   ?   ?   A . n 
A 1 13  SER 13  8   ?   ?   ?   A . n 
A 1 14  GLU 14  9   ?   ?   ?   A . n 
A 1 15  ASN 15  10  ?   ?   ?   A . n 
A 1 16  LEU 16  11  11  LEU LEU A . n 
A 1 17  PRO 17  12  12  PRO PRO A . n 
A 1 18  THR 18  13  13  THR THR A . n 
A 1 19  TYR 19  14  14  TYR TYR A . n 
A 1 20  LYS 20  15  15  LYS LYS A . n 
A 1 21  LEU 21  16  16  LEU LEU A . n 
A 1 22  VAL 22  17  17  VAL VAL A . n 
A 1 23  VAL 23  18  18  VAL VAL A . n 
A 1 24  VAL 24  19  19  VAL VAL A . n 
A 1 25  GLY 25  20  20  GLY GLY A . n 
A 1 26  ASP 26  21  21  ASP ASP A . n 
A 1 27  GLY 27  22  22  GLY GLY A . n 
A 1 28  GLY 28  23  23  GLY GLY A . n 
A 1 29  VAL 29  24  24  VAL VAL A . n 
A 1 30  GLY 30  25  25  GLY GLY A . n 
A 1 31  LYS 31  26  26  LYS LYS A . n 
A 1 32  SER 32  27  27  SER SER A . n 
A 1 33  ALA 33  28  28  ALA ALA A . n 
A 1 34  LEU 34  29  29  LEU LEU A . n 
A 1 35  THR 35  30  30  THR THR A . n 
A 1 36  ILE 36  31  31  ILE ILE A . n 
A 1 37  GLN 37  32  32  GLN GLN A . n 
A 1 38  PHE 38  33  33  PHE PHE A . n 
A 1 39  PHE 39  34  34  PHE PHE A . n 
A 1 40  GLN 40  35  35  GLN GLN A . n 
A 1 41  LYS 41  36  36  LYS LYS A . n 
A 1 42  ILE 42  37  37  ILE ILE A . n 
A 1 43  PHE 43  38  38  PHE PHE A . n 
A 1 44  VAL 44  39  39  VAL VAL A . n 
A 1 45  ASP 45  40  40  ASP ASP A . n 
A 1 46  ASP 46  41  41  ASP ASP A . n 
A 1 47  TYR 47  42  42  TYR TYR A . n 
A 1 48  ASP 48  43  43  ASP ASP A . n 
A 1 49  PRO 49  44  44  PRO PRO A . n 
A 1 50  THR 50  45  45  THR THR A . n 
A 1 51  ILE 51  46  46  ILE ILE A . n 
A 1 52  GLU 52  47  47  GLU GLU A . n 
A 1 53  ASP 53  48  48  ASP ASP A . n 
A 1 54  SER 54  49  49  SER SER A . n 
A 1 55  TYR 55  50  50  TYR TYR A . n 
A 1 56  LEU 56  51  51  LEU LEU A . n 
A 1 57  LYS 57  52  52  LYS LYS A . n 
A 1 58  HIS 58  53  53  HIS HIS A . n 
A 1 59  THR 59  54  54  THR THR A . n 
A 1 60  GLU 60  55  55  GLU GLU A . n 
A 1 61  ILE 61  56  56  ILE ILE A . n 
A 1 62  ASP 62  57  57  ASP ASP A . n 
A 1 63  ASN 63  58  58  ASN ASN A . n 
A 1 64  GLN 64  59  59  GLN GLN A . n 
A 1 65  TRP 65  60  60  TRP TRP A . n 
A 1 66  ALA 66  61  61  ALA ALA A . n 
A 1 67  ILE 67  62  62  ILE ILE A . n 
A 1 68  LEU 68  63  63  LEU LEU A . n 
A 1 69  ASP 69  64  64  ASP ASP A . n 
A 1 70  VAL 70  65  65  VAL VAL A . n 
A 1 71  LEU 71  66  66  LEU LEU A . n 
A 1 72  ASP 72  67  67  ASP ASP A . n 
A 1 73  THR 73  68  68  THR THR A . n 
A 1 74  ALA 74  69  69  ALA ALA A . n 
A 1 75  GLY 75  70  70  GLY GLY A . n 
A 1 76  GLN 76  71  71  GLN GLN A . n 
A 1 77  GLU 77  72  72  GLU GLU A . n 
A 1 78  GLU 78  73  73  GLU GLU A . n 
A 1 79  PHE 79  74  74  PHE PHE A . n 
A 1 80  SER 80  75  75  SER SER A . n 
A 1 81  ALA 81  76  76  ALA ALA A . n 
A 1 82  MET 82  77  77  MET MET A . n 
A 1 83  ARG 83  78  78  ARG ARG A . n 
A 1 84  GLU 84  79  79  GLU GLU A . n 
A 1 85  GLN 85  80  80  GLN GLN A . n 
A 1 86  TYR 86  81  81  TYR TYR A . n 
A 1 87  MET 87  82  82  MET MET A . n 
A 1 88  ARG 88  83  83  ARG ARG A . n 
A 1 89  THR 89  84  84  THR THR A . n 
A 1 90  GLY 90  85  85  GLY GLY A . n 
A 1 91  ASP 91  86  86  ASP ASP A . n 
A 1 92  GLY 92  87  87  GLY GLY A . n 
A 1 93  PHE 93  88  88  PHE PHE A . n 
A 1 94  LEU 94  89  89  LEU LEU A . n 
A 1 95  ILE 95  90  90  ILE ILE A . n 
A 1 96  VAL 96  91  91  VAL VAL A . n 
A 1 97  TYR 97  92  92  TYR TYR A . n 
A 1 98  SER 98  93  93  SER SER A . n 
A 1 99  VAL 99  94  94  VAL VAL A . n 
A 1 100 THR 100 95  95  THR THR A . n 
A 1 101 ASP 101 96  96  ASP ASP A . n 
A 1 102 LYS 102 97  97  LYS LYS A . n 
A 1 103 ALA 103 98  98  ALA ALA A . n 
A 1 104 SER 104 99  99  SER SER A . n 
A 1 105 PHE 105 100 100 PHE PHE A . n 
A 1 106 GLU 106 101 101 GLU GLU A . n 
A 1 107 HIS 107 102 102 HIS HIS A . n 
A 1 108 VAL 108 103 103 VAL VAL A . n 
A 1 109 ASP 109 104 104 ASP ASP A . n 
A 1 110 ARG 110 105 105 ARG ARG A . n 
A 1 111 PHE 111 106 106 PHE PHE A . n 
A 1 112 HIS 112 107 107 HIS HIS A . n 
A 1 113 GLN 113 108 108 GLN GLN A . n 
A 1 114 LEU 114 109 109 LEU LEU A . n 
A 1 115 ILE 115 110 110 ILE ILE A . n 
A 1 116 LEU 116 111 111 LEU LEU A . n 
A 1 117 ARG 117 112 112 ARG ARG A . n 
A 1 118 VAL 118 113 113 VAL VAL A . n 
A 1 119 LYS 119 114 114 LYS LYS A . n 
A 1 120 ASP 120 115 115 ASP ASP A . n 
A 1 121 ARG 121 116 116 ARG ARG A . n 
A 1 122 GLU 122 117 117 GLU GLU A . n 
A 1 123 SER 123 118 118 SER SER A . n 
A 1 124 PHE 124 119 119 PHE PHE A . n 
A 1 125 PRO 125 120 120 PRO PRO A . n 
A 1 126 MET 126 121 121 MET MET A . n 
A 1 127 ILE 127 122 122 ILE ILE A . n 
A 1 128 LEU 128 123 123 LEU LEU A . n 
A 1 129 VAL 129 124 124 VAL VAL A . n 
A 1 130 ALA 130 125 125 ALA ALA A . n 
A 1 131 ASN 131 126 126 ASN ASN A . n 
A 1 132 LYS 132 127 127 LYS LYS A . n 
A 1 133 VAL 133 128 128 VAL VAL A . n 
A 1 134 ASP 134 129 129 ASP ASP A . n 
A 1 135 LEU 135 130 130 LEU LEU A . n 
A 1 136 MET 136 131 131 MET MET A . n 
A 1 137 HIS 137 132 132 HIS HIS A . n 
A 1 138 LEU 138 133 133 LEU LEU A . n 
A 1 139 ARG 139 134 134 ARG ARG A . n 
A 1 140 LYS 140 135 135 LYS LYS A . n 
A 1 141 VAL 141 136 136 VAL VAL A . n 
A 1 142 THR 142 137 137 THR THR A . n 
A 1 143 ARG 143 138 138 ARG ARG A . n 
A 1 144 ASP 144 139 139 ASP ASP A . n 
A 1 145 GLN 145 140 140 GLN GLN A . n 
A 1 146 GLY 146 141 141 GLY GLY A . n 
A 1 147 LYS 147 142 142 LYS LYS A . n 
A 1 148 GLU 148 143 143 GLU GLU A . n 
A 1 149 MET 149 144 144 MET MET A . n 
A 1 150 ALA 150 145 145 ALA ALA A . n 
A 1 151 THR 151 146 146 THR THR A . n 
A 1 152 LYS 152 147 147 LYS LYS A . n 
A 1 153 TYR 153 148 148 TYR TYR A . n 
A 1 154 ASN 154 149 149 ASN ASN A . n 
A 1 155 ILE 155 150 150 ILE ILE A . n 
A 1 156 PRO 156 151 151 PRO PRO A . n 
A 1 157 TYR 157 152 152 TYR TYR A . n 
A 1 158 ILE 158 153 153 ILE ILE A . n 
A 1 159 GLU 159 154 154 GLU GLU A . n 
A 1 160 THR 160 155 155 THR THR A . n 
A 1 161 SER 161 156 156 SER SER A . n 
A 1 162 ALA 162 157 157 ALA ALA A . n 
A 1 163 LYS 163 158 158 LYS LYS A . n 
A 1 164 ASP 164 159 159 ASP ASP A . n 
A 1 165 PRO 165 160 160 PRO PRO A . n 
A 1 166 PRO 166 161 161 PRO PRO A . n 
A 1 167 LEU 167 162 162 LEU LEU A . n 
A 1 168 ASN 168 163 163 ASN ASN A . n 
A 1 169 VAL 169 164 164 VAL VAL A . n 
A 1 170 ASP 170 165 165 ASP ASP A . n 
A 1 171 LYS 171 166 166 LYS LYS A . n 
A 1 172 THR 172 167 167 THR THR A . n 
A 1 173 PHE 173 168 168 PHE PHE A . n 
A 1 174 HIS 174 169 169 HIS HIS A . n 
A 1 175 ASP 175 170 170 ASP ASP A . n 
A 1 176 LEU 176 171 171 LEU LEU A . n 
A 1 177 VAL 177 172 172 VAL VAL A . n 
A 1 178 ARG 178 173 173 ARG ARG A . n 
A 1 179 VAL 179 174 174 VAL VAL A . n 
A 1 180 ILE 180 175 175 ILE ILE A . n 
A 1 181 ARG 181 176 176 ARG ARG A . n 
A 1 182 GLN 182 177 177 GLN GLN A . n 
A 1 183 GLN 183 178 178 GLN GLN A . n 
# 
loop_
_pdbx_nonpoly_scheme.asym_id 
_pdbx_nonpoly_scheme.entity_id 
_pdbx_nonpoly_scheme.mon_id 
_pdbx_nonpoly_scheme.ndb_seq_num 
_pdbx_nonpoly_scheme.pdb_seq_num 
_pdbx_nonpoly_scheme.auth_seq_num 
_pdbx_nonpoly_scheme.pdb_mon_id 
_pdbx_nonpoly_scheme.auth_mon_id 
_pdbx_nonpoly_scheme.pdb_strand_id 
_pdbx_nonpoly_scheme.pdb_ins_code 
B 2 GNP 1   179  179  GNP GNP A . 
C 3 MG  1   180  180  MG  MG  A . 
D 4 HOH 1   1001 1001 HOH HOH A . 
D 4 HOH 2   1002 1002 HOH HOH A . 
D 4 HOH 3   1003 1003 HOH HOH A . 
D 4 HOH 4   1004 1004 HOH HOH A . 
D 4 HOH 5   1005 1005 HOH HOH A . 
D 4 HOH 6   1006 1006 HOH HOH A . 
D 4 HOH 7   1007 1007 HOH HOH A . 
D 4 HOH 8   1008 1008 HOH HOH A . 
D 4 HOH 9   1009 1009 HOH HOH A . 
D 4 HOH 10  1010 1010 HOH HOH A . 
D 4 HOH 11  1011 1011 HOH HOH A . 
D 4 HOH 12  1012 1012 HOH HOH A . 
D 4 HOH 13  1013 1013 HOH HOH A . 
D 4 HOH 14  1014 1014 HOH HOH A . 
D 4 HOH 15  1015 1015 HOH HOH A . 
D 4 HOH 16  1016 1016 HOH HOH A . 
D 4 HOH 17  1017 1017 HOH HOH A . 
D 4 HOH 18  1018 1018 HOH HOH A . 
D 4 HOH 19  1019 1019 HOH HOH A . 
D 4 HOH 20  1020 1020 HOH HOH A . 
D 4 HOH 21  1021 1021 HOH HOH A . 
D 4 HOH 22  1022 1022 HOH HOH A . 
D 4 HOH 23  1023 1023 HOH HOH A . 
D 4 HOH 24  1024 1024 HOH HOH A . 
D 4 HOH 25  1025 1025 HOH HOH A . 
D 4 HOH 26  1026 1026 HOH HOH A . 
D 4 HOH 27  1027 1027 HOH HOH A . 
D 4 HOH 28  1028 1028 HOH HOH A . 
D 4 HOH 29  1029 1029 HOH HOH A . 
D 4 HOH 30  1030 1030 HOH HOH A . 
D 4 HOH 31  1031 1031 HOH HOH A . 
D 4 HOH 32  1032 1032 HOH HOH A . 
D 4 HOH 33  1033 1033 HOH HOH A . 
D 4 HOH 34  1034 1034 HOH HOH A . 
D 4 HOH 35  1035 1035 HOH HOH A . 
D 4 HOH 36  1036 1036 HOH HOH A . 
D 4 HOH 37  1037 1037 HOH HOH A . 
D 4 HOH 38  1038 1038 HOH HOH A . 
D 4 HOH 39  1039 1039 HOH HOH A . 
D 4 HOH 40  1040 1040 HOH HOH A . 
D 4 HOH 41  1041 1041 HOH HOH A . 
D 4 HOH 42  1042 1042 HOH HOH A . 
D 4 HOH 43  1043 1043 HOH HOH A . 
D 4 HOH 44  1044 1044 HOH HOH A . 
D 4 HOH 45  1045 1045 HOH HOH A . 
D 4 HOH 46  1046 1046 HOH HOH A . 
D 4 HOH 47  1047 1047 HOH HOH A . 
D 4 HOH 48  1048 1048 HOH HOH A . 
D 4 HOH 49  1049 1049 HOH HOH A . 
D 4 HOH 50  1050 1050 HOH HOH A . 
D 4 HOH 51  1051 1051 HOH HOH A . 
D 4 HOH 52  1052 1052 HOH HOH A . 
D 4 HOH 53  1053 1053 HOH HOH A . 
D 4 HOH 54  1054 1054 HOH HOH A . 
D 4 HOH 55  1055 1055 HOH HOH A . 
D 4 HOH 56  1056 1056 HOH HOH A . 
D 4 HOH 57  1057 1057 HOH HOH A . 
D 4 HOH 58  1058 1058 HOH HOH A . 
D 4 HOH 59  1059 1059 HOH HOH A . 
D 4 HOH 60  1060 1060 HOH HOH A . 
D 4 HOH 61  1061 1061 HOH HOH A . 
D 4 HOH 62  1062 1062 HOH HOH A . 
D 4 HOH 63  1063 1063 HOH HOH A . 
D 4 HOH 64  1064 1064 HOH HOH A . 
D 4 HOH 65  1065 1065 HOH HOH A . 
D 4 HOH 66  1066 1066 HOH HOH A . 
D 4 HOH 67  1067 1067 HOH HOH A . 
D 4 HOH 68  1068 1068 HOH HOH A . 
D 4 HOH 69  1069 1069 HOH HOH A . 
D 4 HOH 70  1070 1070 HOH HOH A . 
D 4 HOH 71  1071 1071 HOH HOH A . 
D 4 HOH 72  1072 1072 HOH HOH A . 
D 4 HOH 73  1073 1073 HOH HOH A . 
D 4 HOH 74  1074 1074 HOH HOH A . 
D 4 HOH 75  1075 1075 HOH HOH A . 
D 4 HOH 76  1076 1076 HOH HOH A . 
D 4 HOH 77  1077 1077 HOH HOH A . 
D 4 HOH 78  1078 1078 HOH HOH A . 
D 4 HOH 79  1079 1079 HOH HOH A . 
D 4 HOH 80  1080 1080 HOH HOH A . 
D 4 HOH 81  1081 1081 HOH HOH A . 
D 4 HOH 82  1082 1082 HOH HOH A . 
D 4 HOH 83  1083 1083 HOH HOH A . 
D 4 HOH 84  1084 1084 HOH HOH A . 
D 4 HOH 85  1085 1085 HOH HOH A . 
D 4 HOH 86  1086 1086 HOH HOH A . 
D 4 HOH 87  1087 1087 HOH HOH A . 
D 4 HOH 88  1088 1088 HOH HOH A . 
D 4 HOH 89  1089 1089 HOH HOH A . 
D 4 HOH 90  1090 1090 HOH HOH A . 
D 4 HOH 91  1091 1091 HOH HOH A . 
D 4 HOH 92  1092 1092 HOH HOH A . 
D 4 HOH 93  1093 1093 HOH HOH A . 
D 4 HOH 94  1094 1094 HOH HOH A . 
D 4 HOH 95  1095 1095 HOH HOH A . 
D 4 HOH 96  1096 1096 HOH HOH A . 
D 4 HOH 97  1097 1097 HOH HOH A . 
D 4 HOH 98  1098 1098 HOH HOH A . 
D 4 HOH 99  1099 1099 HOH HOH A . 
D 4 HOH 100 1100 1100 HOH HOH A . 
D 4 HOH 101 1101 1101 HOH HOH A . 
D 4 HOH 102 1102 1102 HOH HOH A . 
D 4 HOH 103 1103 1103 HOH HOH A . 
D 4 HOH 104 1104 1104 HOH HOH A . 
D 4 HOH 105 1105 1105 HOH HOH A . 
D 4 HOH 106 1106 1106 HOH HOH A . 
D 4 HOH 107 1107 1107 HOH HOH A . 
D 4 HOH 108 1108 1108 HOH HOH A . 
D 4 HOH 109 1109 1109 HOH HOH A . 
D 4 HOH 110 1110 1110 HOH HOH A . 
D 4 HOH 111 1111 1111 HOH HOH A . 
D 4 HOH 112 1112 1112 HOH HOH A . 
D 4 HOH 113 1113 1113 HOH HOH A . 
D 4 HOH 114 1114 1114 HOH HOH A . 
D 4 HOH 115 1115 1115 HOH HOH A . 
D 4 HOH 116 1116 1116 HOH HOH A . 
D 4 HOH 117 1117 1117 HOH HOH A . 
D 4 HOH 118 1118 1118 HOH HOH A . 
D 4 HOH 119 1119 1119 HOH HOH A . 
D 4 HOH 120 1120 1120 HOH HOH A . 
D 4 HOH 121 1121 1121 HOH HOH A . 
D 4 HOH 122 1122 1122 HOH HOH A . 
D 4 HOH 123 1123 1123 HOH HOH A . 
D 4 HOH 124 1124 1124 HOH HOH A . 
D 4 HOH 125 1125 1125 HOH HOH A . 
D 4 HOH 126 1126 1126 HOH HOH A . 
D 4 HOH 127 1127 1127 HOH HOH A . 
D 4 HOH 128 1128 1128 HOH HOH A . 
D 4 HOH 129 1129 1129 HOH HOH A . 
D 4 HOH 130 1130 1130 HOH HOH A . 
D 4 HOH 131 1131 1131 HOH HOH A . 
D 4 HOH 132 1132 1132 HOH HOH A . 
D 4 HOH 133 1133 1133 HOH HOH A . 
D 4 HOH 134 1134 1134 HOH HOH A . 
D 4 HOH 135 1135 1135 HOH HOH A . 
D 4 HOH 136 1136 1136 HOH HOH A . 
D 4 HOH 137 1137 1137 HOH HOH A . 
D 4 HOH 138 1138 1138 HOH HOH A . 
D 4 HOH 139 1139 1139 HOH HOH A . 
D 4 HOH 140 1140 1140 HOH HOH A . 
D 4 HOH 141 1141 1141 HOH HOH A . 
D 4 HOH 142 1142 1142 HOH HOH A . 
D 4 HOH 143 1143 1143 HOH HOH A . 
D 4 HOH 144 1144 1144 HOH HOH A . 
D 4 HOH 145 1145 1145 HOH HOH A . 
D 4 HOH 146 1146 1146 HOH HOH A . 
D 4 HOH 147 1147 1147 HOH HOH A . 
D 4 HOH 148 1148 1148 HOH HOH A . 
D 4 HOH 149 1149 1149 HOH HOH A . 
D 4 HOH 150 1150 1150 HOH HOH A . 
D 4 HOH 151 1151 1151 HOH HOH A . 
D 4 HOH 152 1152 1152 HOH HOH A . 
D 4 HOH 153 1153 1153 HOH HOH A . 
D 4 HOH 154 1154 1154 HOH HOH A . 
D 4 HOH 155 1155 1155 HOH HOH A . 
D 4 HOH 156 1156 1156 HOH HOH A . 
D 4 HOH 157 1157 1157 HOH HOH A . 
D 4 HOH 158 1158 1158 HOH HOH A . 
D 4 HOH 159 1159 1159 HOH HOH A . 
D 4 HOH 160 1160 1160 HOH HOH A . 
D 4 HOH 161 1161 1161 HOH HOH A . 
D 4 HOH 162 1162 1162 HOH HOH A . 
D 4 HOH 163 1163 1163 HOH HOH A . 
D 4 HOH 164 1164 1164 HOH HOH A . 
D 4 HOH 165 1165 1165 HOH HOH A . 
D 4 HOH 166 1166 1166 HOH HOH A . 
D 4 HOH 167 1167 1167 HOH HOH A . 
D 4 HOH 168 1168 1168 HOH HOH A . 
D 4 HOH 169 1169 1169 HOH HOH A . 
D 4 HOH 170 1170 1170 HOH HOH A . 
D 4 HOH 171 1171 1171 HOH HOH A . 
D 4 HOH 172 1172 1172 HOH HOH A . 
D 4 HOH 173 1173 1173 HOH HOH A . 
D 4 HOH 174 1174 1174 HOH HOH A . 
D 4 HOH 175 1175 1175 HOH HOH A . 
D 4 HOH 176 1176 1176 HOH HOH A . 
D 4 HOH 177 1177 1177 HOH HOH A . 
D 4 HOH 178 1178 1178 HOH HOH A . 
# 
_pdbx_struct_assembly.id                   1 
_pdbx_struct_assembly.details              software_defined_assembly 
_pdbx_struct_assembly.method_details       PISA 
_pdbx_struct_assembly.oligomeric_details   monomeric 
_pdbx_struct_assembly.oligomeric_count     1 
# 
_pdbx_struct_assembly_gen.assembly_id       1 
_pdbx_struct_assembly_gen.oper_expression   1 
_pdbx_struct_assembly_gen.asym_id_list      A,B,C,D 
# 
_pdbx_struct_oper_list.id                   1 
_pdbx_struct_oper_list.type                 'identity operation' 
_pdbx_struct_oper_list.name                 1_555 
_pdbx_struct_oper_list.symmetry_operation   x,y,z 
_pdbx_struct_oper_list.matrix[1][1]         1.0000000000 
_pdbx_struct_oper_list.matrix[1][2]         0.0000000000 
_pdbx_struct_oper_list.matrix[1][3]         0.0000000000 
_pdbx_struct_oper_list.vector[1]            0.0000000000 
_pdbx_struct_oper_list.matrix[2][1]         0.0000000000 
_pdbx_struct_oper_list.matrix[2][2]         1.0000000000 
_pdbx_struct_oper_list.matrix[2][3]         0.0000000000 
_pdbx_struct_oper_list.vector[2]            0.0000000000 
_pdbx_struct_oper_list.matrix[3][1]         0.0000000000 
_pdbx_struct_oper_list.matrix[3][2]         0.0000000000 
_pdbx_struct_oper_list.matrix[3][3]         1.0000000000 
_pdbx_struct_oper_list.vector[3]            0.0000000000 
# 
_pdbx_struct_special_symmetry.id              1 
_pdbx_struct_special_symmetry.PDB_model_num   1 
_pdbx_struct_special_symmetry.auth_asym_id    A 
_pdbx_struct_special_symmetry.auth_comp_id    HOH 
_pdbx_struct_special_symmetry.auth_seq_id     1053 
_pdbx_struct_special_symmetry.PDB_ins_code    ? 
_pdbx_struct_special_symmetry.label_asym_id   D 
_pdbx_struct_special_symmetry.label_comp_id   HOH 
_pdbx_struct_special_symmetry.label_seq_id    . 
# 
loop_
_pdbx_struct_conn_angle.id 
_pdbx_struct_conn_angle.ptnr1_label_atom_id 
_pdbx_struct_conn_angle.ptnr1_label_alt_id 
_pdbx_struct_conn_angle.ptnr1_label_asym_id 
_pdbx_struct_conn_angle.ptnr1_label_comp_id 
_pdbx_struct_conn_angle.ptnr1_label_seq_id 
_pdbx_struct_conn_angle.ptnr1_auth_atom_id 
_pdbx_struct_conn_angle.ptnr1_auth_asym_id 
_pdbx_struct_conn_angle.ptnr1_auth_comp_id 
_pdbx_struct_conn_angle.ptnr1_auth_seq_id 
_pdbx_struct_conn_angle.ptnr1_PDB_ins_code 
_pdbx_struct_conn_angle.ptnr1_symmetry 
_pdbx_struct_conn_angle.ptnr2_label_atom_id 
_pdbx_struct_conn_angle.ptnr2_label_alt_id 
_pdbx_struct_conn_angle.ptnr2_label_asym_id 
_pdbx_struct_conn_angle.ptnr2_label_comp_id 
_pdbx_struct_conn_angle.ptnr2_label_seq_id 
_pdbx_struct_conn_angle.ptnr2_auth_atom_id 
_pdbx_struct_conn_angle.ptnr2_auth_asym_id 
_pdbx_struct_conn_angle.ptnr2_auth_comp_id 
_pdbx_struct_conn_angle.ptnr2_auth_seq_id 
_pdbx_struct_conn_angle.ptnr2_PDB_ins_code 
_pdbx_struct_conn_angle.ptnr2_symmetry 
_pdbx_struct_conn_angle.ptnr3_label_atom_id 
_pdbx_struct_conn_angle.ptnr3_label_alt_id 
_pdbx_struct_conn_angle.ptnr3_label_asym_id 
_pdbx_struct_conn_angle.ptnr3_label_comp_id 
_pdbx_struct_conn_angle.ptnr3_label_seq_id 
_pdbx_struct_conn_angle.ptnr3_auth_atom_id 
_pdbx_struct_conn_angle.ptnr3_auth_asym_id 
_pdbx_struct_conn_angle.ptnr3_auth_comp_id 
_pdbx_struct_conn_angle.ptnr3_auth_seq_id 
_pdbx_struct_conn_angle.ptnr3_PDB_ins_code 
_pdbx_struct_conn_angle.ptnr3_symmetry 
_pdbx_struct_conn_angle.value 
_pdbx_struct_conn_angle.value_esd 
1  OG  ? A SER 32 ? A SER 27   ? 1_555 MG ? C MG . ? A MG 180 ? 1_555 O2G ? B GNP . ? A GNP 179  ? 1_555 177.7 ? 
2  OG  ? A SER 32 ? A SER 27   ? 1_555 MG ? C MG . ? A MG 180 ? 1_555 O2B ? B GNP . ? A GNP 179  ? 1_555 89.5  ? 
3  O2G ? B GNP .  ? A GNP 179  ? 1_555 MG ? C MG . ? A MG 180 ? 1_555 O2B ? B GNP . ? A GNP 179  ? 1_555 91.7  ? 
4  OG  ? A SER 32 ? A SER 27   ? 1_555 MG ? C MG . ? A MG 180 ? 1_555 O   ? D HOH . ? A HOH 1001 ? 1_555 83.7  ? 
5  O2G ? B GNP .  ? A GNP 179  ? 1_555 MG ? C MG . ? A MG 180 ? 1_555 O   ? D HOH . ? A HOH 1001 ? 1_555 94.4  ? 
6  O2B ? B GNP .  ? A GNP 179  ? 1_555 MG ? C MG . ? A MG 180 ? 1_555 O   ? D HOH . ? A HOH 1001 ? 1_555 91.1  ? 
7  OG  ? A SER 32 ? A SER 27   ? 1_555 MG ? C MG . ? A MG 180 ? 1_555 O   ? D HOH . ? A HOH 1002 ? 1_555 86.7  ? 
8  O2G ? B GNP .  ? A GNP 179  ? 1_555 MG ? C MG . ? A MG 180 ? 1_555 O   ? D HOH . ? A HOH 1002 ? 1_555 95.2  ? 
9  O2B ? B GNP .  ? A GNP 179  ? 1_555 MG ? C MG . ? A MG 180 ? 1_555 O   ? D HOH . ? A HOH 1002 ? 1_555 88.0  ? 
10 O   ? D HOH .  ? A HOH 1001 ? 1_555 MG ? C MG . ? A MG 180 ? 1_555 O   ? D HOH . ? A HOH 1002 ? 1_555 170.4 ? 
11 OG  ? A SER 32 ? A SER 27   ? 1_555 MG ? C MG . ? A MG 180 ? 1_555 O   ? D HOH . ? A HOH 1003 ? 1_555 86.2  ? 
12 O2G ? B GNP .  ? A GNP 179  ? 1_555 MG ? C MG . ? A MG 180 ? 1_555 O   ? D HOH . ? A HOH 1003 ? 1_555 92.7  ? 
13 O2B ? B GNP .  ? A GNP 179  ? 1_555 MG ? C MG . ? A MG 180 ? 1_555 O   ? D HOH . ? A HOH 1003 ? 1_555 174.6 ? 
14 O   ? D HOH .  ? A HOH 1001 ? 1_555 MG ? C MG . ? A MG 180 ? 1_555 O   ? D HOH . ? A HOH 1003 ? 1_555 91.6  ? 
15 O   ? D HOH .  ? A HOH 1002 ? 1_555 MG ? C MG . ? A MG 180 ? 1_555 O   ? D HOH . ? A HOH 1003 ? 1_555 88.6  ? 
# 
loop_
_pdbx_audit_revision_history.ordinal 
_pdbx_audit_revision_history.data_content_type 
_pdbx_audit_revision_history.major_revision 
_pdbx_audit_revision_history.minor_revision 
_pdbx_audit_revision_history.revision_date 
1 'Structure model' 1 0 2010-06-16 
2 'Structure model' 1 1 2011-07-13 
3 'Structure model' 1 2 2014-02-12 
4 'Structure model' 1 3 2023-11-01 
# 
_pdbx_audit_revision_details.ordinal             1 
_pdbx_audit_revision_details.revision_ordinal    1 
_pdbx_audit_revision_details.data_content_type   'Structure model' 
_pdbx_audit_revision_details.provider            repository 
_pdbx_audit_revision_details.type                'Initial release' 
_pdbx_audit_revision_details.description         ? 
_pdbx_audit_revision_details.details             ? 
# 
loop_
_pdbx_audit_revision_group.ordinal 
_pdbx_audit_revision_group.revision_ordinal 
_pdbx_audit_revision_group.data_content_type 
_pdbx_audit_revision_group.group 
1 2 'Structure model' 'Version format compliance' 
2 3 'Structure model' 'Database references'       
3 4 'Structure model' 'Data collection'           
4 4 'Structure model' 'Database references'       
5 4 'Structure model' 'Derived calculations'      
6 4 'Structure model' 'Refinement description'    
# 
loop_
_pdbx_audit_revision_category.ordinal 
_pdbx_audit_revision_category.revision_ordinal 
_pdbx_audit_revision_category.data_content_type 
_pdbx_audit_revision_category.category 
1 4 'Structure model' chem_comp_atom                
2 4 'Structure model' chem_comp_bond                
3 4 'Structure model' database_2                    
4 4 'Structure model' pdbx_initial_refinement_model 
5 4 'Structure model' pdbx_struct_conn_angle        
6 4 'Structure model' struct_conn                   
7 4 'Structure model' struct_ref_seq_dif            
8 4 'Structure model' struct_site                   
# 
loop_
_pdbx_audit_revision_item.ordinal 
_pdbx_audit_revision_item.revision_ordinal 
_pdbx_audit_revision_item.data_content_type 
_pdbx_audit_revision_item.item 
1  4 'Structure model' '_database_2.pdbx_DOI'                        
2  4 'Structure model' '_database_2.pdbx_database_accession'         
3  4 'Structure model' '_pdbx_struct_conn_angle.ptnr1_auth_comp_id'  
4  4 'Structure model' '_pdbx_struct_conn_angle.ptnr1_auth_seq_id'   
5  4 'Structure model' '_pdbx_struct_conn_angle.ptnr1_label_asym_id' 
6  4 'Structure model' '_pdbx_struct_conn_angle.ptnr1_label_atom_id' 
7  4 'Structure model' '_pdbx_struct_conn_angle.ptnr1_label_comp_id' 
8  4 'Structure model' '_pdbx_struct_conn_angle.ptnr1_label_seq_id'  
9  4 'Structure model' '_pdbx_struct_conn_angle.ptnr3_auth_comp_id'  
10 4 'Structure model' '_pdbx_struct_conn_angle.ptnr3_auth_seq_id'   
11 4 'Structure model' '_pdbx_struct_conn_angle.ptnr3_label_asym_id' 
12 4 'Structure model' '_pdbx_struct_conn_angle.ptnr3_label_atom_id' 
13 4 'Structure model' '_pdbx_struct_conn_angle.ptnr3_label_comp_id' 
14 4 'Structure model' '_pdbx_struct_conn_angle.ptnr3_label_seq_id'  
15 4 'Structure model' '_pdbx_struct_conn_angle.value'               
16 4 'Structure model' '_struct_conn.pdbx_dist_value'                
17 4 'Structure model' '_struct_conn.ptnr1_auth_comp_id'             
18 4 'Structure model' '_struct_conn.ptnr1_auth_seq_id'              
19 4 'Structure model' '_struct_conn.ptnr1_label_asym_id'            
20 4 'Structure model' '_struct_conn.ptnr1_label_atom_id'            
21 4 'Structure model' '_struct_conn.ptnr1_label_comp_id'            
22 4 'Structure model' '_struct_conn.ptnr1_label_seq_id'             
23 4 'Structure model' '_struct_conn.ptnr2_auth_comp_id'             
24 4 'Structure model' '_struct_conn.ptnr2_auth_seq_id'              
25 4 'Structure model' '_struct_conn.ptnr2_label_asym_id'            
26 4 'Structure model' '_struct_conn.ptnr2_label_atom_id'            
27 4 'Structure model' '_struct_conn.ptnr2_label_comp_id'            
28 4 'Structure model' '_struct_ref_seq_dif.details'                 
29 4 'Structure model' '_struct_site.pdbx_auth_asym_id'              
30 4 'Structure model' '_struct_site.pdbx_auth_comp_id'              
31 4 'Structure model' '_struct_site.pdbx_auth_seq_id'               
# 
loop_
_software.name 
_software.classification 
_software.version 
_software.citation_id 
_software.pdbx_ordinal 
BSS    'data collection' .        ? 1 
AMoRE  phasing           .        ? 2 
REFMAC refinement        5.5.0072 ? 3 
MOSFLM 'data reduction'  .        ? 4 
SCALA  'data scaling'    .        ? 5 
# 
loop_
_pdbx_unobs_or_zero_occ_residues.id 
_pdbx_unobs_or_zero_occ_residues.PDB_model_num 
_pdbx_unobs_or_zero_occ_residues.polymer_flag 
_pdbx_unobs_or_zero_occ_residues.occupancy_flag 
_pdbx_unobs_or_zero_occ_residues.auth_asym_id 
_pdbx_unobs_or_zero_occ_residues.auth_comp_id 
_pdbx_unobs_or_zero_occ_residues.auth_seq_id 
_pdbx_unobs_or_zero_occ_residues.PDB_ins_code 
_pdbx_unobs_or_zero_occ_residues.label_asym_id 
_pdbx_unobs_or_zero_occ_residues.label_comp_id 
_pdbx_unobs_or_zero_occ_residues.label_seq_id 
1  1 Y 1 A GLY -4 ? A GLY 1  
2  1 Y 1 A PRO -3 ? A PRO 2  
3  1 Y 1 A LEU -2 ? A LEU 3  
4  1 Y 1 A GLY -1 ? A GLY 4  
5  1 Y 1 A SER 0  ? A SER 5  
6  1 Y 1 A MET 1  ? A MET 6  
7  1 Y 1 A ALA 2  ? A ALA 7  
8  1 Y 1 A THR 3  ? A THR 8  
9  1 Y 1 A SER 4  ? A SER 9  
10 1 Y 1 A ALA 5  ? A ALA 10 
11 1 Y 1 A VAL 6  ? A VAL 11 
12 1 Y 1 A PRO 7  ? A PRO 12 
13 1 Y 1 A SER 8  ? A SER 13 
14 1 Y 1 A GLU 9  ? A GLU 14 
15 1 Y 1 A ASN 10 ? A ASN 15 
# 
loop_
_chem_comp_atom.comp_id 
_chem_comp_atom.atom_id 
_chem_comp_atom.type_symbol 
_chem_comp_atom.pdbx_aromatic_flag 
_chem_comp_atom.pdbx_stereo_config 
_chem_comp_atom.pdbx_ordinal 
ALA N      N  N N 1   
ALA CA     C  N S 2   
ALA C      C  N N 3   
ALA O      O  N N 4   
ALA CB     C  N N 5   
ALA OXT    O  N N 6   
ALA H      H  N N 7   
ALA H2     H  N N 8   
ALA HA     H  N N 9   
ALA HB1    H  N N 10  
ALA HB2    H  N N 11  
ALA HB3    H  N N 12  
ALA HXT    H  N N 13  
ARG N      N  N N 14  
ARG CA     C  N S 15  
ARG C      C  N N 16  
ARG O      O  N N 17  
ARG CB     C  N N 18  
ARG CG     C  N N 19  
ARG CD     C  N N 20  
ARG NE     N  N N 21  
ARG CZ     C  N N 22  
ARG NH1    N  N N 23  
ARG NH2    N  N N 24  
ARG OXT    O  N N 25  
ARG H      H  N N 26  
ARG H2     H  N N 27  
ARG HA     H  N N 28  
ARG HB2    H  N N 29  
ARG HB3    H  N N 30  
ARG HG2    H  N N 31  
ARG HG3    H  N N 32  
ARG HD2    H  N N 33  
ARG HD3    H  N N 34  
ARG HE     H  N N 35  
ARG HH11   H  N N 36  
ARG HH12   H  N N 37  
ARG HH21   H  N N 38  
ARG HH22   H  N N 39  
ARG HXT    H  N N 40  
ASN N      N  N N 41  
ASN CA     C  N S 42  
ASN C      C  N N 43  
ASN O      O  N N 44  
ASN CB     C  N N 45  
ASN CG     C  N N 46  
ASN OD1    O  N N 47  
ASN ND2    N  N N 48  
ASN OXT    O  N N 49  
ASN H      H  N N 50  
ASN H2     H  N N 51  
ASN HA     H  N N 52  
ASN HB2    H  N N 53  
ASN HB3    H  N N 54  
ASN HD21   H  N N 55  
ASN HD22   H  N N 56  
ASN HXT    H  N N 57  
ASP N      N  N N 58  
ASP CA     C  N S 59  
ASP C      C  N N 60  
ASP O      O  N N 61  
ASP CB     C  N N 62  
ASP CG     C  N N 63  
ASP OD1    O  N N 64  
ASP OD2    O  N N 65  
ASP OXT    O  N N 66  
ASP H      H  N N 67  
ASP H2     H  N N 68  
ASP HA     H  N N 69  
ASP HB2    H  N N 70  
ASP HB3    H  N N 71  
ASP HD2    H  N N 72  
ASP HXT    H  N N 73  
GLN N      N  N N 74  
GLN CA     C  N S 75  
GLN C      C  N N 76  
GLN O      O  N N 77  
GLN CB     C  N N 78  
GLN CG     C  N N 79  
GLN CD     C  N N 80  
GLN OE1    O  N N 81  
GLN NE2    N  N N 82  
GLN OXT    O  N N 83  
GLN H      H  N N 84  
GLN H2     H  N N 85  
GLN HA     H  N N 86  
GLN HB2    H  N N 87  
GLN HB3    H  N N 88  
GLN HG2    H  N N 89  
GLN HG3    H  N N 90  
GLN HE21   H  N N 91  
GLN HE22   H  N N 92  
GLN HXT    H  N N 93  
GLU N      N  N N 94  
GLU CA     C  N S 95  
GLU C      C  N N 96  
GLU O      O  N N 97  
GLU CB     C  N N 98  
GLU CG     C  N N 99  
GLU CD     C  N N 100 
GLU OE1    O  N N 101 
GLU OE2    O  N N 102 
GLU OXT    O  N N 103 
GLU H      H  N N 104 
GLU H2     H  N N 105 
GLU HA     H  N N 106 
GLU HB2    H  N N 107 
GLU HB3    H  N N 108 
GLU HG2    H  N N 109 
GLU HG3    H  N N 110 
GLU HE2    H  N N 111 
GLU HXT    H  N N 112 
GLY N      N  N N 113 
GLY CA     C  N N 114 
GLY C      C  N N 115 
GLY O      O  N N 116 
GLY OXT    O  N N 117 
GLY H      H  N N 118 
GLY H2     H  N N 119 
GLY HA2    H  N N 120 
GLY HA3    H  N N 121 
GLY HXT    H  N N 122 
GNP PG     P  N N 123 
GNP O1G    O  N N 124 
GNP O2G    O  N N 125 
GNP O3G    O  N N 126 
GNP N3B    N  N N 127 
GNP PB     P  N R 128 
GNP O1B    O  N N 129 
GNP O2B    O  N N 130 
GNP O3A    O  N N 131 
GNP PA     P  N S 132 
GNP O1A    O  N N 133 
GNP O2A    O  N N 134 
GNP "O5'"  O  N N 135 
GNP "C5'"  C  N N 136 
GNP "C4'"  C  N R 137 
GNP "O4'"  O  N N 138 
GNP "C3'"  C  N S 139 
GNP "O3'"  O  N N 140 
GNP "C2'"  C  N R 141 
GNP "O2'"  O  N N 142 
GNP "C1'"  C  N R 143 
GNP N9     N  Y N 144 
GNP C8     C  Y N 145 
GNP N7     N  Y N 146 
GNP C5     C  Y N 147 
GNP C6     C  Y N 148 
GNP O6     O  N N 149 
GNP N1     N  Y N 150 
GNP C2     C  Y N 151 
GNP N2     N  N N 152 
GNP N3     N  Y N 153 
GNP C4     C  Y N 154 
GNP HOG2   H  N N 155 
GNP HOG3   H  N N 156 
GNP HNB3   H  N N 157 
GNP HOB2   H  N N 158 
GNP HOA2   H  N N 159 
GNP "H5'2" H  N N 160 
GNP "H5'1" H  N N 161 
GNP "H4'"  H  N N 162 
GNP "H3'"  H  N N 163 
GNP "HO3'" H  N N 164 
GNP "H2'"  H  N N 165 
GNP "HO2'" H  N N 166 
GNP "H1'"  H  N N 167 
GNP H8     H  N N 168 
GNP HN1    H  N N 169 
GNP HN21   H  N N 170 
GNP HN22   H  N N 171 
HIS N      N  N N 172 
HIS CA     C  N S 173 
HIS C      C  N N 174 
HIS O      O  N N 175 
HIS CB     C  N N 176 
HIS CG     C  Y N 177 
HIS ND1    N  Y N 178 
HIS CD2    C  Y N 179 
HIS CE1    C  Y N 180 
HIS NE2    N  Y N 181 
HIS OXT    O  N N 182 
HIS H      H  N N 183 
HIS H2     H  N N 184 
HIS HA     H  N N 185 
HIS HB2    H  N N 186 
HIS HB3    H  N N 187 
HIS HD1    H  N N 188 
HIS HD2    H  N N 189 
HIS HE1    H  N N 190 
HIS HE2    H  N N 191 
HIS HXT    H  N N 192 
HOH O      O  N N 193 
HOH H1     H  N N 194 
HOH H2     H  N N 195 
ILE N      N  N N 196 
ILE CA     C  N S 197 
ILE C      C  N N 198 
ILE O      O  N N 199 
ILE CB     C  N S 200 
ILE CG1    C  N N 201 
ILE CG2    C  N N 202 
ILE CD1    C  N N 203 
ILE OXT    O  N N 204 
ILE H      H  N N 205 
ILE H2     H  N N 206 
ILE HA     H  N N 207 
ILE HB     H  N N 208 
ILE HG12   H  N N 209 
ILE HG13   H  N N 210 
ILE HG21   H  N N 211 
ILE HG22   H  N N 212 
ILE HG23   H  N N 213 
ILE HD11   H  N N 214 
ILE HD12   H  N N 215 
ILE HD13   H  N N 216 
ILE HXT    H  N N 217 
LEU N      N  N N 218 
LEU CA     C  N S 219 
LEU C      C  N N 220 
LEU O      O  N N 221 
LEU CB     C  N N 222 
LEU CG     C  N N 223 
LEU CD1    C  N N 224 
LEU CD2    C  N N 225 
LEU OXT    O  N N 226 
LEU H      H  N N 227 
LEU H2     H  N N 228 
LEU HA     H  N N 229 
LEU HB2    H  N N 230 
LEU HB3    H  N N 231 
LEU HG     H  N N 232 
LEU HD11   H  N N 233 
LEU HD12   H  N N 234 
LEU HD13   H  N N 235 
LEU HD21   H  N N 236 
LEU HD22   H  N N 237 
LEU HD23   H  N N 238 
LEU HXT    H  N N 239 
LYS N      N  N N 240 
LYS CA     C  N S 241 
LYS C      C  N N 242 
LYS O      O  N N 243 
LYS CB     C  N N 244 
LYS CG     C  N N 245 
LYS CD     C  N N 246 
LYS CE     C  N N 247 
LYS NZ     N  N N 248 
LYS OXT    O  N N 249 
LYS H      H  N N 250 
LYS H2     H  N N 251 
LYS HA     H  N N 252 
LYS HB2    H  N N 253 
LYS HB3    H  N N 254 
LYS HG2    H  N N 255 
LYS HG3    H  N N 256 
LYS HD2    H  N N 257 
LYS HD3    H  N N 258 
LYS HE2    H  N N 259 
LYS HE3    H  N N 260 
LYS HZ1    H  N N 261 
LYS HZ2    H  N N 262 
LYS HZ3    H  N N 263 
LYS HXT    H  N N 264 
MET N      N  N N 265 
MET CA     C  N S 266 
MET C      C  N N 267 
MET O      O  N N 268 
MET CB     C  N N 269 
MET CG     C  N N 270 
MET SD     S  N N 271 
MET CE     C  N N 272 
MET OXT    O  N N 273 
MET H      H  N N 274 
MET H2     H  N N 275 
MET HA     H  N N 276 
MET HB2    H  N N 277 
MET HB3    H  N N 278 
MET HG2    H  N N 279 
MET HG3    H  N N 280 
MET HE1    H  N N 281 
MET HE2    H  N N 282 
MET HE3    H  N N 283 
MET HXT    H  N N 284 
MG  MG     MG N N 285 
PHE N      N  N N 286 
PHE CA     C  N S 287 
PHE C      C  N N 288 
PHE O      O  N N 289 
PHE CB     C  N N 290 
PHE CG     C  Y N 291 
PHE CD1    C  Y N 292 
PHE CD2    C  Y N 293 
PHE CE1    C  Y N 294 
PHE CE2    C  Y N 295 
PHE CZ     C  Y N 296 
PHE OXT    O  N N 297 
PHE H      H  N N 298 
PHE H2     H  N N 299 
PHE HA     H  N N 300 
PHE HB2    H  N N 301 
PHE HB3    H  N N 302 
PHE HD1    H  N N 303 
PHE HD2    H  N N 304 
PHE HE1    H  N N 305 
PHE HE2    H  N N 306 
PHE HZ     H  N N 307 
PHE HXT    H  N N 308 
PRO N      N  N N 309 
PRO CA     C  N S 310 
PRO C      C  N N 311 
PRO O      O  N N 312 
PRO CB     C  N N 313 
PRO CG     C  N N 314 
PRO CD     C  N N 315 
PRO OXT    O  N N 316 
PRO H      H  N N 317 
PRO HA     H  N N 318 
PRO HB2    H  N N 319 
PRO HB3    H  N N 320 
PRO HG2    H  N N 321 
PRO HG3    H  N N 322 
PRO HD2    H  N N 323 
PRO HD3    H  N N 324 
PRO HXT    H  N N 325 
SER N      N  N N 326 
SER CA     C  N S 327 
SER C      C  N N 328 
SER O      O  N N 329 
SER CB     C  N N 330 
SER OG     O  N N 331 
SER OXT    O  N N 332 
SER H      H  N N 333 
SER H2     H  N N 334 
SER HA     H  N N 335 
SER HB2    H  N N 336 
SER HB3    H  N N 337 
SER HG     H  N N 338 
SER HXT    H  N N 339 
THR N      N  N N 340 
THR CA     C  N S 341 
THR C      C  N N 342 
THR O      O  N N 343 
THR CB     C  N R 344 
THR OG1    O  N N 345 
THR CG2    C  N N 346 
THR OXT    O  N N 347 
THR H      H  N N 348 
THR H2     H  N N 349 
THR HA     H  N N 350 
THR HB     H  N N 351 
THR HG1    H  N N 352 
THR HG21   H  N N 353 
THR HG22   H  N N 354 
THR HG23   H  N N 355 
THR HXT    H  N N 356 
TRP N      N  N N 357 
TRP CA     C  N S 358 
TRP C      C  N N 359 
TRP O      O  N N 360 
TRP CB     C  N N 361 
TRP CG     C  Y N 362 
TRP CD1    C  Y N 363 
TRP CD2    C  Y N 364 
TRP NE1    N  Y N 365 
TRP CE2    C  Y N 366 
TRP CE3    C  Y N 367 
TRP CZ2    C  Y N 368 
TRP CZ3    C  Y N 369 
TRP CH2    C  Y N 370 
TRP OXT    O  N N 371 
TRP H      H  N N 372 
TRP H2     H  N N 373 
TRP HA     H  N N 374 
TRP HB2    H  N N 375 
TRP HB3    H  N N 376 
TRP HD1    H  N N 377 
TRP HE1    H  N N 378 
TRP HE3    H  N N 379 
TRP HZ2    H  N N 380 
TRP HZ3    H  N N 381 
TRP HH2    H  N N 382 
TRP HXT    H  N N 383 
TYR N      N  N N 384 
TYR CA     C  N S 385 
TYR C      C  N N 386 
TYR O      O  N N 387 
TYR CB     C  N N 388 
TYR CG     C  Y N 389 
TYR CD1    C  Y N 390 
TYR CD2    C  Y N 391 
TYR CE1    C  Y N 392 
TYR CE2    C  Y N 393 
TYR CZ     C  Y N 394 
TYR OH     O  N N 395 
TYR OXT    O  N N 396 
TYR H      H  N N 397 
TYR H2     H  N N 398 
TYR HA     H  N N 399 
TYR HB2    H  N N 400 
TYR HB3    H  N N 401 
TYR HD1    H  N N 402 
TYR HD2    H  N N 403 
TYR HE1    H  N N 404 
TYR HE2    H  N N 405 
TYR HH     H  N N 406 
TYR HXT    H  N N 407 
VAL N      N  N N 408 
VAL CA     C  N S 409 
VAL C      C  N N 410 
VAL O      O  N N 411 
VAL CB     C  N N 412 
VAL CG1    C  N N 413 
VAL CG2    C  N N 414 
VAL OXT    O  N N 415 
VAL H      H  N N 416 
VAL H2     H  N N 417 
VAL HA     H  N N 418 
VAL HB     H  N N 419 
VAL HG11   H  N N 420 
VAL HG12   H  N N 421 
VAL HG13   H  N N 422 
VAL HG21   H  N N 423 
VAL HG22   H  N N 424 
VAL HG23   H  N N 425 
VAL HXT    H  N N 426 
# 
loop_
_chem_comp_bond.comp_id 
_chem_comp_bond.atom_id_1 
_chem_comp_bond.atom_id_2 
_chem_comp_bond.value_order 
_chem_comp_bond.pdbx_aromatic_flag 
_chem_comp_bond.pdbx_stereo_config 
_chem_comp_bond.pdbx_ordinal 
ALA N     CA     sing N N 1   
ALA N     H      sing N N 2   
ALA N     H2     sing N N 3   
ALA CA    C      sing N N 4   
ALA CA    CB     sing N N 5   
ALA CA    HA     sing N N 6   
ALA C     O      doub N N 7   
ALA C     OXT    sing N N 8   
ALA CB    HB1    sing N N 9   
ALA CB    HB2    sing N N 10  
ALA CB    HB3    sing N N 11  
ALA OXT   HXT    sing N N 12  
ARG N     CA     sing N N 13  
ARG N     H      sing N N 14  
ARG N     H2     sing N N 15  
ARG CA    C      sing N N 16  
ARG CA    CB     sing N N 17  
ARG CA    HA     sing N N 18  
ARG C     O      doub N N 19  
ARG C     OXT    sing N N 20  
ARG CB    CG     sing N N 21  
ARG CB    HB2    sing N N 22  
ARG CB    HB3    sing N N 23  
ARG CG    CD     sing N N 24  
ARG CG    HG2    sing N N 25  
ARG CG    HG3    sing N N 26  
ARG CD    NE     sing N N 27  
ARG CD    HD2    sing N N 28  
ARG CD    HD3    sing N N 29  
ARG NE    CZ     sing N N 30  
ARG NE    HE     sing N N 31  
ARG CZ    NH1    sing N N 32  
ARG CZ    NH2    doub N N 33  
ARG NH1   HH11   sing N N 34  
ARG NH1   HH12   sing N N 35  
ARG NH2   HH21   sing N N 36  
ARG NH2   HH22   sing N N 37  
ARG OXT   HXT    sing N N 38  
ASN N     CA     sing N N 39  
ASN N     H      sing N N 40  
ASN N     H2     sing N N 41  
ASN CA    C      sing N N 42  
ASN CA    CB     sing N N 43  
ASN CA    HA     sing N N 44  
ASN C     O      doub N N 45  
ASN C     OXT    sing N N 46  
ASN CB    CG     sing N N 47  
ASN CB    HB2    sing N N 48  
ASN CB    HB3    sing N N 49  
ASN CG    OD1    doub N N 50  
ASN CG    ND2    sing N N 51  
ASN ND2   HD21   sing N N 52  
ASN ND2   HD22   sing N N 53  
ASN OXT   HXT    sing N N 54  
ASP N     CA     sing N N 55  
ASP N     H      sing N N 56  
ASP N     H2     sing N N 57  
ASP CA    C      sing N N 58  
ASP CA    CB     sing N N 59  
ASP CA    HA     sing N N 60  
ASP C     O      doub N N 61  
ASP C     OXT    sing N N 62  
ASP CB    CG     sing N N 63  
ASP CB    HB2    sing N N 64  
ASP CB    HB3    sing N N 65  
ASP CG    OD1    doub N N 66  
ASP CG    OD2    sing N N 67  
ASP OD2   HD2    sing N N 68  
ASP OXT   HXT    sing N N 69  
GLN N     CA     sing N N 70  
GLN N     H      sing N N 71  
GLN N     H2     sing N N 72  
GLN CA    C      sing N N 73  
GLN CA    CB     sing N N 74  
GLN CA    HA     sing N N 75  
GLN C     O      doub N N 76  
GLN C     OXT    sing N N 77  
GLN CB    CG     sing N N 78  
GLN CB    HB2    sing N N 79  
GLN CB    HB3    sing N N 80  
GLN CG    CD     sing N N 81  
GLN CG    HG2    sing N N 82  
GLN CG    HG3    sing N N 83  
GLN CD    OE1    doub N N 84  
GLN CD    NE2    sing N N 85  
GLN NE2   HE21   sing N N 86  
GLN NE2   HE22   sing N N 87  
GLN OXT   HXT    sing N N 88  
GLU N     CA     sing N N 89  
GLU N     H      sing N N 90  
GLU N     H2     sing N N 91  
GLU CA    C      sing N N 92  
GLU CA    CB     sing N N 93  
GLU CA    HA     sing N N 94  
GLU C     O      doub N N 95  
GLU C     OXT    sing N N 96  
GLU CB    CG     sing N N 97  
GLU CB    HB2    sing N N 98  
GLU CB    HB3    sing N N 99  
GLU CG    CD     sing N N 100 
GLU CG    HG2    sing N N 101 
GLU CG    HG3    sing N N 102 
GLU CD    OE1    doub N N 103 
GLU CD    OE2    sing N N 104 
GLU OE2   HE2    sing N N 105 
GLU OXT   HXT    sing N N 106 
GLY N     CA     sing N N 107 
GLY N     H      sing N N 108 
GLY N     H2     sing N N 109 
GLY CA    C      sing N N 110 
GLY CA    HA2    sing N N 111 
GLY CA    HA3    sing N N 112 
GLY C     O      doub N N 113 
GLY C     OXT    sing N N 114 
GLY OXT   HXT    sing N N 115 
GNP PG    O1G    doub N N 116 
GNP PG    O2G    sing N N 117 
GNP PG    O3G    sing N N 118 
GNP PG    N3B    sing N N 119 
GNP O2G   HOG2   sing N N 120 
GNP O3G   HOG3   sing N N 121 
GNP N3B   PB     sing N N 122 
GNP N3B   HNB3   sing N N 123 
GNP PB    O1B    doub N N 124 
GNP PB    O2B    sing N N 125 
GNP PB    O3A    sing N N 126 
GNP O2B   HOB2   sing N N 127 
GNP O3A   PA     sing N N 128 
GNP PA    O1A    doub N N 129 
GNP PA    O2A    sing N N 130 
GNP PA    "O5'"  sing N N 131 
GNP O2A   HOA2   sing N N 132 
GNP "O5'" "C5'"  sing N N 133 
GNP "C5'" "C4'"  sing N N 134 
GNP "C5'" "H5'2" sing N N 135 
GNP "C5'" "H5'1" sing N N 136 
GNP "C4'" "O4'"  sing N N 137 
GNP "C4'" "C3'"  sing N N 138 
GNP "C4'" "H4'"  sing N N 139 
GNP "O4'" "C1'"  sing N N 140 
GNP "C3'" "O3'"  sing N N 141 
GNP "C3'" "C2'"  sing N N 142 
GNP "C3'" "H3'"  sing N N 143 
GNP "O3'" "HO3'" sing N N 144 
GNP "C2'" "O2'"  sing N N 145 
GNP "C2'" "C1'"  sing N N 146 
GNP "C2'" "H2'"  sing N N 147 
GNP "O2'" "HO2'" sing N N 148 
GNP "C1'" N9     sing N N 149 
GNP "C1'" "H1'"  sing N N 150 
GNP N9    C8     sing Y N 151 
GNP N9    C4     sing Y N 152 
GNP C8    N7     doub Y N 153 
GNP C8    H8     sing N N 154 
GNP N7    C5     sing Y N 155 
GNP C5    C6     sing Y N 156 
GNP C5    C4     doub Y N 157 
GNP C6    O6     doub N N 158 
GNP C6    N1     sing Y N 159 
GNP N1    C2     sing Y N 160 
GNP N1    HN1    sing N N 161 
GNP C2    N2     sing N N 162 
GNP C2    N3     doub Y N 163 
GNP N2    HN21   sing N N 164 
GNP N2    HN22   sing N N 165 
GNP N3    C4     sing Y N 166 
HIS N     CA     sing N N 167 
HIS N     H      sing N N 168 
HIS N     H2     sing N N 169 
HIS CA    C      sing N N 170 
HIS CA    CB     sing N N 171 
HIS CA    HA     sing N N 172 
HIS C     O      doub N N 173 
HIS C     OXT    sing N N 174 
HIS CB    CG     sing N N 175 
HIS CB    HB2    sing N N 176 
HIS CB    HB3    sing N N 177 
HIS CG    ND1    sing Y N 178 
HIS CG    CD2    doub Y N 179 
HIS ND1   CE1    doub Y N 180 
HIS ND1   HD1    sing N N 181 
HIS CD2   NE2    sing Y N 182 
HIS CD2   HD2    sing N N 183 
HIS CE1   NE2    sing Y N 184 
HIS CE1   HE1    sing N N 185 
HIS NE2   HE2    sing N N 186 
HIS OXT   HXT    sing N N 187 
HOH O     H1     sing N N 188 
HOH O     H2     sing N N 189 
ILE N     CA     sing N N 190 
ILE N     H      sing N N 191 
ILE N     H2     sing N N 192 
ILE CA    C      sing N N 193 
ILE CA    CB     sing N N 194 
ILE CA    HA     sing N N 195 
ILE C     O      doub N N 196 
ILE C     OXT    sing N N 197 
ILE CB    CG1    sing N N 198 
ILE CB    CG2    sing N N 199 
ILE CB    HB     sing N N 200 
ILE CG1   CD1    sing N N 201 
ILE CG1   HG12   sing N N 202 
ILE CG1   HG13   sing N N 203 
ILE CG2   HG21   sing N N 204 
ILE CG2   HG22   sing N N 205 
ILE CG2   HG23   sing N N 206 
ILE CD1   HD11   sing N N 207 
ILE CD1   HD12   sing N N 208 
ILE CD1   HD13   sing N N 209 
ILE OXT   HXT    sing N N 210 
LEU N     CA     sing N N 211 
LEU N     H      sing N N 212 
LEU N     H2     sing N N 213 
LEU CA    C      sing N N 214 
LEU CA    CB     sing N N 215 
LEU CA    HA     sing N N 216 
LEU C     O      doub N N 217 
LEU C     OXT    sing N N 218 
LEU CB    CG     sing N N 219 
LEU CB    HB2    sing N N 220 
LEU CB    HB3    sing N N 221 
LEU CG    CD1    sing N N 222 
LEU CG    CD2    sing N N 223 
LEU CG    HG     sing N N 224 
LEU CD1   HD11   sing N N 225 
LEU CD1   HD12   sing N N 226 
LEU CD1   HD13   sing N N 227 
LEU CD2   HD21   sing N N 228 
LEU CD2   HD22   sing N N 229 
LEU CD2   HD23   sing N N 230 
LEU OXT   HXT    sing N N 231 
LYS N     CA     sing N N 232 
LYS N     H      sing N N 233 
LYS N     H2     sing N N 234 
LYS CA    C      sing N N 235 
LYS CA    CB     sing N N 236 
LYS CA    HA     sing N N 237 
LYS C     O      doub N N 238 
LYS C     OXT    sing N N 239 
LYS CB    CG     sing N N 240 
LYS CB    HB2    sing N N 241 
LYS CB    HB3    sing N N 242 
LYS CG    CD     sing N N 243 
LYS CG    HG2    sing N N 244 
LYS CG    HG3    sing N N 245 
LYS CD    CE     sing N N 246 
LYS CD    HD2    sing N N 247 
LYS CD    HD3    sing N N 248 
LYS CE    NZ     sing N N 249 
LYS CE    HE2    sing N N 250 
LYS CE    HE3    sing N N 251 
LYS NZ    HZ1    sing N N 252 
LYS NZ    HZ2    sing N N 253 
LYS NZ    HZ3    sing N N 254 
LYS OXT   HXT    sing N N 255 
MET N     CA     sing N N 256 
MET N     H      sing N N 257 
MET N     H2     sing N N 258 
MET CA    C      sing N N 259 
MET CA    CB     sing N N 260 
MET CA    HA     sing N N 261 
MET C     O      doub N N 262 
MET C     OXT    sing N N 263 
MET CB    CG     sing N N 264 
MET CB    HB2    sing N N 265 
MET CB    HB3    sing N N 266 
MET CG    SD     sing N N 267 
MET CG    HG2    sing N N 268 
MET CG    HG3    sing N N 269 
MET SD    CE     sing N N 270 
MET CE    HE1    sing N N 271 
MET CE    HE2    sing N N 272 
MET CE    HE3    sing N N 273 
MET OXT   HXT    sing N N 274 
PHE N     CA     sing N N 275 
PHE N     H      sing N N 276 
PHE N     H2     sing N N 277 
PHE CA    C      sing N N 278 
PHE CA    CB     sing N N 279 
PHE CA    HA     sing N N 280 
PHE C     O      doub N N 281 
PHE C     OXT    sing N N 282 
PHE CB    CG     sing N N 283 
PHE CB    HB2    sing N N 284 
PHE CB    HB3    sing N N 285 
PHE CG    CD1    doub Y N 286 
PHE CG    CD2    sing Y N 287 
PHE CD1   CE1    sing Y N 288 
PHE CD1   HD1    sing N N 289 
PHE CD2   CE2    doub Y N 290 
PHE CD2   HD2    sing N N 291 
PHE CE1   CZ     doub Y N 292 
PHE CE1   HE1    sing N N 293 
PHE CE2   CZ     sing Y N 294 
PHE CE2   HE2    sing N N 295 
PHE CZ    HZ     sing N N 296 
PHE OXT   HXT    sing N N 297 
PRO N     CA     sing N N 298 
PRO N     CD     sing N N 299 
PRO N     H      sing N N 300 
PRO CA    C      sing N N 301 
PRO CA    CB     sing N N 302 
PRO CA    HA     sing N N 303 
PRO C     O      doub N N 304 
PRO C     OXT    sing N N 305 
PRO CB    CG     sing N N 306 
PRO CB    HB2    sing N N 307 
PRO CB    HB3    sing N N 308 
PRO CG    CD     sing N N 309 
PRO CG    HG2    sing N N 310 
PRO CG    HG3    sing N N 311 
PRO CD    HD2    sing N N 312 
PRO CD    HD3    sing N N 313 
PRO OXT   HXT    sing N N 314 
SER N     CA     sing N N 315 
SER N     H      sing N N 316 
SER N     H2     sing N N 317 
SER CA    C      sing N N 318 
SER CA    CB     sing N N 319 
SER CA    HA     sing N N 320 
SER C     O      doub N N 321 
SER C     OXT    sing N N 322 
SER CB    OG     sing N N 323 
SER CB    HB2    sing N N 324 
SER CB    HB3    sing N N 325 
SER OG    HG     sing N N 326 
SER OXT   HXT    sing N N 327 
THR N     CA     sing N N 328 
THR N     H      sing N N 329 
THR N     H2     sing N N 330 
THR CA    C      sing N N 331 
THR CA    CB     sing N N 332 
THR CA    HA     sing N N 333 
THR C     O      doub N N 334 
THR C     OXT    sing N N 335 
THR CB    OG1    sing N N 336 
THR CB    CG2    sing N N 337 
THR CB    HB     sing N N 338 
THR OG1   HG1    sing N N 339 
THR CG2   HG21   sing N N 340 
THR CG2   HG22   sing N N 341 
THR CG2   HG23   sing N N 342 
THR OXT   HXT    sing N N 343 
TRP N     CA     sing N N 344 
TRP N     H      sing N N 345 
TRP N     H2     sing N N 346 
TRP CA    C      sing N N 347 
TRP CA    CB     sing N N 348 
TRP CA    HA     sing N N 349 
TRP C     O      doub N N 350 
TRP C     OXT    sing N N 351 
TRP CB    CG     sing N N 352 
TRP CB    HB2    sing N N 353 
TRP CB    HB3    sing N N 354 
TRP CG    CD1    doub Y N 355 
TRP CG    CD2    sing Y N 356 
TRP CD1   NE1    sing Y N 357 
TRP CD1   HD1    sing N N 358 
TRP CD2   CE2    doub Y N 359 
TRP CD2   CE3    sing Y N 360 
TRP NE1   CE2    sing Y N 361 
TRP NE1   HE1    sing N N 362 
TRP CE2   CZ2    sing Y N 363 
TRP CE3   CZ3    doub Y N 364 
TRP CE3   HE3    sing N N 365 
TRP CZ2   CH2    doub Y N 366 
TRP CZ2   HZ2    sing N N 367 
TRP CZ3   CH2    sing Y N 368 
TRP CZ3   HZ3    sing N N 369 
TRP CH2   HH2    sing N N 370 
TRP OXT   HXT    sing N N 371 
TYR N     CA     sing N N 372 
TYR N     H      sing N N 373 
TYR N     H2     sing N N 374 
TYR CA    C      sing N N 375 
TYR CA    CB     sing N N 376 
TYR CA    HA     sing N N 377 
TYR C     O      doub N N 378 
TYR C     OXT    sing N N 379 
TYR CB    CG     sing N N 380 
TYR CB    HB2    sing N N 381 
TYR CB    HB3    sing N N 382 
TYR CG    CD1    doub Y N 383 
TYR CG    CD2    sing Y N 384 
TYR CD1   CE1    sing Y N 385 
TYR CD1   HD1    sing N N 386 
TYR CD2   CE2    doub Y N 387 
TYR CD2   HD2    sing N N 388 
TYR CE1   CZ     doub Y N 389 
TYR CE1   HE1    sing N N 390 
TYR CE2   CZ     sing Y N 391 
TYR CE2   HE2    sing N N 392 
TYR CZ    OH     sing N N 393 
TYR OH    HH     sing N N 394 
TYR OXT   HXT    sing N N 395 
VAL N     CA     sing N N 396 
VAL N     H      sing N N 397 
VAL N     H2     sing N N 398 
VAL CA    C      sing N N 399 
VAL CA    CB     sing N N 400 
VAL CA    HA     sing N N 401 
VAL C     O      doub N N 402 
VAL C     OXT    sing N N 403 
VAL CB    CG1    sing N N 404 
VAL CB    CG2    sing N N 405 
VAL CB    HB     sing N N 406 
VAL CG1   HG11   sing N N 407 
VAL CG1   HG12   sing N N 408 
VAL CG1   HG13   sing N N 409 
VAL CG2   HG21   sing N N 410 
VAL CG2   HG22   sing N N 411 
VAL CG2   HG23   sing N N 412 
VAL OXT   HXT    sing N N 413 
# 
loop_
_pdbx_entity_nonpoly.entity_id 
_pdbx_entity_nonpoly.name 
_pdbx_entity_nonpoly.comp_id 
2 'PHOSPHOAMINOPHOSPHONIC ACID-GUANYLATE ESTER' GNP 
3 'MAGNESIUM ION'                               MG  
4 water                                         HOH 
# 
_pdbx_initial_refinement_model.id               1 
_pdbx_initial_refinement_model.entity_id_list   ? 
_pdbx_initial_refinement_model.type             'experimental model' 
_pdbx_initial_refinement_model.source_name      PDB 
_pdbx_initial_refinement_model.accession_code   3KKQ 
_pdbx_initial_refinement_model.details          'PDB ENTRY 3KKQ' 
# 
